data_4XC7
#
_entry.id   4XC7
#
_cell.length_a   318.180
_cell.length_b   318.180
_cell.length_c   344.710
_cell.angle_alpha   90.00
_cell.angle_beta   90.00
_cell.angle_gamma   120.00
#
_symmetry.space_group_name_H-M   'H 3 2'
#
loop_
_entity.id
_entity.type
_entity.pdbx_description
1 polymer 'Isobutyryl-CoA mutase fused'
2 non-polymer 'Butyryl Coenzyme A'
3 non-polymer 'L(+)-TARTARIC ACID'
#
_entity_poly.entity_id   1
_entity_poly.type   'polypeptide(L)'
_entity_poly.pdbx_seq_one_letter_code
;MGSSHHHHHHSSGLVPRGSHMTDLSDVSRTAAAKPPAVPGRGPANKVRFVTAASLFDGHDASINIMRRILQSQGCEVIHL
GHNRSVQEVVTAALQEDVQGIAISSYQGGHVEYFKYMIDLLREHGGEHIQVFGGGGGVIVPDEIRELQAYGVARIYSPED
GQRMGLAGMITDMAQRCDIDLTRYAPTTLDTVVAGDRRALAQLITALENGKADPELVSALHAQAKAAAVPVLGITGTGGA
GKSSLTDELIRRFRLDQDDALSIAVISIDPSRRKSGGALLGDRIRMNAINHPNIFMRSLATREAGSEISQALPDVIAACK
AARFDLVIVETSGIGQGDAAIVPHVDLSLYVMTPEFGAASQLEKIDMLDFADFVAINKFDRKGAQDAWRDVAKQVQRNRE
QWHSRAEDMPVYGTQASRFNDDGVTMLYQGLVGALGARGMSLKPGTLPNLEGRISTGQNVIVPPARSRYLAELADTVRAY
HRRVVAQSKLARERQQLRAAHDMLQGAGHESAALETLASERDVSLGAVERKLLAMWPQMQQAYSGDEYVVKIRDKEIRTG
LISTTLSGTKIRKVVLPRFEDEGEILKWLMRENVPGSFPYTAGVFAFKREGEDPTRMFAGEGDAFRTNRRFKLVSEGMEA
KRLSTAFDSVTLYGEDPHERPDIYGKVGNSGVSIATLEDMKVLYDGFDLTNPSTSVSMTINGPAPTILAMFMNTAIDQQI
DRFRADNGRDPTADEEAKIRAWVLQNVRGTVQADILKEDQGQNTCIFSTEFSLKVMGDIQEYFVHHQVRNFYSVSISGYH
IAEAGANPISQLAFTLANGFTYVEAYLARGMHIDDFAPNLSFFFSNGMDPEYSVLGRVARRIWAVTMRDKYGANDRSQKL
KYHIQTSGRSLHAQEIDFNDIRTTLQALIAIYDNCNSLHTNAYDEAITTPTAESVRRALAIQLIINREWGVAKCENPNQG
SFLIEELTDLVEEAVLQEFERIAERGGVLGAMETGYQRGKIQEESLYYEQLKHDGTLPIIGVNTFRNPNGDPTPQTLELA
RSSEDEKQSQLHRLTEFHGAHQADAEAMLARLRQAVIDNRNVFAVLMDAVRVCSLGQITHALFEVGGQYRRNM
;
_entity_poly.pdbx_strand_id   A,B
#
loop_
_chem_comp.id
_chem_comp.type
_chem_comp.name
_chem_comp.formula
BCO non-polymer 'Butyryl Coenzyme A' 'C25 H42 N7 O17 P3 S'
TLA non-polymer 'L(+)-TARTARIC ACID' 'C4 H6 O6'
#
# COMPACT_ATOMS: atom_id res chain seq x y z
N GLY A 42 -24.35 -6.00 47.30
CA GLY A 42 -24.47 -7.40 47.65
C GLY A 42 -25.91 -7.87 47.70
N PRO A 43 -26.20 -9.04 47.09
CA PRO A 43 -27.55 -9.62 47.06
C PRO A 43 -28.00 -10.16 48.40
N ALA A 44 -29.22 -10.68 48.46
CA ALA A 44 -29.78 -11.19 49.70
C ALA A 44 -29.05 -12.44 50.18
N ASN A 45 -29.26 -13.55 49.47
CA ASN A 45 -28.59 -14.80 49.80
C ASN A 45 -27.12 -14.77 49.42
N LYS A 46 -26.41 -15.84 49.74
CA LYS A 46 -25.04 -16.01 49.28
C LYS A 46 -25.07 -16.58 47.87
N VAL A 47 -24.90 -15.73 46.86
CA VAL A 47 -24.98 -16.20 45.49
C VAL A 47 -23.66 -16.83 45.03
N ARG A 48 -23.72 -18.14 44.77
CA ARG A 48 -22.54 -18.87 44.32
C ARG A 48 -22.60 -19.19 42.83
N PHE A 49 -21.47 -19.06 42.16
CA PHE A 49 -21.38 -19.30 40.72
C PHE A 49 -20.29 -20.30 40.39
N VAL A 50 -20.47 -21.02 39.30
CA VAL A 50 -19.39 -21.81 38.71
C VAL A 50 -19.12 -21.26 37.31
N THR A 51 -17.94 -20.70 37.11
CA THR A 51 -17.58 -20.13 35.82
C THR A 51 -16.51 -20.98 35.12
N ALA A 52 -16.62 -21.09 33.81
CA ALA A 52 -15.67 -21.87 33.03
C ALA A 52 -15.78 -21.55 31.54
N ALA A 53 -14.74 -21.90 30.80
CA ALA A 53 -14.79 -21.86 29.34
C ALA A 53 -15.11 -23.26 28.83
N SER A 54 -15.83 -23.34 27.71
CA SER A 54 -16.27 -24.63 27.18
C SER A 54 -15.08 -25.54 26.80
N LEU A 55 -15.39 -26.78 26.45
CA LEU A 55 -14.35 -27.76 26.14
C LEU A 55 -13.52 -27.33 24.94
N PHE A 56 -12.20 -27.54 25.04
CA PHE A 56 -11.25 -27.22 23.97
C PHE A 56 -11.21 -25.73 23.65
N ASP A 57 -11.83 -24.92 24.50
CA ASP A 57 -11.86 -23.48 24.29
C ASP A 57 -10.76 -22.79 25.11
N GLY A 58 -9.81 -22.18 24.42
CA GLY A 58 -8.69 -21.52 25.06
C GLY A 58 -8.92 -20.04 25.30
N HIS A 59 -9.96 -19.50 24.69
CA HIS A 59 -10.29 -18.08 24.84
C HIS A 59 -10.83 -17.78 26.24
N ASP A 60 -9.96 -17.88 27.23
CA ASP A 60 -10.35 -17.64 28.62
C ASP A 60 -9.98 -16.21 29.04
N ALA A 61 -10.15 -15.27 28.11
CA ALA A 61 -9.84 -13.87 28.38
C ALA A 61 -11.10 -13.13 28.86
N SER A 62 -12.24 -13.54 28.34
CA SER A 62 -13.50 -12.88 28.65
C SER A 62 -14.13 -13.41 29.94
N ILE A 63 -14.04 -14.71 30.16
CA ILE A 63 -14.64 -15.33 31.33
C ILE A 63 -13.91 -14.92 32.61
N ASN A 64 -12.65 -14.51 32.48
CA ASN A 64 -11.89 -14.02 33.61
C ASN A 64 -12.25 -12.58 33.97
N ILE A 65 -13.00 -11.94 33.08
CA ILE A 65 -13.51 -10.60 33.36
C ILE A 65 -14.87 -10.69 34.05
N MET A 66 -15.66 -11.67 33.64
CA MET A 66 -16.99 -11.88 34.21
C MET A 66 -16.92 -12.32 35.67
N ARG A 67 -15.91 -13.12 35.99
CA ARG A 67 -15.77 -13.64 37.36
C ARG A 67 -15.23 -12.57 38.30
N ARG A 68 -14.74 -11.47 37.72
CA ARG A 68 -14.29 -10.33 38.52
C ARG A 68 -15.48 -9.48 38.91
N ILE A 69 -16.35 -9.21 37.94
CA ILE A 69 -17.54 -8.39 38.17
C ILE A 69 -18.49 -9.12 39.12
N LEU A 70 -18.63 -10.43 38.93
CA LEU A 70 -19.43 -11.26 39.83
C LEU A 70 -18.88 -11.18 41.25
N GLN A 71 -17.56 -11.28 41.35
CA GLN A 71 -16.88 -11.24 42.64
C GLN A 71 -17.09 -9.89 43.32
N SER A 72 -17.02 -8.82 42.54
CA SER A 72 -17.14 -7.47 43.09
C SER A 72 -18.57 -7.15 43.52
N GLN A 73 -19.53 -7.88 42.98
CA GLN A 73 -20.94 -7.63 43.30
C GLN A 73 -21.41 -8.50 44.46
N GLY A 74 -20.49 -9.24 45.06
CA GLY A 74 -20.80 -10.02 46.25
C GLY A 74 -21.11 -11.49 46.00
N CYS A 75 -20.56 -12.04 44.93
CA CYS A 75 -20.79 -13.44 44.62
C CYS A 75 -19.57 -14.31 44.92
N GLU A 76 -19.81 -15.47 45.49
CA GLU A 76 -18.76 -16.46 45.67
C GLU A 76 -18.60 -17.24 44.38
N VAL A 77 -17.47 -17.04 43.70
CA VAL A 77 -17.25 -17.67 42.41
C VAL A 77 -16.26 -18.83 42.47
N ILE A 78 -16.75 -20.02 42.16
CA ILE A 78 -15.87 -21.17 42.00
C ILE A 78 -15.42 -21.23 40.55
N HIS A 79 -14.30 -20.58 40.26
CA HIS A 79 -13.77 -20.50 38.91
C HIS A 79 -13.09 -21.80 38.50
N LEU A 80 -13.43 -22.31 37.32
CA LEU A 80 -12.91 -23.59 36.85
C LEU A 80 -11.89 -23.43 35.73
N GLY A 81 -11.76 -22.21 35.22
CA GLY A 81 -10.81 -21.93 34.17
C GLY A 81 -11.29 -22.33 32.79
N HIS A 82 -10.37 -22.72 31.93
CA HIS A 82 -10.67 -23.03 30.54
C HIS A 82 -10.70 -24.54 30.27
N ASN A 83 -11.08 -24.90 29.05
CA ASN A 83 -11.07 -26.29 28.59
C ASN A 83 -11.83 -27.23 29.54
N ARG A 84 -13.07 -26.87 29.84
CA ARG A 84 -13.87 -27.67 30.77
C ARG A 84 -15.00 -28.39 30.04
N SER A 85 -15.05 -29.71 30.20
CA SER A 85 -16.14 -30.50 29.66
C SER A 85 -17.41 -30.23 30.44
N VAL A 86 -18.56 -30.57 29.85
CA VAL A 86 -19.84 -30.43 30.53
C VAL A 86 -19.86 -31.28 31.80
N GLN A 87 -19.38 -32.51 31.67
CA GLN A 87 -19.34 -33.45 32.78
C GLN A 87 -18.55 -32.91 33.97
N GLU A 88 -17.55 -32.07 33.68
CA GLU A 88 -16.75 -31.43 34.72
C GLU A 88 -17.53 -30.28 35.38
N VAL A 89 -17.97 -29.34 34.55
CA VAL A 89 -18.71 -28.16 35.03
C VAL A 89 -19.92 -28.55 35.86
N VAL A 90 -20.69 -29.52 35.39
CA VAL A 90 -21.90 -29.96 36.09
C VAL A 90 -21.56 -30.59 37.44
N THR A 91 -20.53 -31.44 37.46
CA THR A 91 -20.08 -32.07 38.69
C THR A 91 -19.66 -31.01 39.71
N ALA A 92 -18.98 -29.97 39.23
CA ALA A 92 -18.56 -28.88 40.09
C ALA A 92 -19.77 -28.14 40.64
N ALA A 93 -20.70 -27.77 39.75
CA ALA A 93 -21.89 -27.04 40.13
C ALA A 93 -22.72 -27.80 41.16
N LEU A 94 -22.83 -29.11 40.98
CA LEU A 94 -23.64 -29.94 41.86
C LEU A 94 -23.01 -30.10 43.23
N GLN A 95 -21.69 -30.26 43.28
CA GLN A 95 -20.99 -30.43 44.54
C GLN A 95 -20.93 -29.12 45.32
N GLU A 96 -20.66 -28.02 44.62
CA GLU A 96 -20.60 -26.70 45.24
C GLU A 96 -21.99 -26.21 45.60
N ASP A 97 -23.00 -26.75 44.92
CA ASP A 97 -24.40 -26.33 45.06
C ASP A 97 -24.56 -24.84 44.79
N VAL A 98 -24.38 -24.45 43.53
CA VAL A 98 -24.47 -23.06 43.12
C VAL A 98 -25.86 -22.71 42.61
N GLN A 99 -26.12 -21.43 42.43
CA GLN A 99 -27.37 -20.96 41.86
C GLN A 99 -27.25 -20.75 40.36
N GLY A 100 -26.01 -20.57 39.90
CA GLY A 100 -25.78 -20.23 38.49
C GLY A 100 -24.48 -20.72 37.91
N ILE A 101 -24.49 -20.93 36.59
CA ILE A 101 -23.32 -21.36 35.85
C ILE A 101 -23.08 -20.42 34.67
N ALA A 102 -21.87 -19.91 34.54
CA ALA A 102 -21.53 -19.03 33.42
C ALA A 102 -20.47 -19.67 32.53
N ILE A 103 -20.84 -19.93 31.28
CA ILE A 103 -19.96 -20.62 30.33
C ILE A 103 -19.67 -19.76 29.11
N SER A 104 -18.39 -19.56 28.80
CA SER A 104 -18.02 -18.84 27.59
C SER A 104 -17.62 -19.83 26.50
N SER A 105 -18.08 -19.59 25.27
CA SER A 105 -17.78 -20.47 24.15
C SER A 105 -17.44 -19.68 22.89
N TYR A 106 -16.17 -19.72 22.49
CA TYR A 106 -15.69 -18.96 21.35
C TYR A 106 -15.09 -19.85 20.27
N GLN A 107 -15.27 -21.16 20.42
CA GLN A 107 -14.73 -22.11 19.45
C GLN A 107 -15.85 -22.77 18.65
N GLY A 108 -17.08 -22.36 18.92
CA GLY A 108 -18.23 -22.96 18.26
C GLY A 108 -18.71 -24.20 18.98
N GLY A 109 -19.65 -24.92 18.37
CA GLY A 109 -20.20 -26.12 18.96
C GLY A 109 -20.93 -25.87 20.26
N HIS A 110 -21.40 -24.63 20.43
CA HIS A 110 -22.00 -24.18 21.67
C HIS A 110 -23.40 -24.74 21.87
N VAL A 111 -24.12 -24.96 20.78
CA VAL A 111 -25.49 -25.45 20.86
C VAL A 111 -25.55 -26.84 21.49
N GLU A 112 -24.77 -27.76 20.95
CA GLU A 112 -24.70 -29.13 21.46
C GLU A 112 -24.17 -29.14 22.89
N TYR A 113 -23.28 -28.20 23.18
CA TYR A 113 -22.64 -28.09 24.49
C TYR A 113 -23.66 -27.76 25.58
N PHE A 114 -24.40 -26.67 25.38
CA PHE A 114 -25.38 -26.23 26.37
C PHE A 114 -26.54 -27.22 26.51
N LYS A 115 -26.97 -27.78 25.39
CA LYS A 115 -28.02 -28.81 25.41
C LYS A 115 -27.59 -29.98 26.29
N TYR A 116 -26.33 -30.37 26.17
CA TYR A 116 -25.77 -31.44 26.99
C TYR A 116 -25.81 -31.05 28.47
N MET A 117 -25.39 -29.83 28.76
CA MET A 117 -25.32 -29.36 30.14
C MET A 117 -26.71 -29.27 30.76
N ILE A 118 -27.66 -28.73 30.00
CA ILE A 118 -29.05 -28.63 30.47
C ILE A 118 -29.61 -30.02 30.75
N ASP A 119 -29.32 -30.96 29.85
CA ASP A 119 -29.76 -32.34 30.00
C ASP A 119 -29.14 -33.00 31.23
N LEU A 120 -27.83 -32.86 31.35
CA LEU A 120 -27.09 -33.52 32.41
C LEU A 120 -27.44 -32.94 33.78
N LEU A 121 -27.84 -31.67 33.80
CA LEU A 121 -28.22 -31.01 35.04
C LEU A 121 -29.58 -31.49 35.53
N ARG A 122 -30.49 -31.74 34.59
CA ARG A 122 -31.82 -32.22 34.95
C ARG A 122 -31.76 -33.66 35.45
N GLU A 123 -30.87 -34.45 34.86
CA GLU A 123 -30.76 -35.86 35.20
C GLU A 123 -30.23 -36.07 36.61
N HIS A 124 -29.28 -35.24 37.03
CA HIS A 124 -28.64 -35.43 38.32
C HIS A 124 -29.01 -34.35 39.34
N GLY A 125 -30.27 -33.94 39.33
CA GLY A 125 -30.81 -33.03 40.34
C GLY A 125 -30.14 -31.67 40.41
N GLY A 126 -30.23 -30.92 39.32
CA GLY A 126 -29.63 -29.59 39.27
C GLY A 126 -30.35 -28.72 38.27
N GLU A 127 -31.65 -28.97 38.10
CA GLU A 127 -32.45 -28.23 37.14
C GLU A 127 -32.73 -26.81 37.61
N HIS A 128 -32.58 -26.58 38.90
CA HIS A 128 -32.82 -25.26 39.48
C HIS A 128 -31.60 -24.37 39.33
N ILE A 129 -30.49 -24.97 38.91
CA ILE A 129 -29.28 -24.23 38.62
C ILE A 129 -29.40 -23.57 37.25
N GLN A 130 -29.15 -22.26 37.19
CA GLN A 130 -29.37 -21.51 35.96
C GLN A 130 -28.10 -21.37 35.13
N VAL A 131 -28.17 -21.78 33.88
CA VAL A 131 -27.03 -21.74 32.98
C VAL A 131 -27.04 -20.49 32.10
N PHE A 132 -25.90 -19.80 32.02
CA PHE A 132 -25.81 -18.57 31.25
C PHE A 132 -24.76 -18.66 30.15
N GLY A 133 -25.07 -18.02 29.02
CA GLY A 133 -24.19 -18.04 27.86
C GLY A 133 -23.31 -16.81 27.80
N GLY A 134 -22.12 -16.96 27.24
CA GLY A 134 -21.14 -15.89 27.19
C GLY A 134 -21.50 -14.76 26.26
N GLY A 135 -20.64 -13.74 26.20
CA GLY A 135 -20.89 -12.58 25.38
C GLY A 135 -20.38 -12.76 23.96
N GLY A 136 -20.03 -13.98 23.61
CA GLY A 136 -19.53 -14.30 22.29
C GLY A 136 -20.53 -13.96 21.19
N GLY A 137 -20.05 -13.26 20.16
CA GLY A 137 -20.89 -12.88 19.05
C GLY A 137 -21.00 -13.98 18.00
N VAL A 138 -20.58 -15.18 18.39
CA VAL A 138 -20.64 -16.33 17.50
C VAL A 138 -22.07 -16.85 17.40
N ILE A 139 -22.81 -16.76 18.51
CA ILE A 139 -24.15 -17.33 18.59
C ILE A 139 -25.20 -16.42 17.95
N VAL A 140 -25.67 -16.82 16.78
CA VAL A 140 -26.73 -16.10 16.08
C VAL A 140 -28.04 -16.20 16.86
N PRO A 141 -28.93 -15.21 16.67
CA PRO A 141 -30.24 -15.14 17.33
C PRO A 141 -31.06 -16.43 17.28
N ASP A 142 -31.07 -17.12 16.14
CA ASP A 142 -31.82 -18.36 16.01
C ASP A 142 -31.31 -19.45 16.95
N GLU A 143 -30.06 -19.34 17.35
CA GLU A 143 -29.46 -20.28 18.27
C GLU A 143 -29.67 -19.84 19.71
N ILE A 144 -29.70 -18.53 19.93
CA ILE A 144 -30.00 -18.00 21.25
C ILE A 144 -31.42 -18.35 21.65
N ARG A 145 -32.36 -18.14 20.73
CA ARG A 145 -33.76 -18.45 20.98
C ARG A 145 -33.97 -19.95 21.18
N GLU A 146 -33.19 -20.75 20.46
CA GLU A 146 -33.31 -22.19 20.55
C GLU A 146 -32.86 -22.70 21.91
N LEU A 147 -31.68 -22.26 22.33
CA LEU A 147 -31.10 -22.73 23.59
C LEU A 147 -31.88 -22.23 24.81
N GLN A 148 -32.34 -20.98 24.75
CA GLN A 148 -33.15 -20.43 25.84
C GLN A 148 -34.45 -21.21 25.97
N ALA A 149 -34.96 -21.70 24.85
CA ALA A 149 -36.17 -22.50 24.85
C ALA A 149 -35.88 -23.90 25.37
N TYR A 150 -34.64 -24.33 25.23
CA TYR A 150 -34.24 -25.67 25.66
C TYR A 150 -34.21 -25.78 27.18
N GLY A 151 -33.60 -24.80 27.83
CA GLY A 151 -33.49 -24.80 29.27
C GLY A 151 -32.46 -23.80 29.80
N VAL A 152 -31.64 -23.27 28.89
CA VAL A 152 -30.66 -22.26 29.25
C VAL A 152 -31.36 -21.00 29.75
N ALA A 153 -30.91 -20.50 30.90
CA ALA A 153 -31.51 -19.31 31.50
C ALA A 153 -31.46 -18.12 30.55
N ARG A 154 -30.25 -17.67 30.23
CA ARG A 154 -30.07 -16.56 29.30
C ARG A 154 -28.82 -16.74 28.47
N ILE A 155 -28.87 -16.31 27.23
CA ILE A 155 -27.67 -16.18 26.42
C ILE A 155 -27.57 -14.76 25.90
N TYR A 156 -26.57 -14.04 26.38
CA TYR A 156 -26.47 -12.62 26.13
C TYR A 156 -25.89 -12.30 24.75
N SER A 157 -26.73 -11.71 23.91
CA SER A 157 -26.33 -11.27 22.59
C SER A 157 -25.42 -10.05 22.68
N PRO A 158 -24.51 -9.88 21.69
CA PRO A 158 -23.69 -8.66 21.63
C PRO A 158 -24.55 -7.39 21.59
N GLU A 159 -25.79 -7.53 21.16
CA GLU A 159 -26.75 -6.44 21.23
C GLU A 159 -27.05 -6.09 22.69
N ASP A 160 -27.14 -7.13 23.53
CA ASP A 160 -27.38 -6.94 24.95
C ASP A 160 -26.15 -6.33 25.62
N GLY A 161 -24.97 -6.63 25.07
CA GLY A 161 -23.73 -6.11 25.60
C GLY A 161 -23.62 -4.60 25.47
N GLN A 162 -23.97 -4.09 24.29
CA GLN A 162 -23.90 -2.66 24.03
C GLN A 162 -24.98 -1.90 24.80
N ARG A 163 -26.14 -2.52 24.96
CA ARG A 163 -27.28 -1.86 25.60
C ARG A 163 -27.18 -1.87 27.13
N MET A 164 -26.93 -3.05 27.69
CA MET A 164 -26.87 -3.20 29.14
C MET A 164 -25.52 -2.78 29.71
N GLY A 165 -24.46 -3.03 28.95
CA GLY A 165 -23.11 -2.84 29.43
C GLY A 165 -22.60 -4.14 30.03
N LEU A 166 -21.29 -4.30 30.08
CA LEU A 166 -20.68 -5.52 30.59
C LEU A 166 -21.06 -5.74 32.04
N ALA A 167 -21.06 -4.67 32.82
CA ALA A 167 -21.47 -4.73 34.22
C ALA A 167 -22.97 -4.96 34.31
N GLY A 168 -23.70 -4.52 33.30
CA GLY A 168 -25.14 -4.66 33.26
C GLY A 168 -25.58 -6.11 33.10
N MET A 169 -24.87 -6.84 32.25
CA MET A 169 -25.18 -8.25 32.03
C MET A 169 -24.91 -9.06 33.28
N ILE A 170 -23.81 -8.77 33.95
CA ILE A 170 -23.43 -9.48 35.17
C ILE A 170 -24.42 -9.19 36.30
N THR A 171 -24.87 -7.95 36.38
CA THR A 171 -25.84 -7.55 37.40
C THR A 171 -27.15 -8.31 37.20
N ASP A 172 -27.58 -8.40 35.94
CA ASP A 172 -28.80 -9.12 35.61
C ASP A 172 -28.67 -10.60 35.98
N MET A 173 -27.55 -11.20 35.61
CA MET A 173 -27.30 -12.60 35.85
C MET A 173 -27.22 -12.91 37.34
N ALA A 174 -26.65 -11.99 38.10
CA ALA A 174 -26.49 -12.18 39.55
C ALA A 174 -27.84 -12.09 40.27
N GLN A 175 -28.71 -11.21 39.79
CA GLN A 175 -30.02 -11.02 40.41
C GLN A 175 -30.94 -12.20 40.14
N ARG A 176 -30.79 -12.82 38.97
CA ARG A 176 -31.57 -14.00 38.64
C ARG A 176 -31.22 -15.16 39.54
N CYS A 177 -29.96 -15.24 39.95
CA CYS A 177 -29.47 -16.35 40.76
C CYS A 177 -29.55 -16.02 42.24
N ASP A 178 -30.20 -14.92 42.58
CA ASP A 178 -30.37 -14.54 43.98
C ASP A 178 -31.53 -15.30 44.61
N ILE A 179 -31.36 -16.62 44.73
CA ILE A 179 -32.39 -17.47 45.32
C ILE A 179 -31.83 -18.29 46.46
N ASP A 180 -32.67 -18.62 47.44
CA ASP A 180 -32.25 -19.42 48.58
C ASP A 180 -32.25 -20.91 48.25
N LEU A 181 -31.10 -21.55 48.40
CA LEU A 181 -30.98 -22.96 48.07
C LEU A 181 -31.11 -23.86 49.30
N THR A 182 -31.34 -23.24 50.45
CA THR A 182 -31.43 -24.01 51.70
C THR A 182 -32.76 -24.75 51.78
N ARG A 183 -33.73 -24.31 50.99
CA ARG A 183 -35.05 -24.97 50.96
C ARG A 183 -34.98 -26.31 50.26
N TYR A 184 -33.97 -26.48 49.40
CA TYR A 184 -33.77 -27.74 48.69
C TYR A 184 -32.99 -28.74 49.54
N ALA A 185 -32.47 -28.27 50.67
CA ALA A 185 -31.69 -29.12 51.55
C ALA A 185 -32.57 -30.15 52.25
N PRO A 186 -32.04 -31.37 52.44
CA PRO A 186 -32.77 -32.43 53.13
C PRO A 186 -33.02 -32.09 54.61
N THR A 187 -34.04 -32.71 55.19
CA THR A 187 -34.38 -32.49 56.59
C THR A 187 -34.06 -33.72 57.44
N THR A 188 -33.79 -34.84 56.77
CA THR A 188 -33.36 -36.06 57.44
C THR A 188 -32.01 -36.51 56.90
N LEU A 189 -31.20 -37.10 57.77
CA LEU A 189 -29.85 -37.53 57.39
C LEU A 189 -29.86 -38.81 56.57
N ASP A 190 -31.04 -39.40 56.42
CA ASP A 190 -31.20 -40.69 55.73
C ASP A 190 -30.59 -40.68 54.34
N THR A 191 -30.84 -39.61 53.59
CA THR A 191 -30.31 -39.47 52.24
C THR A 191 -28.78 -39.37 52.26
N VAL A 192 -28.26 -38.45 53.07
CA VAL A 192 -26.83 -38.17 53.13
C VAL A 192 -26.01 -39.38 53.58
N VAL A 193 -26.46 -40.04 54.63
CA VAL A 193 -25.78 -41.22 55.16
C VAL A 193 -25.78 -42.36 54.14
N ALA A 194 -26.86 -42.47 53.39
CA ALA A 194 -27.01 -43.51 52.38
C ALA A 194 -25.96 -43.40 51.28
N GLY A 195 -25.39 -42.21 51.12
CA GLY A 195 -24.34 -42.01 50.14
C GLY A 195 -24.68 -40.96 49.10
N ASP A 196 -25.87 -40.35 49.23
CA ASP A 196 -26.28 -39.31 48.31
C ASP A 196 -25.37 -38.10 48.47
N ARG A 197 -24.64 -37.79 47.41
CA ARG A 197 -23.66 -36.71 47.44
C ARG A 197 -24.30 -35.35 47.13
N ARG A 198 -25.34 -35.37 46.30
CA ARG A 198 -26.07 -34.14 45.98
C ARG A 198 -26.84 -33.66 47.21
N ALA A 199 -27.33 -34.60 47.99
CA ALA A 199 -28.02 -34.27 49.23
C ALA A 199 -27.03 -33.69 50.23
N LEU A 200 -25.83 -34.27 50.26
CA LEU A 200 -24.75 -33.77 51.10
C LEU A 200 -24.39 -32.35 50.72
N ALA A 201 -24.31 -32.09 49.41
CA ALA A 201 -23.95 -30.77 48.89
C ALA A 201 -24.97 -29.71 49.29
N GLN A 202 -26.24 -30.11 49.28
CA GLN A 202 -27.32 -29.20 49.65
C GLN A 202 -27.42 -29.04 51.17
N LEU A 203 -27.15 -30.12 51.89
CA LEU A 203 -27.15 -30.09 53.35
C LEU A 203 -26.10 -29.10 53.85
N ILE A 204 -24.95 -29.07 53.18
CA ILE A 204 -23.88 -28.16 53.54
C ILE A 204 -24.29 -26.71 53.31
N THR A 205 -24.99 -26.47 52.20
CA THR A 205 -25.48 -25.13 51.88
C THR A 205 -26.40 -24.63 53.00
N ALA A 206 -27.16 -25.55 53.59
CA ALA A 206 -28.01 -25.23 54.72
C ALA A 206 -27.17 -24.95 55.95
N LEU A 207 -26.22 -25.84 56.23
CA LEU A 207 -25.34 -25.72 57.40
C LEU A 207 -24.49 -24.45 57.35
N GLU A 208 -24.00 -24.12 56.15
CA GLU A 208 -23.17 -22.93 55.97
C GLU A 208 -23.96 -21.66 56.22
N ASN A 209 -25.26 -21.69 55.91
CA ASN A 209 -26.13 -20.53 56.07
C ASN A 209 -26.87 -20.53 57.41
N GLY A 210 -26.58 -21.54 58.23
CA GLY A 210 -27.19 -21.65 59.55
C GLY A 210 -28.70 -21.81 59.53
N LYS A 211 -29.22 -22.34 58.43
CA LYS A 211 -30.66 -22.52 58.28
C LYS A 211 -31.06 -23.98 58.48
N ALA A 212 -30.15 -24.77 59.04
CA ALA A 212 -30.44 -26.17 59.33
C ALA A 212 -31.07 -26.31 60.71
N ASP A 213 -31.93 -27.30 60.87
CA ASP A 213 -32.64 -27.51 62.15
C ASP A 213 -31.66 -27.89 63.25
N PRO A 214 -31.78 -27.23 64.42
CA PRO A 214 -30.89 -27.46 65.57
C PRO A 214 -30.85 -28.91 66.02
N GLU A 215 -31.99 -29.60 65.96
CA GLU A 215 -32.05 -31.01 66.34
C GLU A 215 -31.39 -31.89 65.28
N LEU A 216 -31.41 -31.40 64.03
CA LEU A 216 -30.78 -32.11 62.92
C LEU A 216 -29.26 -32.05 63.03
N VAL A 217 -28.76 -30.90 63.49
CA VAL A 217 -27.33 -30.67 63.64
C VAL A 217 -26.74 -31.56 64.72
N SER A 218 -27.40 -31.61 65.87
CA SER A 218 -26.94 -32.46 66.98
C SER A 218 -26.96 -33.92 66.59
N ALA A 219 -27.97 -34.31 65.81
CA ALA A 219 -28.08 -35.68 65.32
C ALA A 219 -27.00 -35.96 64.28
N LEU A 220 -26.52 -34.90 63.64
CA LEU A 220 -25.47 -35.01 62.62
C LEU A 220 -24.11 -35.27 63.27
N HIS A 221 -23.80 -34.49 64.29
CA HIS A 221 -22.54 -34.66 65.02
C HIS A 221 -22.52 -36.00 65.75
N ALA A 222 -23.69 -36.44 66.19
CA ALA A 222 -23.81 -37.75 66.85
C ALA A 222 -23.49 -38.86 65.87
N GLN A 223 -23.92 -38.69 64.63
CA GLN A 223 -23.63 -39.65 63.56
C GLN A 223 -22.14 -39.62 63.23
N ALA A 224 -21.56 -38.42 63.29
CA ALA A 224 -20.15 -38.23 62.94
C ALA A 224 -19.21 -38.80 64.00
N LYS A 225 -19.59 -38.67 65.26
CA LYS A 225 -18.79 -39.18 66.37
C LYS A 225 -18.69 -40.70 66.30
N ALA A 226 -19.79 -41.35 65.98
CA ALA A 226 -19.85 -42.81 65.90
C ALA A 226 -19.24 -43.30 64.58
N ALA A 227 -19.17 -42.41 63.60
CA ALA A 227 -18.61 -42.75 62.29
C ALA A 227 -17.12 -43.08 62.40
N ALA A 228 -16.42 -42.30 63.23
CA ALA A 228 -14.99 -42.48 63.47
C ALA A 228 -14.18 -42.49 62.17
N VAL A 229 -14.18 -41.36 61.47
CA VAL A 229 -13.43 -41.23 60.24
C VAL A 229 -12.35 -40.15 60.38
N PRO A 230 -11.14 -40.42 59.85
CA PRO A 230 -9.99 -39.54 59.98
C PRO A 230 -10.16 -38.22 59.24
N VAL A 231 -9.73 -37.12 59.85
CA VAL A 231 -9.79 -35.80 59.21
C VAL A 231 -8.40 -35.18 59.11
N LEU A 232 -7.85 -35.15 57.91
CA LEU A 232 -6.52 -34.58 57.68
C LEU A 232 -6.60 -33.09 57.35
N GLY A 233 -5.92 -32.27 58.15
CA GLY A 233 -5.85 -30.85 57.90
C GLY A 233 -4.55 -30.47 57.20
N ILE A 234 -4.66 -29.70 56.12
CA ILE A 234 -3.49 -29.28 55.36
C ILE A 234 -3.41 -27.76 55.29
N THR A 235 -2.57 -27.18 56.14
CA THR A 235 -2.39 -25.73 56.15
C THR A 235 -1.02 -25.36 55.61
N GLY A 236 -0.83 -24.09 55.26
CA GLY A 236 0.45 -23.64 54.76
C GLY A 236 0.51 -22.16 54.40
N THR A 237 1.73 -21.65 54.24
CA THR A 237 1.94 -20.26 53.84
C THR A 237 1.35 -20.02 52.45
N GLY A 238 1.08 -18.75 52.15
CA GLY A 238 0.49 -18.40 50.86
C GLY A 238 1.39 -18.75 49.70
N GLY A 239 0.79 -19.30 48.65
CA GLY A 239 1.51 -19.67 47.44
C GLY A 239 2.61 -20.70 47.67
N ALA A 240 2.30 -21.71 48.48
CA ALA A 240 3.28 -22.75 48.78
C ALA A 240 2.94 -24.06 48.07
N GLY A 241 1.85 -24.04 47.31
CA GLY A 241 1.40 -25.22 46.60
C GLY A 241 0.47 -26.07 47.44
N LYS A 242 -0.39 -25.40 48.20
CA LYS A 242 -1.36 -26.08 49.05
C LYS A 242 -2.24 -27.03 48.24
N SER A 243 -2.96 -26.46 47.27
CA SER A 243 -3.87 -27.24 46.45
C SER A 243 -3.13 -28.22 45.54
N SER A 244 -2.00 -27.79 45.00
CA SER A 244 -1.20 -28.63 44.10
C SER A 244 -0.78 -29.91 44.79
N LEU A 245 -0.23 -29.78 45.99
CA LEU A 245 0.22 -30.94 46.76
C LEU A 245 -0.98 -31.80 47.18
N THR A 246 -2.09 -31.15 47.52
CA THR A 246 -3.28 -31.86 47.95
C THR A 246 -3.80 -32.74 46.82
N ASP A 247 -3.90 -32.17 45.62
CA ASP A 247 -4.35 -32.91 44.45
C ASP A 247 -3.46 -34.13 44.21
N GLU A 248 -2.15 -33.92 44.26
CA GLU A 248 -1.19 -35.00 44.06
C GLU A 248 -1.32 -36.07 45.13
N LEU A 249 -1.57 -35.64 46.37
CA LEU A 249 -1.76 -36.58 47.47
C LEU A 249 -3.03 -37.41 47.28
N ILE A 250 -4.08 -36.76 46.80
CA ILE A 250 -5.33 -37.44 46.50
C ILE A 250 -5.11 -38.45 45.38
N ARG A 251 -4.27 -38.07 44.43
CA ARG A 251 -3.92 -38.97 43.33
C ARG A 251 -3.18 -40.18 43.88
N ARG A 252 -2.30 -39.95 44.85
CA ARG A 252 -1.59 -41.04 45.52
C ARG A 252 -2.57 -42.02 46.15
N PHE A 253 -3.60 -41.48 46.80
CA PHE A 253 -4.64 -42.29 47.42
C PHE A 253 -5.37 -43.14 46.39
N ARG A 254 -5.71 -42.54 45.26
CA ARG A 254 -6.45 -43.23 44.21
C ARG A 254 -5.62 -44.34 43.59
N LEU A 255 -4.35 -44.06 43.30
CA LEU A 255 -3.47 -45.06 42.70
C LEU A 255 -3.15 -46.18 43.66
N ASP A 256 -2.95 -45.83 44.93
CA ASP A 256 -2.52 -46.81 45.93
C ASP A 256 -3.64 -47.77 46.32
N GLN A 257 -4.86 -47.26 46.38
CA GLN A 257 -5.98 -48.06 46.85
C GLN A 257 -6.94 -48.42 45.72
N ASP A 258 -6.54 -48.15 44.49
CA ASP A 258 -7.33 -48.47 43.31
C ASP A 258 -8.73 -47.84 43.38
N ASP A 259 -8.76 -46.55 43.70
CA ASP A 259 -10.01 -45.77 43.75
C ASP A 259 -11.07 -46.39 44.64
N ALA A 260 -10.65 -47.05 45.71
CA ALA A 260 -11.59 -47.67 46.63
C ALA A 260 -12.02 -46.70 47.73
N LEU A 261 -11.20 -45.68 47.97
CA LEU A 261 -11.45 -44.74 49.05
C LEU A 261 -12.39 -43.61 48.65
N SER A 262 -13.32 -43.28 49.55
CA SER A 262 -14.21 -42.14 49.35
C SER A 262 -13.68 -40.94 50.12
N ILE A 263 -13.09 -40.00 49.38
CA ILE A 263 -12.44 -38.85 50.00
C ILE A 263 -13.22 -37.57 49.80
N ALA A 264 -13.49 -36.87 50.90
CA ALA A 264 -14.15 -35.57 50.85
C ALA A 264 -13.12 -34.46 51.09
N VAL A 265 -13.15 -33.44 50.23
CA VAL A 265 -12.19 -32.35 50.32
C VAL A 265 -12.86 -31.02 50.61
N ILE A 266 -12.52 -30.43 51.75
CA ILE A 266 -13.06 -29.13 52.13
C ILE A 266 -12.00 -28.05 51.99
N SER A 267 -12.15 -27.21 50.98
CA SER A 267 -11.21 -26.12 50.75
C SER A 267 -11.72 -24.85 51.39
N ILE A 268 -10.87 -24.17 52.16
CA ILE A 268 -11.30 -22.95 52.85
C ILE A 268 -10.48 -21.74 52.42
N ASP A 269 -11.17 -20.73 51.89
CA ASP A 269 -10.51 -19.54 51.37
C ASP A 269 -11.10 -18.28 51.99
N PRO A 270 -10.28 -17.53 52.74
CA PRO A 270 -10.73 -16.29 53.40
C PRO A 270 -10.80 -15.10 52.44
N SER A 271 -11.44 -15.30 51.29
CA SER A 271 -11.53 -14.27 50.27
C SER A 271 -12.78 -13.42 50.44
N ARG A 272 -13.71 -13.89 51.26
CA ARG A 272 -15.00 -13.24 51.47
C ARG A 272 -14.82 -11.81 52.01
N ARG A 273 -14.94 -10.84 51.10
CA ARG A 273 -14.77 -9.44 51.44
C ARG A 273 -15.99 -8.86 52.15
N LYS A 274 -16.02 -7.54 52.28
CA LYS A 274 -17.15 -6.85 52.91
C LYS A 274 -18.40 -6.97 52.05
N SER A 275 -18.22 -6.98 50.73
CA SER A 275 -19.32 -7.09 49.79
C SER A 275 -19.95 -8.48 49.81
N GLY A 276 -19.22 -9.44 50.38
CA GLY A 276 -19.71 -10.81 50.48
C GLY A 276 -19.18 -11.69 49.36
N GLY A 277 -18.46 -11.07 48.42
CA GLY A 277 -17.91 -11.78 47.29
C GLY A 277 -16.56 -12.41 47.58
N ALA A 278 -16.29 -13.55 46.95
CA ALA A 278 -15.04 -14.27 47.17
C ALA A 278 -14.57 -14.97 45.90
N LEU A 279 -13.35 -15.51 45.95
CA LEU A 279 -12.81 -16.27 44.85
C LEU A 279 -12.24 -17.59 45.35
N LEU A 280 -12.90 -18.69 44.98
CA LEU A 280 -12.53 -20.01 45.47
C LEU A 280 -11.74 -20.78 44.41
N GLY A 281 -10.43 -20.55 44.35
CA GLY A 281 -9.63 -21.05 43.24
C GLY A 281 -8.71 -22.21 43.54
N ASP A 282 -9.08 -23.05 44.49
CA ASP A 282 -8.35 -24.27 44.78
C ASP A 282 -8.79 -25.41 43.86
N ARG A 283 -10.06 -25.34 43.43
CA ARG A 283 -10.63 -26.41 42.62
C ARG A 283 -10.02 -26.42 41.22
N ILE A 284 -9.58 -25.26 40.75
CA ILE A 284 -9.03 -25.17 39.40
C ILE A 284 -7.72 -25.94 39.28
N ARG A 285 -7.05 -26.17 40.42
CA ARG A 285 -5.78 -26.85 40.45
C ARG A 285 -5.95 -28.35 40.69
N MET A 286 -7.17 -28.78 40.93
CA MET A 286 -7.47 -30.18 41.22
C MET A 286 -7.74 -30.98 39.94
N ASN A 287 -6.86 -31.94 39.66
CA ASN A 287 -7.04 -32.80 38.50
C ASN A 287 -7.49 -34.21 38.89
N ALA A 288 -7.22 -34.58 40.13
CA ALA A 288 -7.48 -35.94 40.57
C ALA A 288 -8.79 -36.08 41.35
N ILE A 289 -9.68 -35.11 41.20
CA ILE A 289 -10.94 -35.16 41.93
C ILE A 289 -12.11 -35.55 41.03
N ASN A 290 -11.87 -35.62 39.73
CA ASN A 290 -12.91 -35.99 38.78
C ASN A 290 -13.22 -37.49 38.85
N HIS A 291 -13.98 -37.86 39.87
CA HIS A 291 -14.34 -39.25 40.13
C HIS A 291 -15.46 -39.30 41.17
N PRO A 292 -16.40 -40.24 41.00
CA PRO A 292 -17.54 -40.38 41.92
C PRO A 292 -17.17 -40.53 43.40
N ASN A 293 -16.02 -41.14 43.69
CA ASN A 293 -15.60 -41.33 45.07
C ASN A 293 -15.02 -40.07 45.70
N ILE A 294 -14.78 -39.05 44.89
CA ILE A 294 -14.20 -37.81 45.39
C ILE A 294 -15.24 -36.69 45.42
N PHE A 295 -15.27 -35.95 46.52
CA PHE A 295 -16.19 -34.85 46.70
C PHE A 295 -15.44 -33.63 47.23
N MET A 296 -15.69 -32.46 46.65
CA MET A 296 -15.02 -31.25 47.09
C MET A 296 -15.97 -30.08 47.23
N ARG A 297 -15.85 -29.34 48.33
CA ARG A 297 -16.66 -28.16 48.55
C ARG A 297 -15.79 -26.98 48.96
N SER A 298 -15.88 -25.90 48.19
CA SER A 298 -15.13 -24.69 48.50
C SER A 298 -15.94 -23.75 49.39
N LEU A 299 -15.41 -23.45 50.57
CA LEU A 299 -16.09 -22.57 51.52
C LEU A 299 -15.43 -21.19 51.56
N ALA A 300 -16.25 -20.14 51.49
CA ALA A 300 -15.77 -18.78 51.58
C ALA A 300 -16.03 -18.20 52.96
N THR A 301 -14.96 -17.97 53.72
CA THR A 301 -15.07 -17.41 55.06
C THR A 301 -14.53 -15.99 55.09
N ARG A 302 -14.95 -15.22 56.09
CA ARG A 302 -14.51 -13.84 56.26
C ARG A 302 -12.98 -13.75 56.33
N GLU A 303 -12.44 -12.63 55.88
CA GLU A 303 -10.99 -12.43 55.90
C GLU A 303 -10.51 -12.01 57.29
N ALA A 304 -11.45 -11.81 58.21
CA ALA A 304 -11.12 -11.46 59.58
C ALA A 304 -11.45 -12.63 60.53
N GLY A 305 -12.66 -13.15 60.41
CA GLY A 305 -13.09 -14.26 61.25
C GLY A 305 -14.07 -15.18 60.54
N ILE A 308 -12.00 -17.76 61.32
CA ILE A 308 -12.76 -18.99 61.07
C ILE A 308 -14.08 -19.00 61.82
N SER A 309 -15.18 -18.89 61.09
CA SER A 309 -16.50 -18.89 61.69
C SER A 309 -16.85 -20.27 62.22
N GLN A 310 -17.94 -20.36 62.99
CA GLN A 310 -18.35 -21.62 63.61
C GLN A 310 -19.14 -22.50 62.63
N ALA A 311 -18.73 -22.50 61.37
CA ALA A 311 -19.41 -23.26 60.34
C ALA A 311 -18.64 -24.50 59.93
N LEU A 312 -17.31 -24.41 59.92
CA LEU A 312 -16.46 -25.53 59.51
C LEU A 312 -16.65 -26.82 60.30
N PRO A 313 -16.69 -26.76 61.65
CA PRO A 313 -16.85 -28.03 62.38
C PRO A 313 -18.17 -28.72 62.05
N ASP A 314 -19.14 -27.95 61.57
CA ASP A 314 -20.39 -28.50 61.10
C ASP A 314 -20.21 -29.14 59.73
N VAL A 315 -19.52 -28.44 58.85
CA VAL A 315 -19.27 -28.93 57.49
C VAL A 315 -18.49 -30.24 57.52
N ILE A 316 -17.50 -30.30 58.39
CA ILE A 316 -16.71 -31.52 58.59
C ILE A 316 -17.61 -32.64 59.08
N ALA A 317 -18.39 -32.36 60.12
CA ALA A 317 -19.31 -33.34 60.71
C ALA A 317 -20.27 -33.90 59.67
N ALA A 318 -20.67 -33.06 58.72
CA ALA A 318 -21.55 -33.48 57.65
C ALA A 318 -20.86 -34.51 56.76
N CYS A 319 -19.61 -34.25 56.41
CA CYS A 319 -18.84 -35.16 55.58
C CYS A 319 -18.56 -36.46 56.31
N LYS A 320 -18.26 -36.36 57.60
CA LYS A 320 -18.00 -37.53 58.43
C LYS A 320 -19.24 -38.41 58.48
N ALA A 321 -20.41 -37.78 58.53
CA ALA A 321 -21.67 -38.50 58.60
C ALA A 321 -22.06 -39.11 57.25
N ALA A 322 -21.50 -38.54 56.18
CA ALA A 322 -21.79 -39.01 54.83
C ALA A 322 -21.03 -40.29 54.50
N ARG A 323 -20.44 -40.91 55.52
CA ARG A 323 -19.75 -42.18 55.41
C ARG A 323 -18.56 -42.15 54.43
N PHE A 324 -17.82 -41.05 54.44
CA PHE A 324 -16.56 -40.97 53.71
C PHE A 324 -15.50 -41.78 54.44
N ASP A 325 -14.39 -42.05 53.76
CA ASP A 325 -13.30 -42.79 54.38
C ASP A 325 -12.28 -41.83 54.99
N LEU A 326 -12.22 -40.64 54.43
CA LEU A 326 -11.23 -39.64 54.83
C LEU A 326 -11.67 -38.24 54.42
N VAL A 327 -11.58 -37.31 55.36
CA VAL A 327 -11.91 -35.92 55.07
C VAL A 327 -10.65 -35.06 55.09
N ILE A 328 -10.38 -34.39 53.98
CA ILE A 328 -9.22 -33.52 53.89
C ILE A 328 -9.64 -32.04 53.89
N VAL A 329 -9.08 -31.27 54.81
CA VAL A 329 -9.39 -29.85 54.91
C VAL A 329 -8.14 -29.00 54.67
N GLU A 330 -8.22 -28.07 53.73
CA GLU A 330 -7.07 -27.23 53.40
C GLU A 330 -7.39 -25.74 53.57
N THR A 331 -6.35 -24.95 53.84
CA THR A 331 -6.52 -23.51 54.02
C THR A 331 -5.45 -22.72 53.24
N SER A 332 -5.50 -21.40 53.38
CA SER A 332 -4.53 -20.52 52.71
C SER A 332 -3.69 -19.76 53.74
N GLY A 333 -3.06 -18.67 53.29
CA GLY A 333 -2.23 -17.87 54.15
C GLY A 333 -2.98 -16.74 54.81
N GLY A 337 1.29 -19.58 58.36
CA GLY A 337 0.06 -20.29 58.09
C GLY A 337 -0.94 -20.17 59.23
N ASP A 338 -2.21 -20.02 58.88
CA ASP A 338 -3.28 -19.88 59.87
C ASP A 338 -3.56 -21.21 60.57
N ALA A 339 -3.17 -21.30 61.84
CA ALA A 339 -3.33 -22.53 62.60
C ALA A 339 -4.68 -22.59 63.30
N ALA A 340 -5.70 -22.04 62.66
CA ALA A 340 -7.05 -22.05 63.21
C ALA A 340 -7.80 -23.31 62.78
N ILE A 341 -7.07 -24.21 62.13
CA ILE A 341 -7.63 -25.44 61.59
C ILE A 341 -7.21 -26.63 62.45
N VAL A 342 -6.20 -26.40 63.30
CA VAL A 342 -5.62 -27.45 64.12
C VAL A 342 -6.59 -28.17 65.08
N PRO A 343 -7.40 -27.41 65.85
CA PRO A 343 -8.23 -28.13 66.82
C PRO A 343 -9.44 -28.82 66.20
N HIS A 344 -9.50 -28.87 64.87
CA HIS A 344 -10.65 -29.42 64.17
C HIS A 344 -10.29 -30.68 63.39
N VAL A 345 -9.01 -31.00 63.31
CA VAL A 345 -8.56 -32.16 62.54
C VAL A 345 -7.80 -33.16 63.40
N ASP A 346 -7.66 -34.37 62.89
CA ASP A 346 -6.94 -35.43 63.58
C ASP A 346 -5.45 -35.36 63.28
N LEU A 347 -5.12 -35.07 62.03
CA LEU A 347 -3.73 -34.87 61.61
C LEU A 347 -3.56 -33.54 60.91
N SER A 348 -2.42 -32.89 61.17
CA SER A 348 -2.15 -31.60 60.56
C SER A 348 -0.87 -31.63 59.72
N LEU A 349 -0.92 -31.00 58.55
CA LEU A 349 0.20 -30.97 57.64
C LEU A 349 0.57 -29.53 57.27
N TYR A 350 1.71 -29.07 57.78
CA TYR A 350 2.20 -27.74 57.45
C TYR A 350 2.96 -27.78 56.13
N VAL A 351 2.55 -26.94 55.19
CA VAL A 351 3.20 -26.87 53.90
C VAL A 351 3.94 -25.55 53.71
N MET A 352 5.21 -25.63 53.34
CA MET A 352 6.03 -24.43 53.19
C MET A 352 6.97 -24.53 52.00
N THR A 353 7.61 -23.41 51.68
CA THR A 353 8.60 -23.36 50.62
C THR A 353 9.98 -23.17 51.24
N PRO A 354 11.05 -23.51 50.48
CA PRO A 354 12.42 -23.30 50.98
C PRO A 354 12.73 -21.85 51.36
N GLU A 355 11.99 -20.90 50.79
CA GLU A 355 12.17 -19.49 51.14
C GLU A 355 11.40 -19.14 52.41
N PHE A 356 11.99 -19.45 53.56
CA PHE A 356 11.38 -19.17 54.86
C PHE A 356 12.16 -18.10 55.60
N GLY A 357 13.27 -17.66 55.02
CA GLY A 357 14.13 -16.67 55.63
C GLY A 357 15.26 -17.30 56.42
N ALA A 358 15.66 -16.64 57.49
CA ALA A 358 16.73 -17.14 58.35
C ALA A 358 16.25 -18.31 59.19
N ALA A 359 17.19 -19.02 59.80
CA ALA A 359 16.87 -20.21 60.59
C ALA A 359 16.11 -19.86 61.87
N SER A 360 16.17 -18.59 62.27
CA SER A 360 15.54 -18.14 63.51
C SER A 360 14.04 -17.92 63.35
N GLN A 361 13.60 -17.70 62.10
CA GLN A 361 12.19 -17.48 61.82
C GLN A 361 11.37 -18.71 62.16
N LEU A 362 11.98 -19.89 62.03
CA LEU A 362 11.31 -21.15 62.33
C LEU A 362 10.95 -21.26 63.81
N GLU A 363 11.62 -20.45 64.64
CA GLU A 363 11.34 -20.44 66.07
C GLU A 363 10.13 -19.57 66.41
N LYS A 364 9.52 -19.00 65.38
CA LYS A 364 8.37 -18.13 65.55
C LYS A 364 7.09 -18.79 65.03
N ILE A 365 7.26 -19.75 64.14
CA ILE A 365 6.13 -20.42 63.50
C ILE A 365 5.43 -21.40 64.43
N ASP A 366 4.25 -21.00 64.90
CA ASP A 366 3.48 -21.82 65.83
C ASP A 366 3.11 -23.17 65.24
N MET A 367 2.97 -23.22 63.92
CA MET A 367 2.47 -24.43 63.27
C MET A 367 3.50 -25.55 63.28
N LEU A 368 4.79 -25.18 63.35
CA LEU A 368 5.86 -26.18 63.43
C LEU A 368 5.88 -26.87 64.80
N ASP A 369 4.99 -26.42 65.68
CA ASP A 369 4.92 -26.96 67.03
C ASP A 369 3.75 -27.92 67.17
N PHE A 370 2.85 -27.91 66.19
CA PHE A 370 1.65 -28.73 66.25
C PHE A 370 1.56 -29.74 65.11
N ALA A 371 2.13 -29.37 63.96
CA ALA A 371 2.04 -30.18 62.75
C ALA A 371 2.56 -31.60 62.94
N ASP A 372 1.74 -32.58 62.59
CA ASP A 372 2.15 -33.98 62.63
C ASP A 372 3.10 -34.27 61.47
N PHE A 373 2.92 -33.54 60.38
CA PHE A 373 3.78 -33.66 59.20
C PHE A 373 4.12 -32.28 58.65
N VAL A 374 5.33 -32.13 58.14
CA VAL A 374 5.74 -30.90 57.49
C VAL A 374 6.23 -31.19 56.08
N ALA A 375 5.66 -30.52 55.11
CA ALA A 375 6.05 -30.73 53.72
C ALA A 375 6.69 -29.48 53.13
N ILE A 376 7.99 -29.55 52.87
CA ILE A 376 8.67 -28.46 52.21
C ILE A 376 8.48 -28.59 50.70
N ASN A 377 7.39 -28.03 50.21
CA ASN A 377 7.03 -28.14 48.80
C ASN A 377 7.92 -27.25 47.94
N LYS A 378 7.83 -27.42 46.62
CA LYS A 378 8.68 -26.70 45.67
C LYS A 378 10.14 -26.94 46.03
N PHE A 379 10.50 -28.21 46.20
CA PHE A 379 11.83 -28.58 46.65
C PHE A 379 12.87 -28.42 45.55
N ASP A 380 12.42 -27.97 44.38
CA ASP A 380 13.32 -27.73 43.25
C ASP A 380 13.96 -26.36 43.30
N ARG A 381 13.43 -25.49 44.17
CA ARG A 381 13.95 -24.14 44.33
C ARG A 381 15.32 -24.14 44.97
N LYS A 382 15.95 -22.97 45.02
CA LYS A 382 17.29 -22.85 45.62
C LYS A 382 17.21 -22.94 47.14
N GLY A 383 18.23 -23.57 47.73
CA GLY A 383 18.34 -23.65 49.17
C GLY A 383 17.31 -24.58 49.82
N ALA A 384 16.77 -25.49 49.03
CA ALA A 384 15.78 -26.43 49.53
C ALA A 384 16.42 -27.45 50.48
N GLN A 385 17.64 -27.87 50.12
CA GLN A 385 18.38 -28.87 50.90
C GLN A 385 18.68 -28.36 52.30
N ASP A 386 19.11 -27.10 52.40
CA ASP A 386 19.39 -26.49 53.68
C ASP A 386 18.10 -26.15 54.42
N ALA A 387 17.04 -25.88 53.66
CA ALA A 387 15.74 -25.62 54.25
C ALA A 387 15.23 -26.87 54.96
N TRP A 388 15.56 -28.03 54.42
CA TRP A 388 15.14 -29.28 55.01
C TRP A 388 15.84 -29.53 56.34
N ARG A 389 17.15 -29.32 56.38
CA ARG A 389 17.89 -29.56 57.61
C ARG A 389 17.51 -28.56 58.70
N ASP A 390 17.21 -27.33 58.30
CA ASP A 390 16.79 -26.30 59.26
C ASP A 390 15.44 -26.65 59.87
N VAL A 391 14.48 -27.03 59.03
CA VAL A 391 13.15 -27.38 59.49
C VAL A 391 13.15 -28.67 60.31
N ALA A 392 13.82 -29.70 59.79
CA ALA A 392 13.91 -30.97 60.48
C ALA A 392 14.53 -30.82 61.87
N LYS A 393 15.55 -29.96 61.96
CA LYS A 393 16.17 -29.68 63.25
C LYS A 393 15.19 -28.97 64.17
N GLN A 394 14.42 -28.05 63.61
CA GLN A 394 13.48 -27.25 64.40
C GLN A 394 12.34 -28.11 64.95
N VAL A 395 11.87 -29.05 64.14
CA VAL A 395 10.79 -29.94 64.58
C VAL A 395 11.30 -30.88 65.65
N GLN A 396 12.55 -31.34 65.48
CA GLN A 396 13.19 -32.18 66.49
C GLN A 396 13.30 -31.43 67.80
N ARG A 397 13.66 -30.15 67.73
CA ARG A 397 13.79 -29.30 68.90
C ARG A 397 12.43 -29.08 69.56
N ASN A 398 11.41 -28.79 68.76
CA ASN A 398 10.07 -28.55 69.27
C ASN A 398 9.49 -29.78 69.98
N ARG A 399 9.87 -30.96 69.51
CA ARG A 399 9.36 -32.21 70.06
C ARG A 399 10.28 -32.74 71.16
N GLU A 400 11.43 -32.09 71.33
CA GLU A 400 12.41 -32.48 72.32
C GLU A 400 12.85 -33.93 72.15
N GLN A 401 12.91 -34.37 70.90
CA GLN A 401 13.35 -35.72 70.59
C GLN A 401 14.84 -35.74 70.24
N TRP A 402 15.67 -35.53 71.26
CA TRP A 402 17.12 -35.52 71.09
C TRP A 402 17.67 -36.92 70.93
N HIS A 403 16.85 -37.91 71.24
CA HIS A 403 17.23 -39.30 71.15
C HIS A 403 16.95 -39.86 69.75
N SER A 404 16.44 -39.00 68.88
CA SER A 404 16.11 -39.39 67.51
C SER A 404 17.02 -38.72 66.50
N ARG A 405 17.00 -39.22 65.27
CA ARG A 405 17.79 -38.63 64.19
C ARG A 405 16.98 -37.54 63.49
N ALA A 406 17.64 -36.44 63.14
CA ALA A 406 16.97 -35.33 62.47
C ALA A 406 16.39 -35.76 61.13
N GLU A 407 17.02 -36.75 60.51
CA GLU A 407 16.57 -37.27 59.23
C GLU A 407 15.33 -38.16 59.37
N ASP A 408 14.94 -38.43 60.61
CA ASP A 408 13.79 -39.28 60.88
C ASP A 408 12.52 -38.46 61.09
N MET A 409 12.68 -37.15 61.30
CA MET A 409 11.55 -36.27 61.54
C MET A 409 10.58 -36.28 60.37
N PRO A 410 9.27 -36.13 60.66
CA PRO A 410 8.23 -36.13 59.62
C PRO A 410 8.29 -34.92 58.70
N VAL A 411 9.50 -34.48 58.35
CA VAL A 411 9.67 -33.38 57.42
C VAL A 411 10.05 -33.90 56.04
N TYR A 412 9.18 -33.69 55.07
CA TYR A 412 9.39 -34.21 53.72
C TYR A 412 9.65 -33.09 52.72
N GLY A 413 10.56 -33.35 51.79
CA GLY A 413 10.82 -32.42 50.70
C GLY A 413 10.07 -32.85 49.45
N THR A 414 8.96 -32.18 49.17
CA THR A 414 8.11 -32.58 48.07
C THR A 414 8.18 -31.59 46.91
N GLN A 415 7.84 -32.09 45.72
CA GLN A 415 7.72 -31.25 44.53
C GLN A 415 6.49 -31.68 43.74
N ALA A 416 5.35 -31.09 44.09
CA ALA A 416 4.07 -31.50 43.52
C ALA A 416 3.99 -31.17 42.03
N SER A 417 4.82 -30.24 41.58
CA SER A 417 4.84 -29.85 40.17
C SER A 417 5.34 -30.96 39.26
N ARG A 418 6.27 -31.77 39.78
CA ARG A 418 6.83 -32.87 39.01
C ARG A 418 5.94 -34.10 39.06
N PHE A 419 5.63 -34.66 37.88
CA PHE A 419 4.76 -35.82 37.77
C PHE A 419 5.33 -37.05 38.47
N ASN A 420 4.49 -37.74 39.22
CA ASN A 420 4.88 -38.94 39.98
C ASN A 420 6.10 -38.72 40.86
N ASP A 421 6.23 -37.52 41.41
CA ASP A 421 7.34 -37.17 42.29
C ASP A 421 7.43 -38.11 43.48
N ASP A 422 8.58 -38.75 43.64
CA ASP A 422 8.78 -39.69 44.74
C ASP A 422 8.72 -38.98 46.10
N GLY A 423 9.04 -37.69 46.11
CA GLY A 423 8.95 -36.89 47.33
C GLY A 423 7.54 -36.88 47.87
N VAL A 424 6.58 -36.56 47.01
CA VAL A 424 5.18 -36.58 47.39
C VAL A 424 4.76 -37.97 47.87
N THR A 425 5.23 -38.99 47.15
CA THR A 425 4.94 -40.37 47.50
C THR A 425 5.48 -40.72 48.89
N MET A 426 6.67 -40.20 49.20
CA MET A 426 7.27 -40.42 50.51
C MET A 426 6.44 -39.79 51.62
N LEU A 427 5.93 -38.59 51.34
CA LEU A 427 5.01 -37.93 52.27
C LEU A 427 3.73 -38.73 52.41
N TYR A 428 3.24 -39.25 51.29
CA TYR A 428 2.02 -40.05 51.27
C TYR A 428 2.17 -41.32 52.09
N GLN A 429 3.31 -41.99 51.94
CA GLN A 429 3.58 -43.21 52.68
C GLN A 429 3.53 -42.95 54.18
N GLY A 430 4.03 -41.78 54.58
CA GLY A 430 4.00 -41.39 55.98
C GLY A 430 2.59 -41.12 56.48
N LEU A 431 1.82 -40.37 55.69
CA LEU A 431 0.44 -40.04 56.05
C LEU A 431 -0.42 -41.29 56.22
N VAL A 432 -0.22 -42.27 55.35
CA VAL A 432 -0.99 -43.51 55.40
C VAL A 432 -0.73 -44.28 56.69
N GLY A 433 0.53 -44.42 57.06
CA GLY A 433 0.90 -45.10 58.28
C GLY A 433 0.29 -44.42 59.50
N ALA A 434 0.24 -43.09 59.45
CA ALA A 434 -0.32 -42.32 60.55
C ALA A 434 -1.84 -42.47 60.59
N LEU A 435 -2.48 -42.32 59.44
CA LEU A 435 -3.93 -42.48 59.34
C LEU A 435 -4.34 -43.92 59.64
N GLY A 436 -3.51 -44.87 59.22
CA GLY A 436 -3.80 -46.29 59.42
C GLY A 436 -3.83 -46.66 60.88
N ALA A 437 -2.84 -46.20 61.63
CA ALA A 437 -2.77 -46.45 63.07
C ALA A 437 -3.90 -45.72 63.79
N ARG A 438 -4.39 -44.65 63.18
CA ARG A 438 -5.47 -43.86 63.76
C ARG A 438 -6.82 -44.32 63.23
N GLY A 439 -7.02 -45.64 63.22
CA GLY A 439 -8.29 -46.24 62.83
C GLY A 439 -8.73 -45.93 61.41
N MET A 440 -8.12 -46.60 60.44
CA MET A 440 -8.52 -46.46 59.04
C MET A 440 -8.19 -47.71 58.26
N SER A 441 -9.20 -48.30 57.63
CA SER A 441 -9.02 -49.51 56.85
C SER A 441 -8.37 -49.21 55.51
N LEU A 442 -7.21 -49.83 55.28
CA LEU A 442 -6.47 -49.62 54.05
C LEU A 442 -5.89 -50.92 53.51
N LYS A 443 -6.16 -51.20 52.24
CA LYS A 443 -5.56 -52.34 51.56
C LYS A 443 -4.05 -52.15 51.47
N PRO A 444 -3.29 -53.25 51.38
CA PRO A 444 -1.85 -53.13 51.15
C PRO A 444 -1.55 -52.33 49.90
N GLY A 445 -0.63 -51.37 50.01
CA GLY A 445 -0.37 -50.43 48.93
C GLY A 445 0.15 -51.04 47.64
N THR A 446 -0.26 -50.44 46.52
CA THR A 446 0.22 -50.84 45.21
C THR A 446 1.35 -49.92 44.77
N LEU A 447 1.40 -48.74 45.38
CA LEU A 447 2.47 -47.78 45.11
C LEU A 447 3.79 -48.24 45.67
N PRO A 448 4.91 -47.85 45.03
CA PRO A 448 6.25 -48.21 45.52
C PRO A 448 6.50 -47.64 46.91
N ASN A 449 6.48 -48.51 47.91
CA ASN A 449 6.70 -48.12 49.29
C ASN A 449 8.18 -47.83 49.55
N LEU A 450 8.68 -46.75 48.95
CA LEU A 450 10.08 -46.37 49.11
C LEU A 450 10.29 -45.54 50.38
N GLU A 451 11.52 -45.53 50.86
CA GLU A 451 11.86 -44.76 52.06
C GLU A 451 12.71 -43.55 51.71
N GLY A 452 12.69 -42.55 52.60
CA GLY A 452 13.41 -41.32 52.37
C GLY A 452 12.55 -40.14 52.79
N ARG A 453 13.10 -38.93 52.70
CA ARG A 453 12.37 -37.74 53.12
C ARG A 453 12.33 -36.67 52.03
N ILE A 454 13.35 -36.63 51.19
CA ILE A 454 13.41 -35.63 50.15
C ILE A 454 13.17 -36.20 48.76
N SER A 455 12.67 -35.36 47.87
CA SER A 455 12.48 -35.72 46.47
C SER A 455 13.85 -35.92 45.81
N THR A 456 13.97 -36.97 45.01
CA THR A 456 15.22 -37.28 44.33
C THR A 456 15.41 -36.46 43.07
N GLY A 457 15.82 -35.20 43.24
CA GLY A 457 16.12 -34.32 42.13
C GLY A 457 14.97 -34.10 41.17
N GLN A 458 15.28 -33.58 40.00
CA GLN A 458 14.29 -33.33 38.96
C GLN A 458 14.97 -33.02 37.64
N ASN A 459 14.19 -33.00 36.56
CA ASN A 459 14.71 -32.63 35.26
C ASN A 459 15.01 -31.13 35.21
N VAL A 460 16.20 -30.76 35.68
CA VAL A 460 16.59 -29.35 35.75
C VAL A 460 16.64 -28.70 34.38
N ILE A 461 15.64 -27.86 34.09
CA ILE A 461 15.55 -27.18 32.80
C ILE A 461 16.68 -26.16 32.65
N VAL A 462 16.71 -25.16 33.52
CA VAL A 462 17.78 -24.17 33.49
C VAL A 462 18.47 -24.08 34.84
N PRO A 463 19.71 -24.60 34.92
CA PRO A 463 20.49 -24.60 36.17
C PRO A 463 20.67 -23.19 36.73
N PRO A 464 20.56 -23.05 38.07
CA PRO A 464 20.65 -21.76 38.76
C PRO A 464 21.95 -21.01 38.47
N ALA A 465 22.99 -21.73 38.09
CA ALA A 465 24.26 -21.11 37.70
C ALA A 465 24.07 -20.29 36.42
N ARG A 466 23.14 -20.72 35.57
CA ARG A 466 22.85 -20.04 34.32
C ARG A 466 21.62 -19.16 34.44
N SER A 467 21.30 -18.73 35.67
CA SER A 467 20.10 -17.94 35.93
C SER A 467 20.11 -16.63 35.16
N ARG A 468 21.26 -15.97 35.13
CA ARG A 468 21.40 -14.65 34.53
C ARG A 468 21.74 -14.69 33.05
N TYR A 469 21.32 -15.74 32.35
CA TYR A 469 21.72 -15.95 30.96
C TYR A 469 21.27 -14.81 30.05
N LEU A 470 20.07 -14.29 30.29
CA LEU A 470 19.55 -13.19 29.49
C LEU A 470 20.35 -11.92 29.70
N ALA A 471 20.81 -11.71 30.92
CA ALA A 471 21.64 -10.55 31.24
C ALA A 471 23.01 -10.69 30.58
N GLU A 472 23.54 -11.90 30.58
CA GLU A 472 24.83 -12.18 29.97
C GLU A 472 24.80 -11.88 28.48
N LEU A 473 23.67 -12.20 27.85
CA LEU A 473 23.50 -11.94 26.43
C LEU A 473 23.42 -10.45 26.16
N ALA A 474 22.77 -9.72 27.06
CA ALA A 474 22.68 -8.26 26.96
C ALA A 474 24.07 -7.64 26.99
N ASP A 475 24.93 -8.15 27.87
CA ASP A 475 26.29 -7.66 27.98
C ASP A 475 27.11 -8.06 26.77
N THR A 476 26.80 -9.23 26.20
CA THR A 476 27.50 -9.72 25.02
C THR A 476 27.30 -8.80 23.83
N VAL A 477 26.04 -8.41 23.60
CA VAL A 477 25.71 -7.50 22.51
C VAL A 477 26.32 -6.12 22.73
N ARG A 478 26.12 -5.57 23.93
CA ARG A 478 26.65 -4.25 24.25
C ARG A 478 28.16 -4.18 24.10
N ALA A 479 28.83 -5.27 24.46
CA ALA A 479 30.28 -5.36 24.34
C ALA A 479 30.69 -5.33 22.88
N TYR A 480 29.90 -5.99 22.04
CA TYR A 480 30.14 -5.99 20.60
C TYR A 480 30.07 -4.57 20.05
N HIS A 481 29.08 -3.80 20.53
CA HIS A 481 28.89 -2.42 20.09
C HIS A 481 30.02 -1.51 20.53
N ARG A 482 30.50 -1.69 21.75
CA ARG A 482 31.61 -0.88 22.26
C ARG A 482 32.86 -1.12 21.45
N ARG A 483 32.99 -2.33 20.91
CA ARG A 483 34.11 -2.68 20.06
C ARG A 483 33.97 -2.00 18.69
N VAL A 484 32.74 -1.97 18.18
CA VAL A 484 32.44 -1.31 16.92
C VAL A 484 32.88 0.16 17.00
N VAL A 485 32.55 0.81 18.10
CA VAL A 485 32.92 2.21 18.30
C VAL A 485 34.44 2.38 18.35
N ALA A 486 35.10 1.51 19.13
CA ALA A 486 36.55 1.58 19.29
C ALA A 486 37.30 1.28 18.00
N GLN A 487 36.94 0.17 17.36
CA GLN A 487 37.58 -0.23 16.11
C GLN A 487 37.35 0.81 15.01
N SER A 488 36.17 1.44 15.03
CA SER A 488 35.84 2.47 14.05
C SER A 488 36.78 3.66 14.18
N LYS A 489 37.00 4.11 15.41
CA LYS A 489 37.89 5.24 15.67
C LYS A 489 39.32 4.89 15.25
N LEU A 490 39.73 3.65 15.48
CA LEU A 490 41.05 3.19 15.09
C LEU A 490 41.20 3.20 13.57
N ALA A 491 40.17 2.72 12.87
CA ALA A 491 40.19 2.68 11.41
C ALA A 491 40.18 4.09 10.83
N ARG A 492 39.45 4.99 11.48
CA ARG A 492 39.36 6.37 11.06
C ARG A 492 40.70 7.08 11.17
N GLU A 493 41.33 6.96 12.33
CA GLU A 493 42.61 7.60 12.59
C GLU A 493 43.70 7.05 11.67
N ARG A 494 43.67 5.73 11.45
CA ARG A 494 44.65 5.09 10.58
C ARG A 494 44.60 5.66 9.17
N GLN A 495 43.38 5.91 8.69
CA GLN A 495 43.18 6.49 7.37
C GLN A 495 43.56 7.97 7.35
N GLN A 496 43.19 8.68 8.40
CA GLN A 496 43.47 10.12 8.50
C GLN A 496 44.97 10.40 8.48
N LEU A 497 45.73 9.57 9.17
CA LEU A 497 47.19 9.72 9.24
C LEU A 497 47.83 9.51 7.88
N ARG A 498 47.57 8.35 7.28
CA ARG A 498 48.14 8.02 5.98
C ARG A 498 47.67 8.96 4.88
N ALA A 499 46.51 9.57 5.09
CA ALA A 499 46.00 10.57 4.14
C ALA A 499 46.81 11.86 4.26
N ALA A 500 47.03 12.30 5.49
CA ALA A 500 47.80 13.51 5.76
C ALA A 500 49.27 13.30 5.39
N HIS A 501 49.73 12.06 5.49
CA HIS A 501 51.10 11.72 5.17
C HIS A 501 51.37 11.84 3.68
N ASP A 502 50.40 11.46 2.87
CA ASP A 502 50.52 11.53 1.42
C ASP A 502 50.43 12.98 0.95
N MET A 503 49.74 13.81 1.72
CA MET A 503 49.55 15.21 1.36
C MET A 503 50.80 16.03 1.66
N LEU A 504 51.64 15.52 2.55
CA LEU A 504 52.91 16.18 2.86
C LEU A 504 53.94 15.90 1.77
N GLN A 505 53.93 14.68 1.25
CA GLN A 505 54.88 14.28 0.21
C GLN A 505 54.60 15.01 -1.10
N GLY A 506 53.35 15.44 -1.28
CA GLY A 506 52.97 16.19 -2.46
C GLY A 506 53.35 17.66 -2.33
N ALA A 507 53.57 18.09 -1.09
CA ALA A 507 53.94 19.48 -0.82
C ALA A 507 55.46 19.65 -0.79
N GLY A 508 56.17 18.59 -0.43
CA GLY A 508 57.62 18.63 -0.37
C GLY A 508 58.17 18.04 0.92
N HIS A 509 58.09 18.83 1.99
CA HIS A 509 58.57 18.39 3.30
C HIS A 509 57.84 17.14 3.77
N GLU A 510 58.60 16.21 4.37
CA GLU A 510 58.04 14.94 4.81
C GLU A 510 58.25 14.69 6.30
N SER A 511 57.21 14.15 6.94
CA SER A 511 57.28 13.79 8.34
C SER A 511 56.87 12.34 8.53
N ALA A 512 57.85 11.45 8.64
CA ALA A 512 57.60 10.02 8.75
C ALA A 512 57.05 9.65 10.12
N ALA A 513 57.03 10.62 11.02
CA ALA A 513 56.47 10.43 12.35
C ALA A 513 54.97 10.14 12.27
N LEU A 514 54.34 10.60 11.20
CA LEU A 514 52.93 10.30 10.95
C LEU A 514 52.74 8.81 10.70
N GLU A 515 53.64 8.23 9.91
CA GLU A 515 53.58 6.81 9.59
C GLU A 515 53.79 5.95 10.85
N THR A 516 54.61 6.45 11.76
CA THR A 516 54.87 5.75 13.02
C THR A 516 53.58 5.56 13.82
N LEU A 517 52.73 6.59 13.78
CA LEU A 517 51.46 6.55 14.48
C LEU A 517 50.46 5.64 13.75
N ALA A 518 50.52 5.65 12.42
CA ALA A 518 49.62 4.84 11.61
C ALA A 518 49.94 3.35 11.75
N SER A 519 51.23 3.04 11.89
CA SER A 519 51.66 1.65 12.05
C SER A 519 51.16 1.07 13.37
N GLU A 520 51.01 1.93 14.37
CA GLU A 520 50.48 1.51 15.66
C GLU A 520 48.99 1.16 15.55
N ARG A 521 48.29 1.82 14.64
CA ARG A 521 46.87 1.58 14.41
C ARG A 521 46.65 0.24 13.70
N ASP A 522 47.62 -0.16 12.88
CA ASP A 522 47.54 -1.42 12.15
C ASP A 522 47.44 -2.62 13.08
N VAL A 523 48.17 -2.56 14.19
CA VAL A 523 48.17 -3.63 15.17
C VAL A 523 46.97 -3.50 16.11
N SER A 524 46.57 -2.26 16.37
CA SER A 524 45.44 -1.98 17.24
C SER A 524 44.14 -2.51 16.65
N LEU A 525 43.99 -2.38 15.33
CA LEU A 525 42.83 -2.92 14.64
C LEU A 525 42.85 -4.44 14.71
N GLY A 526 41.69 -5.04 15.01
CA GLY A 526 41.59 -6.48 15.15
C GLY A 526 41.91 -7.24 13.88
N ALA A 527 41.98 -8.56 14.00
CA ALA A 527 42.29 -9.41 12.87
C ALA A 527 41.14 -9.47 11.87
N VAL A 528 39.92 -9.62 12.39
CA VAL A 528 38.74 -9.71 11.55
C VAL A 528 38.34 -8.33 11.02
N GLU A 529 38.54 -7.31 11.85
CA GLU A 529 38.25 -5.92 11.45
C GLU A 529 39.12 -5.48 10.28
N ARG A 530 40.39 -5.90 10.31
CA ARG A 530 41.35 -5.53 9.28
C ARG A 530 41.01 -6.19 7.96
N LYS A 531 40.54 -7.43 8.03
CA LYS A 531 40.19 -8.18 6.82
C LYS A 531 38.90 -7.63 6.21
N LEU A 532 38.04 -7.05 7.04
CA LEU A 532 36.79 -6.46 6.57
C LEU A 532 37.05 -5.27 5.64
N LEU A 533 37.89 -4.36 6.08
CA LEU A 533 38.23 -3.18 5.28
C LEU A 533 39.06 -3.57 4.06
N ALA A 534 39.81 -4.66 4.19
CA ALA A 534 40.65 -5.14 3.10
C ALA A 534 39.82 -5.66 1.94
N MET A 535 38.72 -6.32 2.25
CA MET A 535 37.87 -6.92 1.23
C MET A 535 36.84 -5.94 0.68
N TRP A 536 36.72 -4.77 1.31
CA TRP A 536 35.71 -3.78 0.93
C TRP A 536 35.82 -3.28 -0.52
N PRO A 537 37.02 -2.93 -1.00
CA PRO A 537 37.06 -2.52 -2.41
C PRO A 537 36.72 -3.68 -3.35
N GLN A 538 37.15 -4.88 -2.98
CA GLN A 538 36.84 -6.08 -3.74
C GLN A 538 35.36 -6.41 -3.64
N MET A 539 34.77 -6.09 -2.49
CA MET A 539 33.35 -6.31 -2.26
C MET A 539 32.51 -5.38 -3.13
N GLN A 540 33.00 -4.16 -3.32
CA GLN A 540 32.30 -3.17 -4.14
C GLN A 540 32.26 -3.59 -5.61
N GLN A 541 33.34 -4.18 -6.08
CA GLN A 541 33.43 -4.61 -7.48
C GLN A 541 32.47 -5.76 -7.75
N ALA A 542 32.25 -6.60 -6.75
CA ALA A 542 31.35 -7.73 -6.87
C ALA A 542 29.93 -7.26 -7.17
N TYR A 543 29.41 -6.39 -6.31
CA TYR A 543 28.05 -5.89 -6.45
C TYR A 543 27.93 -4.77 -7.48
N SER A 544 29.03 -4.47 -8.16
CA SER A 544 29.03 -3.41 -9.16
C SER A 544 28.50 -3.90 -10.50
N GLY A 545 28.85 -5.12 -10.86
CA GLY A 545 28.46 -5.68 -12.15
C GLY A 545 26.99 -5.97 -12.30
N ASP A 546 26.64 -6.70 -13.35
CA ASP A 546 25.27 -7.12 -13.58
C ASP A 546 25.10 -8.57 -13.16
N GLU A 547 26.21 -9.21 -12.80
CA GLU A 547 26.18 -10.58 -12.31
C GLU A 547 27.09 -10.76 -11.10
N TYR A 548 26.78 -11.73 -10.25
CA TYR A 548 27.56 -11.99 -9.06
C TYR A 548 28.47 -13.20 -9.26
N VAL A 549 29.52 -13.03 -10.05
CA VAL A 549 30.45 -14.11 -10.35
C VAL A 549 31.42 -14.33 -9.20
N GLU A 556 32.52 -20.25 -11.77
CA GLU A 556 31.55 -21.14 -11.13
C GLU A 556 30.12 -20.69 -11.42
N ILE A 557 29.37 -20.36 -10.37
CA ILE A 557 27.98 -19.95 -10.51
C ILE A 557 27.86 -18.44 -10.72
N ARG A 558 26.70 -18.01 -11.22
CA ARG A 558 26.43 -16.60 -11.44
C ARG A 558 25.04 -16.23 -10.91
N THR A 559 24.83 -14.95 -10.63
CA THR A 559 23.55 -14.47 -10.10
C THR A 559 23.29 -13.03 -10.54
N GLY A 560 22.08 -12.77 -11.06
CA GLY A 560 21.70 -11.45 -11.52
C GLY A 560 21.65 -10.43 -10.41
N LEU A 561 22.25 -9.27 -10.64
CA LEU A 561 22.32 -8.22 -9.63
C LEU A 561 21.38 -7.06 -9.95
N ILE A 562 20.98 -6.96 -11.21
CA ILE A 562 20.25 -5.78 -11.67
C ILE A 562 18.93 -6.14 -12.34
N SER A 563 17.87 -5.43 -11.94
CA SER A 563 16.59 -5.50 -12.63
C SER A 563 16.29 -4.17 -13.31
N THR A 564 16.21 -4.19 -14.64
CA THR A 564 16.02 -2.97 -15.42
C THR A 564 14.56 -2.55 -15.47
N THR A 565 14.29 -1.28 -15.19
CA THR A 565 12.91 -0.79 -15.11
C THR A 565 12.29 -0.56 -16.47
N LEU A 566 11.07 -0.06 -16.46
CA LEU A 566 10.33 0.23 -17.68
C LEU A 566 10.86 1.50 -18.33
N SER A 567 11.54 2.32 -17.53
CA SER A 567 12.07 3.59 -18.00
C SER A 567 13.49 3.42 -18.52
N GLY A 568 14.13 2.31 -18.14
CA GLY A 568 15.48 2.03 -18.55
C GLY A 568 16.48 2.17 -17.40
N THR A 569 15.98 2.50 -16.23
CA THR A 569 16.82 2.64 -15.04
C THR A 569 17.23 1.27 -14.52
N LYS A 570 18.49 1.16 -14.08
CA LYS A 570 18.98 -0.09 -13.51
C LYS A 570 18.86 -0.10 -11.99
N ILE A 571 18.01 -0.99 -11.47
CA ILE A 571 17.84 -1.11 -10.03
C ILE A 571 18.69 -2.24 -9.46
N ARG A 572 19.70 -1.89 -8.67
CA ARG A 572 20.56 -2.88 -8.05
C ARG A 572 19.81 -3.61 -6.93
N LYS A 573 19.99 -4.93 -6.87
CA LYS A 573 19.37 -5.73 -5.81
C LYS A 573 19.90 -5.31 -4.45
N VAL A 574 21.21 -5.21 -4.34
CA VAL A 574 21.84 -4.77 -3.11
C VAL A 574 22.66 -3.51 -3.34
N VAL A 575 22.26 -2.41 -2.70
CA VAL A 575 22.94 -1.13 -2.87
C VAL A 575 23.95 -0.88 -1.76
N LEU A 576 25.22 -0.76 -2.14
CA LEU A 576 26.28 -0.52 -1.17
C LEU A 576 26.44 0.97 -0.88
N PRO A 577 26.89 1.30 0.33
CA PRO A 577 27.14 2.70 0.71
C PRO A 577 28.28 3.33 -0.08
N ARG A 578 28.29 4.66 -0.16
CA ARG A 578 29.34 5.40 -0.86
C ARG A 578 30.20 6.20 0.10
N PHE A 579 30.52 5.61 1.25
CA PHE A 579 31.29 6.30 2.27
C PHE A 579 32.77 6.38 1.90
N GLU A 580 33.35 7.56 2.07
CA GLU A 580 34.77 7.74 1.85
C GLU A 580 35.53 7.44 3.14
N ASP A 581 34.92 7.78 4.26
CA ASP A 581 35.50 7.51 5.58
C ASP A 581 35.57 6.01 5.85
N GLU A 582 36.76 5.51 6.13
CA GLU A 582 36.95 4.10 6.44
C GLU A 582 36.44 3.75 7.83
N GLY A 583 36.19 4.79 8.63
CA GLY A 583 35.57 4.61 9.92
C GLY A 583 34.11 4.24 9.76
N GLU A 584 33.44 4.91 8.82
CA GLU A 584 32.04 4.62 8.51
C GLU A 584 31.89 3.27 7.83
N ILE A 585 32.83 2.95 6.93
CA ILE A 585 32.80 1.68 6.22
C ILE A 585 32.87 0.51 7.19
N LEU A 586 33.82 0.58 8.12
CA LEU A 586 33.99 -0.47 9.12
C LEU A 586 32.78 -0.53 10.05
N LYS A 587 32.32 0.65 10.48
CA LYS A 587 31.15 0.74 11.33
C LYS A 587 29.94 0.09 10.68
N TRP A 588 29.79 0.32 9.38
CA TRP A 588 28.66 -0.23 8.64
C TRP A 588 28.83 -1.74 8.43
N LEU A 589 30.05 -2.18 8.21
CA LEU A 589 30.32 -3.60 7.96
C LEU A 589 30.13 -4.45 9.22
N MET A 590 30.22 -3.82 10.38
CA MET A 590 30.08 -4.55 11.64
C MET A 590 28.66 -4.49 12.19
N ARG A 591 27.96 -3.39 11.91
CA ARG A 591 26.63 -3.19 12.46
C ARG A 591 25.53 -3.66 11.50
N GLU A 592 25.70 -3.35 10.22
CA GLU A 592 24.72 -3.76 9.20
C GLU A 592 25.39 -4.16 7.90
N ASN A 593 25.99 -5.34 7.86
CA ASN A 593 26.63 -5.79 6.64
C ASN A 593 25.57 -6.13 5.58
N VAL A 594 26.01 -6.34 4.34
CA VAL A 594 25.12 -6.73 3.26
C VAL A 594 24.38 -8.01 3.61
N PRO A 595 23.21 -8.24 2.98
CA PRO A 595 22.49 -9.50 3.22
C PRO A 595 23.35 -10.72 2.93
N GLY A 596 23.43 -11.65 3.88
CA GLY A 596 24.20 -12.86 3.72
C GLY A 596 25.56 -12.82 4.38
N SER A 597 25.82 -11.76 5.15
CA SER A 597 27.09 -11.61 5.85
C SER A 597 26.87 -11.14 7.28
N PHE A 598 27.72 -11.59 8.19
CA PHE A 598 27.62 -11.24 9.61
C PHE A 598 27.64 -9.72 9.82
N PRO A 599 26.76 -9.21 10.69
CA PRO A 599 25.81 -9.93 11.55
C PRO A 599 24.45 -10.20 10.93
N TYR A 600 24.38 -10.28 9.60
CA TYR A 600 23.15 -10.65 8.90
C TYR A 600 21.96 -9.74 9.23
N THR A 601 22.25 -8.46 9.47
CA THR A 601 21.20 -7.52 9.85
C THR A 601 20.17 -7.35 8.74
N ALA A 602 20.64 -7.27 7.51
CA ALA A 602 19.78 -7.04 6.37
C ALA A 602 19.31 -8.35 5.74
N GLY A 603 19.47 -9.45 6.47
CA GLY A 603 19.03 -10.75 5.99
C GLY A 603 20.09 -11.83 6.17
N VAL A 604 19.63 -13.07 6.22
CA VAL A 604 20.53 -14.21 6.45
C VAL A 604 21.06 -14.78 5.14
N PHE A 605 20.40 -14.47 4.03
CA PHE A 605 20.83 -14.96 2.72
C PHE A 605 21.40 -13.81 1.89
N ALA A 606 22.19 -14.17 0.88
CA ALA A 606 22.80 -13.18 0.00
C ALA A 606 21.75 -12.45 -0.82
N PHE A 607 20.96 -13.20 -1.56
CA PHE A 607 19.90 -12.63 -2.38
C PHE A 607 18.59 -13.39 -2.19
N LYS A 608 17.47 -12.71 -2.41
CA LYS A 608 16.17 -13.34 -2.27
C LYS A 608 16.00 -14.41 -3.35
N ARG A 609 15.36 -15.52 -2.97
CA ARG A 609 15.23 -16.68 -3.84
C ARG A 609 14.19 -16.46 -4.93
N GLU A 610 14.53 -16.89 -6.15
CA GLU A 610 13.66 -16.73 -7.30
C GLU A 610 12.48 -17.70 -7.26
N GLY A 611 12.77 -18.93 -6.86
CA GLY A 611 11.78 -19.98 -6.84
C GLY A 611 10.62 -19.73 -5.88
N GLU A 612 10.93 -19.60 -4.60
CA GLU A 612 9.90 -19.41 -3.58
C GLU A 612 9.84 -17.98 -3.05
N ASP A 613 8.65 -17.39 -3.10
CA ASP A 613 8.38 -16.14 -2.39
C ASP A 613 8.32 -16.45 -0.90
N PRO A 614 8.35 -15.41 -0.05
CA PRO A 614 8.13 -15.69 1.38
C PRO A 614 6.68 -16.08 1.68
N THR A 615 5.83 -15.99 0.67
CA THR A 615 4.41 -16.28 0.81
C THR A 615 4.11 -17.67 1.38
N ARG A 616 3.38 -17.70 2.49
CA ARG A 616 2.89 -18.94 3.08
C ARG A 616 1.57 -18.69 3.78
N MET A 617 0.48 -19.16 3.17
CA MET A 617 -0.86 -18.81 3.63
C MET A 617 -1.50 -19.85 4.56
N PHE A 618 -2.08 -19.35 5.64
CA PHE A 618 -2.76 -20.15 6.68
C PHE A 618 -4.02 -20.82 6.14
N ALA A 619 -4.11 -22.14 6.27
CA ALA A 619 -5.28 -22.88 5.80
C ALA A 619 -5.66 -24.01 6.73
N GLY A 620 -6.91 -24.47 6.63
CA GLY A 620 -7.41 -25.54 7.46
C GLY A 620 -8.90 -25.43 7.71
N GLU A 621 -9.67 -26.37 7.16
CA GLU A 621 -11.13 -26.36 7.31
C GLU A 621 -11.72 -27.77 7.12
N GLY A 622 -12.62 -28.15 8.01
CA GLY A 622 -13.31 -29.42 7.90
C GLY A 622 -12.41 -30.63 8.04
N ASP A 623 -12.63 -31.65 7.22
CA ASP A 623 -11.81 -32.86 7.28
C ASP A 623 -10.61 -32.74 6.34
N ALA A 624 -9.77 -33.78 6.34
CA ALA A 624 -8.54 -33.76 5.55
C ALA A 624 -8.78 -33.60 4.06
N PHE A 625 -9.91 -34.13 3.58
CA PHE A 625 -10.24 -34.07 2.16
C PHE A 625 -10.50 -32.64 1.70
N ARG A 626 -11.21 -31.87 2.52
CA ARG A 626 -11.57 -30.50 2.16
C ARG A 626 -10.36 -29.56 2.20
N THR A 627 -9.50 -29.73 3.21
CA THR A 627 -8.32 -28.89 3.33
C THR A 627 -7.33 -29.18 2.21
N ASN A 628 -7.26 -30.45 1.80
CA ASN A 628 -6.40 -30.84 0.70
C ASN A 628 -6.74 -30.10 -0.60
N ARG A 629 -8.01 -29.73 -0.74
CA ARG A 629 -8.45 -28.98 -1.91
C ARG A 629 -8.15 -27.49 -1.75
N ARG A 630 -8.21 -26.99 -0.53
CA ARG A 630 -7.88 -25.60 -0.24
C ARG A 630 -6.38 -25.37 -0.40
N PHE A 631 -5.59 -26.37 -0.03
CA PHE A 631 -4.14 -26.29 -0.20
C PHE A 631 -3.77 -26.17 -1.67
N LYS A 632 -4.45 -26.92 -2.52
CA LYS A 632 -4.21 -26.88 -3.96
C LYS A 632 -4.68 -25.56 -4.55
N LEU A 633 -5.72 -24.98 -3.96
CA LEU A 633 -6.28 -23.71 -4.44
C LEU A 633 -5.32 -22.55 -4.19
N VAL A 634 -4.67 -22.55 -3.03
CA VAL A 634 -3.74 -21.50 -2.67
C VAL A 634 -2.43 -21.62 -3.45
N SER A 635 -1.96 -22.85 -3.62
CA SER A 635 -0.72 -23.11 -4.34
C SER A 635 -0.99 -23.41 -5.82
N GLU A 636 -2.04 -22.83 -6.36
CA GLU A 636 -2.41 -23.05 -7.75
C GLU A 636 -1.45 -22.33 -8.70
N GLY A 637 -0.77 -23.11 -9.54
CA GLY A 637 0.12 -22.56 -10.54
C GLY A 637 1.45 -22.10 -10.00
N MET A 638 1.68 -22.33 -8.71
CA MET A 638 2.94 -21.95 -8.07
C MET A 638 3.88 -23.13 -7.94
N GLU A 639 5.14 -22.92 -8.32
CA GLU A 639 6.18 -23.91 -8.09
C GLU A 639 6.46 -23.97 -6.59
N ALA A 640 6.26 -22.85 -5.92
CA ALA A 640 6.51 -22.75 -4.48
C ALA A 640 5.34 -23.28 -3.67
N LYS A 641 5.35 -24.58 -3.42
CA LYS A 641 4.33 -25.21 -2.58
C LYS A 641 4.63 -24.95 -1.11
N ARG A 642 4.13 -23.83 -0.60
CA ARG A 642 4.38 -23.45 0.79
C ARG A 642 3.08 -23.48 1.59
N LEU A 643 2.78 -24.63 2.17
CA LEU A 643 1.50 -24.83 2.86
C LEU A 643 1.58 -24.49 4.34
N SER A 644 0.49 -23.95 4.87
CA SER A 644 0.37 -23.66 6.29
C SER A 644 -0.93 -24.23 6.84
N THR A 645 -0.82 -25.25 7.70
CA THR A 645 -1.97 -26.01 8.16
C THR A 645 -2.49 -25.53 9.51
N ALA A 646 -3.82 -25.49 9.65
CA ALA A 646 -4.46 -25.13 10.90
C ALA A 646 -5.39 -26.26 11.36
N PHE A 647 -5.22 -26.70 12.60
CA PHE A 647 -6.01 -27.82 13.13
C PHE A 647 -7.17 -27.36 13.99
N ASP A 648 -8.22 -28.18 14.05
CA ASP A 648 -9.38 -27.87 14.86
C ASP A 648 -9.07 -28.05 16.35
N SER A 649 -9.90 -27.47 17.20
CA SER A 649 -9.67 -27.48 18.64
C SER A 649 -9.58 -28.89 19.22
N VAL A 650 -10.26 -29.84 18.59
CA VAL A 650 -10.20 -31.23 19.04
C VAL A 650 -8.79 -31.80 18.86
N THR A 651 -8.20 -31.54 17.70
CA THR A 651 -6.84 -32.02 17.41
C THR A 651 -5.80 -31.22 18.19
N LEU A 652 -6.06 -29.93 18.38
CA LEU A 652 -5.12 -29.06 19.09
C LEU A 652 -4.94 -29.49 20.56
N TYR A 653 -5.92 -30.24 21.07
CA TYR A 653 -5.86 -30.73 22.43
C TYR A 653 -5.56 -32.23 22.48
N GLY A 654 -5.17 -32.78 21.33
CA GLY A 654 -4.72 -34.16 21.24
C GLY A 654 -5.81 -35.20 21.39
N GLU A 655 -7.06 -34.80 21.15
CA GLU A 655 -8.18 -35.71 21.32
C GLU A 655 -8.69 -36.26 19.99
N ASP A 656 -9.36 -37.41 20.04
CA ASP A 656 -10.03 -37.97 18.88
C ASP A 656 -11.43 -37.38 18.77
N PRO A 657 -11.96 -37.31 17.54
CA PRO A 657 -13.36 -36.90 17.38
C PRO A 657 -14.31 -37.91 18.01
N HIS A 658 -15.40 -37.45 18.60
CA HIS A 658 -16.30 -38.35 19.32
C HIS A 658 -17.76 -37.89 19.24
N GLU A 659 -18.67 -38.84 19.46
CA GLU A 659 -20.10 -38.55 19.41
C GLU A 659 -20.53 -37.56 20.48
N ARG A 660 -19.86 -37.61 21.63
CA ARG A 660 -20.19 -36.79 22.79
C ARG A 660 -20.28 -35.30 22.42
N PRO A 661 -21.43 -34.67 22.74
CA PRO A 661 -21.76 -33.28 22.39
C PRO A 661 -20.63 -32.29 22.68
N ASP A 662 -19.92 -32.52 23.77
CA ASP A 662 -18.75 -31.72 24.13
C ASP A 662 -17.79 -31.59 22.97
N ILE A 663 -17.40 -32.74 22.44
CA ILE A 663 -16.35 -32.86 21.44
C ILE A 663 -16.90 -32.74 20.02
N TYR A 664 -18.05 -33.35 19.79
CA TYR A 664 -18.61 -33.46 18.44
C TYR A 664 -18.78 -32.11 17.75
N GLY A 665 -19.29 -31.12 18.48
CA GLY A 665 -19.50 -29.80 17.93
C GLY A 665 -18.21 -29.13 17.51
N LYS A 666 -17.11 -29.47 18.18
CA LYS A 666 -15.83 -28.83 17.92
C LYS A 666 -15.12 -29.41 16.70
N VAL A 667 -15.49 -30.62 16.32
CA VAL A 667 -14.81 -31.34 15.24
C VAL A 667 -14.96 -30.64 13.89
N GLY A 668 -13.85 -30.36 13.24
CA GLY A 668 -13.85 -29.78 11.91
C GLY A 668 -13.97 -28.27 11.91
N ASN A 669 -14.59 -27.73 12.96
CA ASN A 669 -14.76 -26.29 13.09
C ASN A 669 -13.45 -25.60 13.47
N SER A 670 -13.09 -24.56 12.71
CA SER A 670 -11.89 -23.77 12.96
C SER A 670 -10.61 -24.60 12.90
N GLY A 671 -10.38 -25.25 11.76
CA GLY A 671 -9.19 -26.06 11.57
C GLY A 671 -9.49 -27.46 11.08
N VAL A 672 -8.52 -28.09 10.42
CA VAL A 672 -8.71 -29.43 9.87
C VAL A 672 -8.71 -30.47 10.99
N SER A 673 -9.55 -31.49 10.84
CA SER A 673 -9.62 -32.57 11.82
C SER A 673 -8.70 -33.73 11.44
N ILE A 674 -7.59 -33.86 12.15
CA ILE A 674 -6.63 -34.92 11.91
C ILE A 674 -6.51 -35.84 13.13
N ALA A 675 -6.97 -37.08 13.00
CA ALA A 675 -7.03 -37.99 14.14
C ALA A 675 -6.08 -39.18 14.01
N THR A 676 -5.90 -39.65 12.79
CA THR A 676 -5.02 -40.80 12.54
C THR A 676 -3.99 -40.47 11.47
N LEU A 677 -3.01 -41.36 11.31
CA LEU A 677 -2.00 -41.21 10.27
C LEU A 677 -2.63 -41.20 8.89
N GLU A 678 -3.73 -41.93 8.75
CA GLU A 678 -4.45 -41.98 7.48
C GLU A 678 -5.01 -40.62 7.10
N ASP A 679 -5.56 -39.92 8.10
CA ASP A 679 -6.07 -38.56 7.91
C ASP A 679 -4.95 -37.62 7.48
N MET A 680 -3.76 -37.83 8.03
CA MET A 680 -2.59 -37.00 7.71
C MET A 680 -2.15 -37.20 6.25
N LYS A 681 -2.20 -38.45 5.79
CA LYS A 681 -1.81 -38.77 4.43
C LYS A 681 -2.77 -38.15 3.42
N VAL A 682 -4.06 -38.18 3.74
CA VAL A 682 -5.08 -37.57 2.90
C VAL A 682 -4.86 -36.06 2.82
N LEU A 683 -4.47 -35.47 3.95
CA LEU A 683 -4.26 -34.03 4.04
C LEU A 683 -3.21 -33.53 3.05
N TYR A 684 -2.13 -34.29 2.90
CA TYR A 684 -1.05 -33.86 2.01
C TYR A 684 -0.92 -34.77 0.80
N ASP A 685 -2.03 -35.32 0.34
CA ASP A 685 -2.03 -36.14 -0.86
C ASP A 685 -1.71 -35.28 -2.07
N GLY A 686 -0.96 -35.85 -3.02
CA GLY A 686 -0.58 -35.12 -4.22
C GLY A 686 0.67 -34.29 -4.03
N PHE A 687 0.77 -33.63 -2.88
CA PHE A 687 1.95 -32.84 -2.56
C PHE A 687 3.14 -33.73 -2.26
N ASP A 688 4.27 -33.43 -2.90
CA ASP A 688 5.50 -34.15 -2.63
C ASP A 688 6.24 -33.50 -1.46
N LEU A 689 6.17 -34.13 -0.29
CA LEU A 689 6.73 -33.55 0.92
C LEU A 689 8.26 -33.54 0.91
N THR A 690 8.85 -34.46 0.15
CA THR A 690 10.30 -34.57 0.06
C THR A 690 10.86 -33.72 -1.08
N ASN A 691 9.96 -33.16 -1.88
CA ASN A 691 10.36 -32.25 -2.96
C ASN A 691 11.02 -31.00 -2.40
N PRO A 692 12.18 -30.62 -2.97
CA PRO A 692 12.97 -29.48 -2.48
C PRO A 692 12.23 -28.15 -2.51
N SER A 693 11.19 -28.05 -3.34
CA SER A 693 10.43 -26.83 -3.47
C SER A 693 9.07 -26.93 -2.78
N THR A 694 9.01 -27.73 -1.72
CA THR A 694 7.77 -27.92 -0.98
C THR A 694 8.02 -27.97 0.53
N SER A 695 7.56 -26.94 1.23
CA SER A 695 7.68 -26.89 2.68
C SER A 695 6.29 -26.84 3.30
N VAL A 696 6.11 -27.60 4.37
CA VAL A 696 4.81 -27.67 5.04
C VAL A 696 4.88 -27.22 6.49
N SER A 697 4.19 -26.13 6.81
CA SER A 697 4.08 -25.65 8.17
C SER A 697 2.79 -26.12 8.81
N MET A 698 2.83 -26.39 10.11
CA MET A 698 1.64 -26.83 10.83
C MET A 698 1.60 -26.29 12.24
N THR A 699 0.48 -25.66 12.57
CA THR A 699 0.28 -25.03 13.88
C THR A 699 -0.24 -26.03 14.91
N ILE A 700 0.66 -26.52 15.74
CA ILE A 700 0.29 -27.46 16.79
C ILE A 700 1.30 -27.35 17.94
N ASN A 701 0.80 -27.32 19.18
CA ASN A 701 1.67 -27.11 20.33
C ASN A 701 1.73 -28.33 21.26
N GLY A 702 0.66 -28.56 22.00
CA GLY A 702 0.59 -29.69 22.92
C GLY A 702 0.89 -31.04 22.28
N PRO A 703 0.07 -31.46 21.32
CA PRO A 703 0.25 -32.75 20.63
C PRO A 703 1.30 -32.71 19.53
N ALA A 704 2.14 -31.67 19.52
CA ALA A 704 3.13 -31.49 18.46
C ALA A 704 4.01 -32.72 18.17
N PRO A 705 4.56 -33.38 19.21
CA PRO A 705 5.41 -34.53 18.87
C PRO A 705 4.65 -35.64 18.14
N THR A 706 3.39 -35.84 18.48
CA THR A 706 2.59 -36.89 17.85
C THR A 706 2.23 -36.52 16.40
N ILE A 707 1.83 -35.26 16.20
CA ILE A 707 1.48 -34.77 14.88
C ILE A 707 2.71 -34.80 13.96
N LEU A 708 3.86 -34.44 14.51
CA LEU A 708 5.12 -34.47 13.77
C LEU A 708 5.45 -35.89 13.33
N ALA A 709 5.21 -36.84 14.22
CA ALA A 709 5.45 -38.25 13.92
C ALA A 709 4.57 -38.71 12.76
N MET A 710 3.35 -38.22 12.72
CA MET A 710 2.43 -38.54 11.63
C MET A 710 2.94 -37.95 10.32
N PHE A 711 3.34 -36.68 10.37
CA PHE A 711 3.84 -36.00 9.18
C PHE A 711 5.09 -36.67 8.63
N MET A 712 5.97 -37.12 9.52
CA MET A 712 7.19 -37.80 9.11
C MET A 712 6.86 -39.13 8.43
N ASN A 713 5.96 -39.89 9.03
CA ASN A 713 5.52 -41.16 8.46
C ASN A 713 4.81 -40.98 7.13
N THR A 714 4.17 -39.83 6.96
CA THR A 714 3.50 -39.51 5.69
C THR A 714 4.53 -39.27 4.60
N ALA A 715 5.53 -38.45 4.91
CA ALA A 715 6.58 -38.13 3.96
C ALA A 715 7.37 -39.37 3.56
N ILE A 716 7.55 -40.29 4.51
CA ILE A 716 8.26 -41.52 4.25
C ILE A 716 7.44 -42.45 3.36
N ASP A 717 6.15 -42.60 3.68
CA ASP A 717 5.28 -43.48 2.92
C ASP A 717 5.05 -42.97 1.50
N GLN A 718 5.22 -41.68 1.29
CA GLN A 718 5.07 -41.10 -0.04
C GLN A 718 6.16 -41.58 -0.99
N GLN A 719 7.35 -41.82 -0.45
CA GLN A 719 8.47 -42.29 -1.25
C GLN A 719 8.48 -43.80 -1.38
N ILE A 720 7.92 -44.48 -0.39
CA ILE A 720 7.75 -45.93 -0.46
C ILE A 720 6.69 -46.25 -1.51
N ASP A 721 5.71 -45.36 -1.64
CA ASP A 721 4.69 -45.49 -2.67
C ASP A 721 5.27 -45.18 -4.04
N ARG A 722 6.10 -44.15 -4.11
CA ARG A 722 6.72 -43.73 -5.37
C ARG A 722 7.72 -44.76 -5.87
N PHE A 723 8.21 -45.60 -4.97
CA PHE A 723 9.14 -46.65 -5.34
C PHE A 723 8.41 -47.88 -5.86
N ARG A 724 7.30 -48.21 -5.21
CA ARG A 724 6.48 -49.35 -5.62
C ARG A 724 5.74 -49.06 -6.92
N ALA A 725 5.75 -47.79 -7.32
CA ALA A 725 5.10 -47.37 -8.55
C ALA A 725 6.09 -47.30 -9.71
N ASP A 726 7.30 -46.85 -9.42
CA ASP A 726 8.34 -46.70 -10.44
C ASP A 726 8.97 -48.04 -10.81
N ASN A 727 9.07 -48.93 -9.82
CA ASN A 727 9.71 -50.23 -10.04
C ASN A 727 8.70 -51.36 -10.20
N GLY A 728 7.49 -51.15 -9.71
CA GLY A 728 6.45 -52.16 -9.78
C GLY A 728 6.58 -53.21 -8.69
N ARG A 729 7.71 -53.17 -7.98
CA ARG A 729 7.96 -54.10 -6.89
C ARG A 729 8.18 -53.33 -5.59
N ASP A 730 7.78 -53.94 -4.48
CA ASP A 730 8.01 -53.33 -3.16
C ASP A 730 9.50 -53.35 -2.85
N PRO A 731 10.00 -52.27 -2.21
CA PRO A 731 11.41 -52.19 -1.84
C PRO A 731 11.79 -53.25 -0.80
N THR A 732 13.00 -53.79 -0.91
CA THR A 732 13.48 -54.77 0.06
C THR A 732 13.78 -54.11 1.39
N ALA A 733 14.20 -54.90 2.37
CA ALA A 733 14.50 -54.38 3.70
C ALA A 733 15.63 -53.34 3.64
N ASP A 734 16.61 -53.59 2.79
CA ASP A 734 17.74 -52.67 2.65
C ASP A 734 17.37 -51.45 1.82
N GLU A 735 16.51 -51.65 0.83
CA GLU A 735 16.07 -50.56 -0.02
C GLU A 735 15.15 -49.59 0.73
N GLU A 736 14.26 -50.14 1.55
CA GLU A 736 13.31 -49.34 2.31
C GLU A 736 14.02 -48.46 3.34
N ALA A 737 14.97 -49.06 4.06
CA ALA A 737 15.73 -48.34 5.08
C ALA A 737 16.58 -47.24 4.46
N LYS A 738 17.03 -47.45 3.23
CA LYS A 738 17.79 -46.45 2.50
C LYS A 738 16.90 -45.28 2.12
N ILE A 739 15.67 -45.59 1.72
CA ILE A 739 14.69 -44.57 1.36
C ILE A 739 14.27 -43.78 2.59
N ARG A 740 13.91 -44.50 3.65
CA ARG A 740 13.41 -43.90 4.89
C ARG A 740 14.42 -42.91 5.46
N ALA A 741 15.69 -43.26 5.43
CA ALA A 741 16.74 -42.40 5.96
C ALA A 741 16.92 -41.15 5.12
N TRP A 742 16.71 -41.29 3.81
CA TRP A 742 16.84 -40.16 2.89
C TRP A 742 15.71 -39.15 3.10
N VAL A 743 14.52 -39.67 3.36
CA VAL A 743 13.34 -38.83 3.57
C VAL A 743 13.53 -37.92 4.77
N LEU A 744 14.01 -38.49 5.87
CA LEU A 744 14.21 -37.75 7.12
C LEU A 744 15.16 -36.58 6.94
N GLN A 745 16.16 -36.74 6.09
CA GLN A 745 17.16 -35.69 5.87
C GLN A 745 16.60 -34.54 5.03
N ASN A 746 15.97 -34.88 3.91
CA ASN A 746 15.59 -33.89 2.91
C ASN A 746 14.21 -33.27 3.09
N VAL A 747 13.41 -33.80 4.01
CA VAL A 747 12.06 -33.29 4.21
C VAL A 747 12.08 -31.86 4.77
N ARG A 748 11.31 -30.97 4.13
CA ARG A 748 11.25 -29.57 4.54
C ARG A 748 9.91 -29.22 5.15
N GLY A 749 9.94 -28.42 6.23
CA GLY A 749 8.72 -28.03 6.91
C GLY A 749 8.98 -27.50 8.31
N THR A 750 7.91 -27.10 8.99
CA THR A 750 8.04 -26.53 10.34
C THR A 750 6.82 -26.81 11.21
N VAL A 751 7.08 -27.24 12.45
CA VAL A 751 6.03 -27.41 13.45
C VAL A 751 6.23 -26.42 14.59
N GLN A 752 5.15 -25.76 15.01
CA GLN A 752 5.24 -24.70 16.02
C GLN A 752 5.78 -25.20 17.37
N ALA A 753 4.92 -25.87 18.13
CA ALA A 753 5.34 -26.57 19.35
C ALA A 753 5.97 -25.68 20.42
N ASP A 754 5.65 -24.39 20.41
CA ASP A 754 6.18 -23.49 21.43
C ASP A 754 5.42 -23.69 22.74
N ILE A 755 5.98 -24.50 23.63
CA ILE A 755 5.33 -24.88 24.88
C ILE A 755 5.32 -23.74 25.88
N LEU A 756 6.42 -23.00 25.93
CA LEU A 756 6.58 -21.92 26.90
C LEU A 756 5.59 -20.79 26.67
N LYS A 757 5.13 -20.66 25.42
CA LYS A 757 4.16 -19.64 25.04
C LYS A 757 2.75 -20.06 25.45
N GLU A 758 2.54 -21.38 25.56
CA GLU A 758 1.24 -21.92 25.95
C GLU A 758 0.92 -21.59 27.41
N ASP A 759 1.96 -21.31 28.19
CA ASP A 759 1.78 -20.91 29.58
C ASP A 759 1.99 -19.40 29.73
N GLN A 760 2.02 -18.70 28.61
CA GLN A 760 2.25 -17.26 28.61
C GLN A 760 0.96 -16.46 28.46
N GLY A 761 -0.14 -17.15 28.14
CA GLY A 761 -1.43 -16.49 27.99
C GLY A 761 -2.37 -17.20 27.03
N GLN A 762 -1.83 -18.13 26.25
CA GLN A 762 -2.63 -18.88 25.28
C GLN A 762 -3.51 -19.91 25.97
N ASN A 763 -2.95 -20.58 26.99
CA ASN A 763 -3.66 -21.57 27.78
C ASN A 763 -4.25 -22.70 26.94
N THR A 764 -3.40 -23.32 26.12
CA THR A 764 -3.83 -24.41 25.25
C THR A 764 -2.90 -25.61 25.42
N CYS A 765 -2.30 -25.70 26.61
CA CYS A 765 -1.36 -26.77 26.89
C CYS A 765 -2.06 -27.94 27.59
N ILE A 766 -1.77 -29.16 27.13
CA ILE A 766 -2.43 -30.35 27.66
C ILE A 766 -1.50 -31.18 28.55
N PHE A 767 -0.20 -31.09 28.27
CA PHE A 767 0.80 -31.81 29.04
C PHE A 767 1.49 -30.87 30.02
N SER A 768 2.07 -31.43 31.07
CA SER A 768 2.85 -30.63 32.01
C SER A 768 4.07 -30.04 31.30
N THR A 769 4.37 -28.78 31.59
CA THR A 769 5.44 -28.05 30.91
C THR A 769 6.76 -28.80 30.92
N GLU A 770 7.05 -29.45 32.05
CA GLU A 770 8.28 -30.20 32.21
C GLU A 770 8.31 -31.43 31.28
N PHE A 771 7.15 -32.06 31.11
CA PHE A 771 7.08 -33.26 30.27
C PHE A 771 7.25 -32.90 28.80
N SER A 772 6.58 -31.84 28.37
CA SER A 772 6.65 -31.41 26.98
C SER A 772 8.08 -31.08 26.58
N LEU A 773 8.78 -30.38 27.47
CA LEU A 773 10.17 -30.01 27.22
C LEU A 773 11.07 -31.24 27.08
N LYS A 774 10.76 -32.29 27.84
CA LYS A 774 11.54 -33.52 27.76
C LYS A 774 11.35 -34.16 26.38
N VAL A 775 10.10 -34.24 25.95
CA VAL A 775 9.79 -34.81 24.64
C VAL A 775 10.30 -33.89 23.54
N MET A 776 10.22 -32.59 23.79
CA MET A 776 10.75 -31.59 22.86
C MET A 776 12.23 -31.86 22.60
N GLY A 777 12.96 -32.13 23.67
CA GLY A 777 14.36 -32.49 23.57
C GLY A 777 14.54 -33.83 22.87
N ASP A 778 13.63 -34.75 23.12
CA ASP A 778 13.67 -36.06 22.47
C ASP A 778 13.57 -35.93 20.96
N ILE A 779 12.75 -34.99 20.51
CA ILE A 779 12.60 -34.72 19.09
C ILE A 779 13.91 -34.16 18.52
N GLN A 780 14.45 -33.16 19.21
CA GLN A 780 15.66 -32.48 18.76
C GLN A 780 16.86 -33.43 18.73
N GLU A 781 16.87 -34.40 19.65
CA GLU A 781 17.89 -35.43 19.63
C GLU A 781 17.70 -36.35 18.43
N TYR A 782 16.45 -36.68 18.13
CA TYR A 782 16.12 -37.55 17.01
C TYR A 782 16.56 -36.92 15.69
N PHE A 783 16.34 -35.61 15.57
CA PHE A 783 16.74 -34.87 14.38
C PHE A 783 18.26 -34.96 14.16
N VAL A 784 19.01 -34.86 15.25
CA VAL A 784 20.46 -34.92 15.18
C VAL A 784 20.92 -36.29 14.70
N HIS A 785 20.32 -37.34 15.26
CA HIS A 785 20.73 -38.70 14.96
C HIS A 785 20.52 -39.07 13.49
N HIS A 786 19.45 -38.54 12.89
CA HIS A 786 19.12 -38.90 11.51
C HIS A 786 19.40 -37.77 10.52
N GLN A 787 20.17 -36.77 10.96
CA GLN A 787 20.58 -35.66 10.11
C GLN A 787 19.40 -34.90 9.48
N VAL A 788 18.32 -34.76 10.26
CA VAL A 788 17.16 -33.99 9.82
C VAL A 788 17.49 -32.50 9.85
N ARG A 789 18.06 -31.99 8.76
CA ARG A 789 18.57 -30.63 8.74
C ARG A 789 17.67 -29.65 7.98
N ASN A 790 16.59 -30.15 7.41
CA ASN A 790 15.69 -29.30 6.63
C ASN A 790 14.35 -29.09 7.33
N PHE A 791 14.25 -29.54 8.57
CA PHE A 791 13.01 -29.36 9.33
C PHE A 791 13.26 -28.59 10.62
N TYR A 792 12.34 -27.71 10.97
CA TYR A 792 12.46 -26.90 12.18
C TYR A 792 11.60 -27.46 13.30
N SER A 793 12.26 -27.86 14.38
CA SER A 793 11.59 -28.54 15.48
C SER A 793 10.59 -27.64 16.19
N VAL A 794 11.01 -26.43 16.54
CA VAL A 794 10.13 -25.51 17.25
C VAL A 794 10.11 -24.12 16.64
N SER A 795 8.94 -23.68 16.23
CA SER A 795 8.74 -22.31 15.76
C SER A 795 8.41 -21.39 16.93
N ILE A 796 9.46 -20.93 17.62
CA ILE A 796 9.34 -19.98 18.71
C ILE A 796 8.47 -18.80 18.31
N SER A 797 7.24 -18.79 18.81
CA SER A 797 6.27 -17.79 18.41
C SER A 797 6.17 -16.62 19.39
N GLY A 798 5.72 -15.48 18.87
CA GLY A 798 5.44 -14.32 19.68
C GLY A 798 4.17 -13.66 19.19
N TYR A 799 3.50 -14.33 18.26
CA TYR A 799 2.28 -13.81 17.64
C TYR A 799 1.15 -13.72 18.65
N HIS A 800 0.93 -14.81 19.38
CA HIS A 800 -0.12 -14.87 20.37
C HIS A 800 0.12 -13.85 21.47
N ILE A 801 1.40 -13.62 21.78
CA ILE A 801 1.78 -12.61 22.77
C ILE A 801 1.37 -11.23 22.29
N ALA A 802 1.55 -10.97 21.00
CA ALA A 802 1.22 -9.67 20.42
C ALA A 802 -0.29 -9.46 20.35
N GLU A 803 -1.01 -10.52 20.00
CA GLU A 803 -2.47 -10.46 19.93
C GLU A 803 -3.07 -10.18 21.29
N ALA A 804 -2.37 -10.58 22.34
CA ALA A 804 -2.83 -10.37 23.70
C ALA A 804 -2.68 -8.91 24.14
N GLY A 805 -1.97 -8.12 23.34
CA GLY A 805 -1.85 -6.70 23.59
C GLY A 805 -0.43 -6.19 23.73
N ALA A 806 0.54 -7.10 23.74
CA ALA A 806 1.94 -6.73 23.92
C ALA A 806 2.44 -5.85 22.79
N ASN A 807 3.10 -4.74 23.14
CA ASN A 807 3.68 -3.85 22.16
C ASN A 807 4.88 -4.53 21.50
N PRO A 808 5.31 -4.03 20.31
CA PRO A 808 6.40 -4.67 19.55
C PRO A 808 7.66 -4.98 20.36
N ILE A 809 8.06 -4.07 21.23
CA ILE A 809 9.29 -4.27 22.00
C ILE A 809 9.14 -5.45 22.96
N SER A 810 8.00 -5.51 23.66
CA SER A 810 7.73 -6.60 24.57
C SER A 810 7.64 -7.93 23.82
N GLN A 811 6.91 -7.94 22.71
CA GLN A 811 6.76 -9.13 21.89
C GLN A 811 8.12 -9.67 21.44
N LEU A 812 8.93 -8.79 20.87
CA LEU A 812 10.24 -9.17 20.36
C LEU A 812 11.15 -9.67 21.49
N ALA A 813 11.16 -8.93 22.60
CA ALA A 813 12.03 -9.26 23.72
C ALA A 813 11.66 -10.58 24.36
N PHE A 814 10.37 -10.78 24.62
CA PHE A 814 9.89 -12.01 25.23
C PHE A 814 10.19 -13.21 24.34
N THR A 815 9.93 -13.06 23.05
CA THR A 815 10.09 -14.16 22.10
C THR A 815 11.55 -14.58 21.98
N LEU A 816 12.44 -13.61 21.85
CA LEU A 816 13.88 -13.88 21.81
C LEU A 816 14.33 -14.51 23.12
N ALA A 817 13.81 -13.98 24.23
CA ALA A 817 14.11 -14.50 25.55
C ALA A 817 13.69 -15.95 25.64
N ASN A 818 12.49 -16.25 25.15
CA ASN A 818 11.98 -17.61 25.11
C ASN A 818 12.87 -18.50 24.24
N GLY A 819 13.29 -17.96 23.10
CA GLY A 819 14.18 -18.67 22.20
C GLY A 819 15.49 -19.00 22.86
N PHE A 820 16.04 -18.03 23.59
CA PHE A 820 17.29 -18.22 24.29
C PHE A 820 17.15 -19.23 25.44
N THR A 821 15.95 -19.32 25.99
CA THR A 821 15.66 -20.29 27.04
C THR A 821 15.75 -21.70 26.48
N TYR A 822 15.14 -21.91 25.32
CA TYR A 822 15.21 -23.20 24.64
C TYR A 822 16.65 -23.58 24.36
N VAL A 823 17.45 -22.58 24.00
CA VAL A 823 18.87 -22.79 23.75
C VAL A 823 19.57 -23.23 25.03
N GLU A 824 19.37 -22.47 26.10
CA GLU A 824 19.98 -22.78 27.39
C GLU A 824 19.55 -24.15 27.90
N ALA A 825 18.29 -24.50 27.66
CA ALA A 825 17.74 -25.77 28.11
C ALA A 825 18.43 -26.95 27.41
N TYR A 826 18.59 -26.85 26.10
CA TYR A 826 19.22 -27.90 25.31
C TYR A 826 20.70 -28.03 25.65
N LEU A 827 21.31 -26.91 26.04
CA LEU A 827 22.72 -26.91 26.41
C LEU A 827 22.92 -27.63 27.74
N ALA A 828 21.97 -27.43 28.65
CA ALA A 828 21.99 -28.11 29.94
C ALA A 828 21.72 -29.61 29.78
N ARG A 829 21.04 -29.98 28.70
CA ARG A 829 20.78 -31.38 28.40
C ARG A 829 22.06 -32.09 27.96
N GLY A 830 22.83 -31.42 27.11
CA GLY A 830 24.09 -31.97 26.64
C GLY A 830 24.20 -31.94 25.13
N MET A 831 23.37 -31.13 24.49
CA MET A 831 23.41 -30.99 23.04
C MET A 831 24.38 -29.89 22.65
N HIS A 832 25.04 -30.06 21.50
CA HIS A 832 25.96 -29.06 20.99
C HIS A 832 25.19 -27.94 20.29
N ILE A 833 25.69 -26.72 20.39
CA ILE A 833 24.99 -25.54 19.90
C ILE A 833 24.70 -25.59 18.40
N ASP A 834 25.57 -26.26 17.64
CA ASP A 834 25.41 -26.32 16.19
C ASP A 834 24.46 -27.42 15.74
N ASP A 835 23.85 -28.10 16.71
CA ASP A 835 22.95 -29.21 16.39
C ASP A 835 21.49 -28.81 16.44
N PHE A 836 21.14 -27.89 17.34
CA PHE A 836 19.74 -27.51 17.51
C PHE A 836 19.45 -26.06 17.09
N ALA A 837 20.48 -25.22 17.04
CA ALA A 837 20.31 -23.83 16.64
C ALA A 837 19.84 -23.64 15.19
N PRO A 838 20.39 -24.43 14.24
CA PRO A 838 19.89 -24.24 12.87
C PRO A 838 18.45 -24.75 12.67
N ASN A 839 17.90 -25.41 13.68
CA ASN A 839 16.54 -25.94 13.63
C ASN A 839 15.56 -25.10 14.46
N LEU A 840 15.84 -23.81 14.58
CA LEU A 840 14.98 -22.93 15.36
C LEU A 840 14.28 -21.89 14.49
N SER A 841 12.99 -22.11 14.25
CA SER A 841 12.17 -21.15 13.53
C SER A 841 11.61 -20.10 14.49
N PHE A 842 11.34 -18.91 13.98
CA PHE A 842 10.71 -17.86 14.77
C PHE A 842 9.40 -17.41 14.14
N PHE A 843 8.63 -16.62 14.89
CA PHE A 843 7.29 -16.21 14.48
C PHE A 843 6.93 -14.89 15.15
N PHE A 844 6.75 -13.85 14.35
CA PHE A 844 6.42 -12.53 14.88
C PHE A 844 5.16 -11.95 14.24
N SER A 845 4.57 -10.98 14.94
CA SER A 845 3.42 -10.25 14.43
C SER A 845 3.83 -8.85 13.98
N ASN A 846 3.36 -8.44 12.81
CA ASN A 846 3.65 -7.09 12.32
C ASN A 846 2.45 -6.17 12.46
N GLY A 847 2.62 -5.10 13.23
CA GLY A 847 1.55 -4.15 13.42
C GLY A 847 1.81 -2.83 12.73
N MET A 848 1.24 -1.76 13.27
CA MET A 848 1.39 -0.43 12.69
C MET A 848 2.47 0.37 13.39
N ASP A 849 2.83 -0.03 14.61
CA ASP A 849 3.83 0.68 15.40
C ASP A 849 5.16 0.78 14.65
N PRO A 850 5.88 1.91 14.82
CA PRO A 850 7.16 2.15 14.16
C PRO A 850 8.17 1.03 14.37
N GLU A 851 8.20 0.47 15.57
CA GLU A 851 9.19 -0.55 15.93
C GLU A 851 9.07 -1.80 15.06
N TYR A 852 7.90 -2.01 14.45
CA TYR A 852 7.68 -3.21 13.65
C TYR A 852 8.51 -3.21 12.38
N SER A 853 8.84 -2.01 11.90
CA SER A 853 9.59 -1.88 10.65
C SER A 853 11.01 -2.41 10.80
N VAL A 854 11.53 -2.36 12.03
CA VAL A 854 12.90 -2.78 12.29
C VAL A 854 12.95 -3.98 13.22
N LEU A 855 11.85 -4.71 13.33
CA LEU A 855 11.76 -5.84 14.25
C LEU A 855 12.64 -7.00 13.77
N GLY A 856 12.45 -7.39 12.52
CA GLY A 856 13.16 -8.52 11.95
C GLY A 856 14.67 -8.35 11.95
N ARG A 857 15.13 -7.16 11.58
CA ARG A 857 16.54 -6.88 11.49
C ARG A 857 17.20 -6.90 12.88
N VAL A 858 16.48 -6.38 13.88
CA VAL A 858 16.97 -6.40 15.26
C VAL A 858 17.07 -7.83 15.76
N ALA A 859 16.06 -8.63 15.48
CA ALA A 859 16.03 -10.03 15.88
C ALA A 859 17.22 -10.78 15.27
N ARG A 860 17.57 -10.43 14.05
CA ARG A 860 18.67 -11.11 13.36
C ARG A 860 20.03 -10.75 13.94
N ARG A 861 20.23 -9.49 14.30
CA ARG A 861 21.52 -9.05 14.82
C ARG A 861 21.75 -9.52 16.24
N ILE A 862 20.72 -9.41 17.08
CA ILE A 862 20.81 -9.86 18.46
C ILE A 862 21.14 -11.35 18.50
N TRP A 863 20.51 -12.10 17.59
CA TRP A 863 20.76 -13.53 17.48
C TRP A 863 22.17 -13.80 16.97
N ALA A 864 22.50 -13.21 15.82
CA ALA A 864 23.79 -13.47 15.16
C ALA A 864 24.98 -13.16 16.06
N VAL A 865 24.92 -12.03 16.75
CA VAL A 865 26.02 -11.61 17.63
C VAL A 865 26.19 -12.56 18.81
N THR A 866 25.11 -12.83 19.53
CA THR A 866 25.17 -13.69 20.70
C THR A 866 25.55 -15.12 20.33
N MET A 867 25.01 -15.63 19.22
CA MET A 867 25.30 -16.99 18.80
C MET A 867 26.77 -17.19 18.43
N ARG A 868 27.43 -16.10 18.01
CA ARG A 868 28.83 -16.18 17.62
C ARG A 868 29.76 -15.88 18.80
N ASP A 869 29.36 -14.92 19.63
CA ASP A 869 30.21 -14.48 20.73
C ASP A 869 29.95 -15.25 22.03
N LYS A 870 28.69 -15.36 22.42
CA LYS A 870 28.33 -16.03 23.66
C LYS A 870 28.38 -17.55 23.55
N TYR A 871 27.82 -18.09 22.48
CA TYR A 871 27.72 -19.55 22.33
C TYR A 871 28.73 -20.11 21.32
N GLY A 872 29.37 -19.22 20.57
CA GLY A 872 30.40 -19.61 19.63
C GLY A 872 29.95 -20.65 18.61
N ALA A 873 28.83 -20.37 17.95
CA ALA A 873 28.26 -21.30 16.99
C ALA A 873 28.67 -20.94 15.56
N ASN A 874 28.42 -21.85 14.63
CA ASN A 874 28.79 -21.63 13.23
C ASN A 874 27.85 -20.68 12.51
N ASP A 875 28.16 -20.41 11.24
CA ASP A 875 27.37 -19.48 10.43
C ASP A 875 25.92 -19.89 10.29
N ARG A 876 25.69 -21.20 10.15
CA ARG A 876 24.35 -21.71 9.95
C ARG A 876 23.47 -21.48 11.18
N SER A 877 24.12 -21.30 12.34
CA SER A 877 23.41 -21.14 13.59
C SER A 877 23.17 -19.68 13.95
N GLN A 878 23.99 -18.79 13.40
CA GLN A 878 23.88 -17.37 13.68
C GLN A 878 22.76 -16.71 12.87
N LYS A 879 22.23 -17.48 11.92
CA LYS A 879 21.19 -16.96 11.03
C LYS A 879 19.79 -17.22 11.58
N LEU A 880 19.19 -16.18 12.14
CA LEU A 880 17.83 -16.28 12.65
C LEU A 880 16.81 -16.19 11.51
N LYS A 881 16.02 -17.24 11.35
CA LYS A 881 14.99 -17.26 10.32
C LYS A 881 13.61 -17.15 10.96
N TYR A 882 12.78 -16.25 10.45
CA TYR A 882 11.49 -15.98 11.06
C TYR A 882 10.35 -15.88 10.06
N HIS A 883 9.13 -16.08 10.57
CA HIS A 883 7.93 -15.88 9.79
C HIS A 883 7.12 -14.73 10.36
N ILE A 884 6.74 -13.79 9.50
CA ILE A 884 5.93 -12.66 9.92
C ILE A 884 4.49 -12.80 9.45
N GLN A 885 3.56 -12.70 10.39
CA GLN A 885 2.14 -12.65 10.05
C GLN A 885 1.60 -11.29 10.44
N THR A 886 0.84 -10.68 9.54
CA THR A 886 0.26 -9.36 9.80
C THR A 886 -0.67 -9.40 11.02
N SER A 887 -0.81 -8.26 11.68
CA SER A 887 -1.53 -8.20 12.95
C SER A 887 -3.05 -8.31 12.76
N GLY A 888 -3.66 -9.20 13.53
CA GLY A 888 -5.11 -9.33 13.56
C GLY A 888 -5.70 -8.40 14.60
N ARG A 889 -4.83 -7.91 15.49
CA ARG A 889 -5.23 -6.95 16.52
C ARG A 889 -5.56 -5.60 15.88
N SER A 890 -4.94 -5.34 14.72
CA SER A 890 -5.14 -4.09 14.00
C SER A 890 -6.27 -4.20 12.99
N LEU A 891 -6.83 -5.40 12.85
CA LEU A 891 -7.95 -5.61 11.95
C LEU A 891 -9.26 -5.52 12.71
N HIS A 892 -10.15 -4.64 12.25
CA HIS A 892 -11.39 -4.35 12.98
C HIS A 892 -12.62 -4.79 12.21
N ALA A 893 -13.73 -4.98 12.92
CA ALA A 893 -15.00 -5.33 12.30
C ALA A 893 -15.68 -4.08 11.78
N GLN A 894 -15.38 -2.95 12.40
CA GLN A 894 -15.89 -1.66 11.93
C GLN A 894 -15.08 -1.21 10.70
N GLU A 895 -15.77 -1.09 9.56
CA GLU A 895 -15.13 -0.78 8.28
C GLU A 895 -14.05 -1.80 7.93
N ILE A 896 -14.47 -2.95 7.43
CA ILE A 896 -13.54 -4.04 7.14
C ILE A 896 -12.77 -3.82 5.84
N ASP A 897 -13.26 -2.92 5.00
CA ASP A 897 -12.59 -2.61 3.75
C ASP A 897 -11.29 -1.85 3.97
N PHE A 898 -11.17 -1.24 5.16
CA PHE A 898 -9.97 -0.49 5.52
C PHE A 898 -8.83 -1.43 5.89
N ASN A 899 -9.17 -2.64 6.29
CA ASN A 899 -8.18 -3.60 6.77
C ASN A 899 -7.13 -3.97 5.74
N ASP A 900 -7.50 -3.95 4.47
CA ASP A 900 -6.54 -4.26 3.42
C ASP A 900 -5.44 -3.20 3.33
N ILE A 901 -5.81 -1.96 3.64
CA ILE A 901 -4.84 -0.87 3.68
C ILE A 901 -3.79 -1.14 4.76
N ARG A 902 -4.25 -1.51 5.94
CA ARG A 902 -3.35 -1.81 7.06
C ARG A 902 -2.52 -3.06 6.78
N THR A 903 -3.15 -4.06 6.17
CA THR A 903 -2.49 -5.33 5.90
C THR A 903 -1.44 -5.17 4.80
N THR A 904 -1.62 -4.15 3.96
CA THR A 904 -0.65 -3.85 2.90
C THR A 904 0.62 -3.25 3.50
N LEU A 905 0.44 -2.19 4.29
CA LEU A 905 1.55 -1.49 4.92
C LEU A 905 2.39 -2.42 5.79
N GLN A 906 1.72 -3.37 6.45
CA GLN A 906 2.42 -4.33 7.30
C GLN A 906 3.17 -5.35 6.46
N ALA A 907 2.56 -5.78 5.36
CA ALA A 907 3.20 -6.72 4.47
C ALA A 907 4.44 -6.09 3.83
N LEU A 908 4.35 -4.80 3.54
CA LEU A 908 5.42 -4.09 2.85
C LEU A 908 6.70 -4.06 3.68
N ILE A 909 6.61 -3.60 4.92
CA ILE A 909 7.79 -3.50 5.77
C ILE A 909 8.35 -4.88 6.09
N ALA A 910 7.49 -5.88 6.08
CA ALA A 910 7.92 -7.26 6.29
C ALA A 910 8.79 -7.72 5.13
N ILE A 911 8.34 -7.41 3.92
CA ILE A 911 9.07 -7.77 2.71
C ILE A 911 10.31 -6.88 2.54
N TYR A 912 10.16 -5.59 2.84
CA TYR A 912 11.29 -4.66 2.83
C TYR A 912 12.43 -5.20 3.69
N ASP A 913 12.09 -5.59 4.91
CA ASP A 913 13.09 -6.03 5.88
C ASP A 913 13.47 -7.50 5.70
N ASN A 914 13.30 -8.00 4.48
CA ASN A 914 13.80 -9.31 4.06
C ASN A 914 13.37 -10.46 4.98
N CYS A 915 12.06 -10.58 5.20
CA CYS A 915 11.52 -11.66 6.01
C CYS A 915 11.66 -13.00 5.29
N ASN A 916 11.61 -14.09 6.04
CA ASN A 916 11.79 -15.42 5.48
C ASN A 916 10.46 -16.06 5.07
N SER A 917 9.39 -15.59 5.67
CA SER A 917 8.05 -16.12 5.37
C SER A 917 6.97 -15.13 5.81
N LEU A 918 5.98 -14.94 4.95
CA LEU A 918 4.94 -13.93 5.20
C LEU A 918 3.53 -14.51 5.06
N HIS A 919 2.71 -14.29 6.08
CA HIS A 919 1.28 -14.58 5.98
C HIS A 919 0.47 -13.29 5.99
N THR A 920 -0.45 -13.17 5.04
CA THR A 920 -1.30 -12.00 4.94
C THR A 920 -2.74 -12.34 5.33
N ASN A 921 -3.31 -11.52 6.21
CA ASN A 921 -4.67 -11.74 6.69
C ASN A 921 -5.73 -11.18 5.75
N ALA A 922 -6.89 -11.82 5.74
CA ALA A 922 -8.02 -11.37 4.94
C ALA A 922 -8.69 -10.15 5.57
N TYR A 923 -9.38 -9.37 4.75
CA TYR A 923 -9.99 -8.12 5.24
C TYR A 923 -11.17 -8.37 6.18
N ASP A 924 -11.74 -9.57 6.12
CA ASP A 924 -12.82 -9.94 7.03
C ASP A 924 -12.34 -10.93 8.09
N GLU A 925 -11.18 -10.65 8.67
CA GLU A 925 -10.59 -11.53 9.68
C GLU A 925 -11.30 -11.39 11.03
N ALA A 926 -11.83 -10.19 11.29
CA ALA A 926 -12.48 -9.92 12.56
C ALA A 926 -13.87 -10.52 12.65
N ILE A 927 -14.39 -10.99 11.51
CA ILE A 927 -15.75 -11.55 11.47
C ILE A 927 -15.73 -13.08 11.33
N THR A 928 -15.18 -13.58 10.23
CA THR A 928 -15.16 -15.02 9.97
C THR A 928 -13.78 -15.51 9.53
N THR A 929 -13.67 -16.82 9.33
CA THR A 929 -12.48 -17.40 8.73
C THR A 929 -12.42 -16.95 7.28
N PRO A 930 -11.21 -16.72 6.74
CA PRO A 930 -11.03 -16.19 5.38
C PRO A 930 -11.83 -16.94 4.31
N THR A 931 -12.69 -16.22 3.61
CA THR A 931 -13.50 -16.80 2.54
C THR A 931 -12.66 -17.03 1.29
N ALA A 932 -13.29 -17.51 0.23
CA ALA A 932 -12.58 -17.83 -1.01
C ALA A 932 -12.09 -16.57 -1.73
N GLU A 933 -12.95 -15.57 -1.80
CA GLU A 933 -12.62 -14.31 -2.45
C GLU A 933 -11.70 -13.47 -1.57
N SER A 934 -11.91 -13.55 -0.27
CA SER A 934 -11.19 -12.74 0.69
C SER A 934 -9.75 -13.23 0.90
N VAL A 935 -9.50 -14.50 0.57
CA VAL A 935 -8.16 -15.04 0.70
C VAL A 935 -7.33 -14.69 -0.54
N ARG A 936 -8.00 -14.28 -1.61
CA ARG A 936 -7.31 -13.84 -2.82
C ARG A 936 -6.83 -12.41 -2.65
N ARG A 937 -7.67 -11.56 -2.06
CA ARG A 937 -7.28 -10.18 -1.78
C ARG A 937 -6.10 -10.16 -0.82
N ALA A 938 -6.07 -11.11 0.12
CA ALA A 938 -4.96 -11.25 1.03
C ALA A 938 -3.71 -11.68 0.28
N LEU A 939 -3.87 -12.65 -0.61
CA LEU A 939 -2.74 -13.19 -1.37
C LEU A 939 -2.25 -12.20 -2.42
N ALA A 940 -3.13 -11.30 -2.86
CA ALA A 940 -2.78 -10.33 -3.89
C ALA A 940 -1.87 -9.24 -3.35
N ILE A 941 -2.01 -8.93 -2.06
CA ILE A 941 -1.13 -7.96 -1.41
C ILE A 941 0.33 -8.37 -1.55
N GLN A 942 0.61 -9.65 -1.35
CA GLN A 942 1.97 -10.14 -1.48
C GLN A 942 2.40 -10.17 -2.94
N LEU A 943 1.49 -10.58 -3.82
CA LEU A 943 1.80 -10.68 -5.23
C LEU A 943 2.06 -9.32 -5.86
N ILE A 944 1.29 -8.32 -5.45
CA ILE A 944 1.44 -6.96 -5.98
C ILE A 944 2.77 -6.36 -5.54
N ILE A 945 3.12 -6.49 -4.27
CA ILE A 945 4.36 -5.95 -3.74
C ILE A 945 5.58 -6.63 -4.38
N ASN A 946 5.52 -7.95 -4.47
CA ASN A 946 6.66 -8.72 -4.99
C ASN A 946 6.86 -8.57 -6.49
N ARG A 947 5.77 -8.31 -7.23
CA ARG A 947 5.86 -8.27 -8.68
C ARG A 947 5.70 -6.87 -9.28
N GLU A 948 4.71 -6.11 -8.81
CA GLU A 948 4.43 -4.80 -9.38
C GLU A 948 5.22 -3.68 -8.73
N TRP A 949 5.41 -3.76 -7.42
CA TRP A 949 5.98 -2.65 -6.65
C TRP A 949 7.45 -2.45 -6.97
N GLY A 950 7.78 -1.21 -7.36
CA GLY A 950 9.10 -0.88 -7.87
C GLY A 950 10.22 -0.89 -6.84
N VAL A 951 9.98 -0.28 -5.69
CA VAL A 951 11.00 -0.19 -4.64
C VAL A 951 11.39 -1.59 -4.15
N ALA A 952 10.46 -2.52 -4.25
CA ALA A 952 10.70 -3.89 -3.80
C ALA A 952 11.66 -4.64 -4.72
N LYS A 953 11.92 -4.08 -5.89
CA LYS A 953 12.91 -4.64 -6.82
C LYS A 953 14.30 -4.62 -6.19
N CYS A 954 14.50 -3.66 -5.29
CA CYS A 954 15.71 -3.57 -4.48
C CYS A 954 15.52 -4.40 -3.22
N GLU A 955 16.52 -5.20 -2.87
CA GLU A 955 16.37 -6.17 -1.79
C GLU A 955 16.86 -5.65 -0.44
N ASN A 956 17.55 -4.52 -0.44
CA ASN A 956 17.93 -3.88 0.82
C ASN A 956 17.56 -2.39 0.88
N PRO A 957 16.28 -2.07 0.68
CA PRO A 957 15.90 -0.66 0.62
C PRO A 957 15.94 0.02 1.98
N ASN A 958 15.87 -0.77 3.04
CA ASN A 958 15.92 -0.23 4.40
C ASN A 958 17.29 0.34 4.75
N GLN A 959 18.34 -0.32 4.26
CA GLN A 959 19.70 0.01 4.63
C GLN A 959 20.11 1.42 4.22
N GLY A 960 20.77 2.11 5.14
CA GLY A 960 21.22 3.46 4.89
C GLY A 960 20.35 4.50 5.58
N SER A 961 19.04 4.23 5.63
CA SER A 961 18.08 5.16 6.21
C SER A 961 18.46 5.57 7.64
N PHE A 962 18.49 6.87 7.88
CA PHE A 962 18.83 7.40 9.19
C PHE A 962 17.78 6.97 10.22
N LEU A 963 16.53 6.88 9.77
CA LEU A 963 15.45 6.44 10.64
C LEU A 963 15.59 4.96 10.97
N ILE A 964 15.93 4.15 9.98
CA ILE A 964 16.06 2.71 10.17
C ILE A 964 17.17 2.37 11.14
N GLU A 965 18.35 2.95 10.92
CA GLU A 965 19.50 2.65 11.75
C GLU A 965 19.30 3.12 13.20
N GLU A 966 18.65 4.26 13.37
CA GLU A 966 18.38 4.77 14.70
C GLU A 966 17.34 3.91 15.41
N LEU A 967 16.28 3.56 14.70
CA LEU A 967 15.24 2.71 15.26
C LEU A 967 15.77 1.32 15.56
N THR A 968 16.66 0.83 14.70
CA THR A 968 17.29 -0.47 14.92
C THR A 968 18.08 -0.44 16.22
N ASP A 969 18.82 0.64 16.44
CA ASP A 969 19.60 0.81 17.67
C ASP A 969 18.70 0.92 18.90
N LEU A 970 17.65 1.73 18.80
CA LEU A 970 16.73 1.96 19.91
C LEU A 970 16.01 0.67 20.32
N VAL A 971 15.39 0.02 19.35
CA VAL A 971 14.65 -1.22 19.61
C VAL A 971 15.55 -2.29 20.21
N GLU A 972 16.75 -2.44 19.63
CA GLU A 972 17.72 -3.40 20.11
C GLU A 972 18.06 -3.18 21.58
N GLU A 973 18.31 -1.92 21.95
CA GLU A 973 18.65 -1.58 23.32
C GLU A 973 17.49 -1.84 24.26
N ALA A 974 16.28 -1.46 23.84
CA ALA A 974 15.09 -1.68 24.65
C ALA A 974 14.88 -3.17 24.93
N VAL A 975 15.15 -4.01 23.94
CA VAL A 975 15.06 -5.45 24.11
C VAL A 975 16.09 -5.94 25.12
N LEU A 976 17.31 -5.42 25.02
CA LEU A 976 18.39 -5.80 25.94
C LEU A 976 18.04 -5.46 27.37
N GLN A 977 17.45 -4.29 27.58
CA GLN A 977 17.03 -3.88 28.92
C GLN A 977 15.94 -4.80 29.44
N GLU A 978 15.06 -5.23 28.55
CA GLU A 978 14.02 -6.18 28.93
C GLU A 978 14.63 -7.53 29.26
N PHE A 979 15.67 -7.91 28.53
CA PHE A 979 16.42 -9.12 28.83
C PHE A 979 16.92 -9.09 30.26
N GLU A 980 17.39 -7.91 30.68
CA GLU A 980 17.95 -7.74 32.00
C GLU A 980 16.89 -7.85 33.09
N ARG A 981 15.72 -7.26 32.85
CA ARG A 981 14.63 -7.32 33.82
C ARG A 981 14.16 -8.76 34.05
N ILE A 982 14.15 -9.55 32.98
CA ILE A 982 13.75 -10.95 33.09
C ILE A 982 14.85 -11.76 33.77
N ALA A 983 16.09 -11.41 33.50
CA ALA A 983 17.23 -12.11 34.09
C ALA A 983 17.26 -11.95 35.60
N GLU A 984 16.93 -10.76 36.08
CA GLU A 984 16.92 -10.49 37.51
C GLU A 984 15.59 -10.92 38.15
N ARG A 985 14.90 -11.82 37.48
CA ARG A 985 13.70 -12.44 38.04
C ARG A 985 13.84 -13.96 37.98
N GLY A 986 15.03 -14.42 37.64
CA GLY A 986 15.34 -15.84 37.61
C GLY A 986 15.30 -16.43 36.21
N GLY A 987 15.49 -15.58 35.21
CA GLY A 987 15.36 -16.01 33.83
C GLY A 987 13.91 -16.02 33.41
N VAL A 988 13.63 -16.58 32.23
CA VAL A 988 12.27 -16.63 31.72
C VAL A 988 11.37 -17.47 32.63
N LEU A 989 11.85 -18.65 33.00
CA LEU A 989 11.08 -19.54 33.86
C LEU A 989 10.79 -18.90 35.21
N GLY A 990 11.80 -18.26 35.79
CA GLY A 990 11.65 -17.60 37.07
C GLY A 990 10.66 -16.47 37.01
N ALA A 991 10.64 -15.76 35.89
CA ALA A 991 9.71 -14.65 35.69
C ALA A 991 8.28 -15.17 35.52
N MET A 992 8.16 -16.37 34.96
CA MET A 992 6.84 -16.97 34.75
C MET A 992 6.22 -17.44 36.05
N GLU A 993 7.06 -17.62 37.07
CA GLU A 993 6.57 -17.98 38.40
C GLU A 993 5.83 -16.79 39.01
N THR A 994 6.31 -15.59 38.70
CA THR A 994 5.69 -14.36 39.19
C THR A 994 4.55 -13.91 38.28
N GLY A 995 4.49 -14.52 37.11
CA GLY A 995 3.54 -14.09 36.10
C GLY A 995 3.94 -12.73 35.56
N TYR A 996 5.24 -12.50 35.45
CA TYR A 996 5.78 -11.23 35.00
C TYR A 996 5.41 -10.93 33.55
N GLN A 997 5.55 -11.93 32.69
CA GLN A 997 5.19 -11.77 31.28
C GLN A 997 3.71 -11.49 31.13
N ARG A 998 2.89 -12.40 31.66
CA ARG A 998 1.43 -12.27 31.57
C ARG A 998 0.97 -10.95 32.17
N GLY A 999 1.66 -10.51 33.22
CA GLY A 999 1.36 -9.24 33.87
C GLY A 999 1.64 -8.05 32.98
N LYS A 1000 2.85 -8.00 32.43
CA LYS A 1000 3.26 -6.90 31.58
C LYS A 1000 2.38 -6.81 30.34
N ILE A 1001 2.07 -7.97 29.76
CA ILE A 1001 1.20 -8.05 28.59
C ILE A 1001 -0.17 -7.44 28.86
N GLN A 1002 -0.79 -7.89 29.95
CA GLN A 1002 -2.10 -7.39 30.34
C GLN A 1002 -2.08 -5.89 30.60
N GLU A 1003 -0.96 -5.38 31.10
CA GLU A 1003 -0.78 -3.95 31.32
C GLU A 1003 -0.79 -3.19 30.00
N GLU A 1004 0.10 -3.59 29.09
CA GLU A 1004 0.23 -2.93 27.80
C GLU A 1004 -1.04 -3.05 26.97
N SER A 1005 -1.79 -4.13 27.20
CA SER A 1005 -3.06 -4.32 26.52
C SER A 1005 -4.05 -3.25 26.94
N LEU A 1006 -4.13 -3.00 28.25
CA LEU A 1006 -5.06 -2.00 28.78
C LEU A 1006 -4.64 -0.59 28.39
N TYR A 1007 -3.33 -0.37 28.29
CA TYR A 1007 -2.82 0.95 27.88
C TYR A 1007 -3.22 1.23 26.44
N TYR A 1008 -3.25 0.18 25.62
CA TYR A 1008 -3.71 0.31 24.24
C TYR A 1008 -5.20 0.64 24.22
N GLU A 1009 -5.97 -0.07 25.04
CA GLU A 1009 -7.41 0.12 25.10
C GLU A 1009 -7.79 1.44 25.75
N GLN A 1010 -6.96 1.89 26.70
CA GLN A 1010 -7.20 3.14 27.39
C GLN A 1010 -7.06 4.33 26.45
N LEU A 1011 -6.26 4.15 25.39
CA LEU A 1011 -6.02 5.22 24.43
C LEU A 1011 -6.92 5.08 23.20
N LYS A 1012 -7.21 3.84 22.81
CA LYS A 1012 -8.10 3.57 21.69
C LYS A 1012 -9.51 4.05 21.98
N HIS A 1013 -9.99 3.72 23.18
CA HIS A 1013 -11.32 4.12 23.63
C HIS A 1013 -11.38 5.63 23.82
N ASP A 1014 -10.29 6.21 24.31
CA ASP A 1014 -10.23 7.64 24.61
C ASP A 1014 -10.21 8.49 23.34
N GLY A 1015 -9.43 8.06 22.36
CA GLY A 1015 -9.27 8.81 21.13
C GLY A 1015 -7.86 9.32 20.96
N THR A 1016 -7.04 9.09 21.99
CA THR A 1016 -5.63 9.46 21.96
C THR A 1016 -4.91 8.72 20.84
N LEU A 1017 -5.13 7.41 20.79
CA LEU A 1017 -4.60 6.58 19.71
C LEU A 1017 -5.66 6.42 18.62
N PRO A 1018 -5.50 7.14 17.50
CA PRO A 1018 -6.52 7.16 16.45
C PRO A 1018 -6.58 5.87 15.65
N ILE A 1019 -7.79 5.34 15.46
CA ILE A 1019 -8.00 4.19 14.60
C ILE A 1019 -9.07 4.55 13.57
N ILE A 1020 -8.68 4.65 12.31
CA ILE A 1020 -9.58 5.11 11.25
C ILE A 1020 -10.75 4.16 11.04
N GLY A 1021 -11.96 4.71 11.15
CA GLY A 1021 -13.16 3.92 10.99
C GLY A 1021 -13.72 3.44 12.32
N VAL A 1022 -12.88 3.45 13.35
CA VAL A 1022 -13.27 3.00 14.68
C VAL A 1022 -13.54 4.17 15.62
N ASN A 1023 -12.48 4.85 16.07
CA ASN A 1023 -12.65 5.96 17.00
C ASN A 1023 -12.58 7.32 16.30
N THR A 1024 -12.48 7.29 14.98
CA THR A 1024 -12.50 8.50 14.17
C THR A 1024 -12.86 8.15 12.73
N PHE A 1025 -13.36 9.14 11.99
CA PHE A 1025 -13.80 8.95 10.61
C PHE A 1025 -14.84 7.83 10.55
N ARG A 1026 -15.73 7.80 11.54
CA ARG A 1026 -16.78 6.80 11.60
C ARG A 1026 -17.79 7.03 10.48
N ASN A 1027 -18.39 5.94 10.00
CA ASN A 1027 -19.31 6.02 8.88
C ASN A 1027 -20.71 6.46 9.28
N PRO A 1028 -21.17 7.60 8.74
CA PRO A 1028 -22.52 8.10 9.01
C PRO A 1028 -23.62 7.15 8.51
N ASN A 1029 -23.41 6.58 7.33
CA ASN A 1029 -24.42 5.70 6.72
C ASN A 1029 -24.45 4.30 7.32
N GLY A 1030 -23.30 3.80 7.74
CA GLY A 1030 -23.21 2.45 8.26
C GLY A 1030 -23.39 2.36 9.76
N ASP A 1031 -24.59 1.97 10.18
CA ASP A 1031 -24.87 1.78 11.61
C ASP A 1031 -24.11 0.57 12.18
N PRO A 1032 -24.17 -0.60 11.52
CA PRO A 1032 -23.37 -1.69 12.08
C PRO A 1032 -22.01 -1.80 11.42
N ARG A 1041 -18.62 -23.90 8.38
CA ARG A 1041 -17.72 -24.34 9.43
C ARG A 1041 -17.29 -25.79 9.21
N SER A 1042 -18.20 -26.72 9.49
CA SER A 1042 -17.92 -28.14 9.30
C SER A 1042 -19.20 -28.93 9.00
N SER A 1043 -19.24 -29.56 7.83
CA SER A 1043 -20.41 -30.33 7.41
C SER A 1043 -20.70 -31.49 8.34
N GLU A 1044 -21.97 -31.81 8.51
CA GLU A 1044 -22.39 -32.94 9.32
C GLU A 1044 -21.80 -34.23 8.77
N ASP A 1045 -21.79 -34.34 7.44
CA ASP A 1045 -21.22 -35.50 6.77
C ASP A 1045 -19.73 -35.62 7.04
N GLU A 1046 -19.05 -34.47 7.14
CA GLU A 1046 -17.63 -34.44 7.43
C GLU A 1046 -17.33 -34.95 8.84
N LYS A 1047 -18.19 -34.60 9.79
CA LYS A 1047 -18.02 -35.06 11.16
C LYS A 1047 -18.23 -36.57 11.23
N GLN A 1048 -19.26 -37.05 10.55
CA GLN A 1048 -19.52 -38.49 10.48
C GLN A 1048 -18.40 -39.21 9.75
N SER A 1049 -17.80 -38.53 8.78
CA SER A 1049 -16.66 -39.09 8.05
C SER A 1049 -15.50 -39.37 9.01
N GLN A 1050 -15.15 -38.36 9.81
CA GLN A 1050 -14.05 -38.48 10.74
C GLN A 1050 -14.31 -39.57 11.78
N LEU A 1051 -15.56 -39.71 12.19
CA LEU A 1051 -15.93 -40.73 13.16
C LEU A 1051 -15.78 -42.12 12.57
N HIS A 1052 -16.20 -42.27 11.31
CA HIS A 1052 -16.13 -43.56 10.63
C HIS A 1052 -14.70 -43.94 10.31
N ARG A 1053 -13.92 -42.97 9.84
CA ARG A 1053 -12.51 -43.20 9.54
C ARG A 1053 -11.72 -43.56 10.78
N LEU A 1054 -12.17 -43.06 11.93
CA LEU A 1054 -11.52 -43.33 13.20
C LEU A 1054 -11.76 -44.77 13.66
N THR A 1055 -13.03 -45.15 13.78
CA THR A 1055 -13.38 -46.49 14.23
C THR A 1055 -12.93 -47.55 13.23
N GLU A 1056 -12.78 -47.14 11.97
CA GLU A 1056 -12.23 -48.02 10.94
C GLU A 1056 -10.75 -48.24 11.18
N PHE A 1057 -10.05 -47.17 11.53
CA PHE A 1057 -8.64 -47.22 11.85
C PHE A 1057 -8.40 -48.05 13.10
N HIS A 1058 -9.26 -47.87 14.10
CA HIS A 1058 -9.14 -48.56 15.38
C HIS A 1058 -9.31 -50.07 15.23
N GLY A 1059 -10.26 -50.48 14.41
CA GLY A 1059 -10.51 -51.90 14.18
C GLY A 1059 -9.38 -52.54 13.39
N ALA A 1060 -8.75 -51.75 12.52
CA ALA A 1060 -7.69 -52.25 11.65
C ALA A 1060 -6.38 -52.48 12.40
N HIS A 1061 -6.28 -51.94 13.61
CA HIS A 1061 -5.08 -52.10 14.42
C HIS A 1061 -5.40 -52.55 15.83
N GLN A 1062 -6.50 -53.28 16.00
CA GLN A 1062 -6.96 -53.69 17.32
C GLN A 1062 -5.94 -54.55 18.04
N ALA A 1063 -5.21 -55.37 17.28
CA ALA A 1063 -4.24 -56.29 17.87
C ALA A 1063 -2.98 -55.57 18.37
N ASP A 1064 -2.46 -54.68 17.55
CA ASP A 1064 -1.20 -53.99 17.85
C ASP A 1064 -1.42 -52.72 18.67
N ALA A 1065 -2.68 -52.43 18.98
CA ALA A 1065 -3.03 -51.18 19.67
C ALA A 1065 -2.46 -51.13 21.07
N GLU A 1066 -2.94 -52.01 21.95
CA GLU A 1066 -2.55 -51.98 23.36
C GLU A 1066 -1.06 -52.26 23.55
N ALA A 1067 -0.52 -53.11 22.70
CA ALA A 1067 0.90 -53.46 22.77
C ALA A 1067 1.77 -52.23 22.55
N MET A 1068 1.42 -51.45 21.53
CA MET A 1068 2.16 -50.24 21.19
C MET A 1068 2.01 -49.17 22.27
N LEU A 1069 0.80 -49.02 22.78
CA LEU A 1069 0.52 -48.01 23.81
C LEU A 1069 1.27 -48.30 25.10
N ALA A 1070 1.39 -49.58 25.44
CA ALA A 1070 2.13 -49.97 26.62
C ALA A 1070 3.62 -49.69 26.44
N ARG A 1071 4.12 -49.96 25.23
CA ARG A 1071 5.50 -49.69 24.90
C ARG A 1071 5.82 -48.20 25.04
N LEU A 1072 4.85 -47.36 24.66
CA LEU A 1072 5.01 -45.92 24.73
C LEU A 1072 5.14 -45.44 26.16
N ARG A 1073 4.33 -46.00 27.05
CA ARG A 1073 4.37 -45.63 28.46
C ARG A 1073 5.69 -46.05 29.09
N GLN A 1074 6.13 -47.27 28.79
CA GLN A 1074 7.37 -47.81 29.34
C GLN A 1074 8.57 -46.98 28.91
N ALA A 1075 8.47 -46.35 27.75
CA ALA A 1075 9.54 -45.49 27.25
C ALA A 1075 9.63 -44.21 28.06
N VAL A 1076 8.54 -43.82 28.70
CA VAL A 1076 8.54 -42.65 29.56
C VAL A 1076 9.05 -43.02 30.95
N ILE A 1077 8.63 -44.19 31.43
CA ILE A 1077 9.08 -44.70 32.72
C ILE A 1077 10.59 -44.97 32.71
N ASP A 1078 11.06 -45.59 31.63
CA ASP A 1078 12.48 -45.91 31.50
C ASP A 1078 13.28 -44.73 30.97
N ASN A 1079 12.64 -43.56 30.90
CA ASN A 1079 13.27 -42.32 30.49
C ASN A 1079 13.99 -42.43 29.14
N ARG A 1080 13.40 -43.19 28.23
CA ARG A 1080 13.94 -43.34 26.89
C ARG A 1080 13.50 -42.18 26.00
N ASN A 1081 13.69 -42.32 24.69
CA ASN A 1081 13.24 -41.30 23.74
C ASN A 1081 11.79 -41.50 23.35
N VAL A 1082 10.96 -40.52 23.69
CA VAL A 1082 9.51 -40.62 23.47
C VAL A 1082 9.15 -40.52 21.99
N PHE A 1083 9.77 -39.58 21.30
CA PHE A 1083 9.47 -39.36 19.88
C PHE A 1083 9.83 -40.59 19.05
N ALA A 1084 10.89 -41.27 19.45
CA ALA A 1084 11.35 -42.47 18.74
C ALA A 1084 10.26 -43.53 18.71
N VAL A 1085 9.50 -43.63 19.80
CA VAL A 1085 8.41 -44.58 19.89
C VAL A 1085 7.21 -44.09 19.08
N LEU A 1086 6.98 -42.77 19.11
CA LEU A 1086 5.87 -42.17 18.39
C LEU A 1086 5.98 -42.40 16.88
N MET A 1087 7.21 -42.50 16.39
CA MET A 1087 7.46 -42.77 14.98
C MET A 1087 6.89 -44.12 14.56
N ASP A 1088 6.73 -45.02 15.54
CA ASP A 1088 6.14 -46.32 15.28
C ASP A 1088 4.69 -46.35 15.77
N ALA A 1089 4.40 -45.51 16.77
CA ALA A 1089 3.10 -45.53 17.44
C ALA A 1089 1.97 -45.03 16.57
N VAL A 1090 2.24 -44.01 15.76
CA VAL A 1090 1.20 -43.35 14.98
C VAL A 1090 0.64 -44.22 13.85
N ARG A 1091 1.29 -45.36 13.61
CA ARG A 1091 0.89 -46.25 12.52
C ARG A 1091 -0.15 -47.26 12.97
N VAL A 1092 -0.35 -47.37 14.28
CA VAL A 1092 -1.31 -48.32 14.83
C VAL A 1092 -2.16 -47.69 15.93
N CYS A 1093 -1.90 -46.42 16.23
CA CYS A 1093 -2.65 -45.72 17.27
C CYS A 1093 -3.18 -44.38 16.78
N SER A 1094 -4.28 -43.94 17.37
CA SER A 1094 -4.85 -42.64 17.03
C SER A 1094 -4.28 -41.56 17.92
N LEU A 1095 -4.55 -40.31 17.58
CA LEU A 1095 -4.07 -39.17 18.34
C LEU A 1095 -4.56 -39.24 19.79
N GLY A 1096 -5.85 -39.47 19.96
CA GLY A 1096 -6.45 -39.56 21.27
C GLY A 1096 -5.86 -40.67 22.12
N GLN A 1097 -5.66 -41.83 21.50
CA GLN A 1097 -5.09 -42.98 22.19
C GLN A 1097 -3.69 -42.68 22.72
N ILE A 1098 -2.87 -42.06 21.87
CA ILE A 1098 -1.51 -41.70 22.25
C ILE A 1098 -1.50 -40.66 23.36
N THR A 1099 -2.33 -39.63 23.21
CA THR A 1099 -2.41 -38.56 24.21
C THR A 1099 -2.83 -39.10 25.58
N HIS A 1100 -3.88 -39.92 25.58
CA HIS A 1100 -4.40 -40.50 26.82
C HIS A 1100 -3.40 -41.46 27.45
N ALA A 1101 -2.58 -42.10 26.62
CA ALA A 1101 -1.54 -42.98 27.12
C ALA A 1101 -0.52 -42.18 27.91
N LEU A 1102 -0.12 -41.04 27.35
CA LEU A 1102 0.86 -40.18 28.00
C LEU A 1102 0.28 -39.50 29.23
N PHE A 1103 -1.03 -39.30 29.27
CA PHE A 1103 -1.67 -38.71 30.44
C PHE A 1103 -1.40 -39.55 31.68
N GLU A 1104 -1.29 -40.86 31.48
CA GLU A 1104 -1.08 -41.80 32.57
C GLU A 1104 0.38 -41.82 33.04
N VAL A 1105 1.27 -41.31 32.21
CA VAL A 1105 2.69 -41.45 32.46
C VAL A 1105 3.43 -40.11 32.29
N GLY A 1106 2.69 -39.08 31.93
CA GLY A 1106 3.26 -37.75 31.77
C GLY A 1106 2.44 -36.68 32.46
N GLY A 1107 1.19 -37.03 32.78
CA GLY A 1107 0.31 -36.14 33.51
C GLY A 1107 -0.27 -35.02 32.69
N GLN A 1108 -1.44 -34.55 33.10
CA GLN A 1108 -2.12 -33.44 32.43
C GLN A 1108 -1.66 -32.10 33.00
N TYR A 1109 -1.78 -31.05 32.20
CA TYR A 1109 -1.45 -29.71 32.62
C TYR A 1109 -2.34 -29.26 33.77
N ARG A 1110 -1.76 -28.60 34.76
CA ARG A 1110 -2.52 -28.06 35.88
C ARG A 1110 -2.81 -26.59 35.66
N ARG A 1111 -4.08 -26.21 35.79
CA ARG A 1111 -4.51 -24.85 35.50
C ARG A 1111 -4.04 -23.85 36.56
N ASN A 1112 -3.74 -22.63 36.10
CA ASN A 1112 -3.34 -21.56 36.99
C ASN A 1112 -4.45 -20.51 37.08
N MET A 1113 -4.67 -19.98 38.28
CA MET A 1113 -5.70 -18.97 38.46
C MET A 1113 -5.31 -17.67 37.74
N GLY B 42 -9.33 -5.29 -59.37
CA GLY B 42 -9.31 -4.25 -58.36
C GLY B 42 -10.54 -3.36 -58.42
N PRO B 43 -10.45 -2.17 -57.81
CA PRO B 43 -11.57 -1.21 -57.81
C PRO B 43 -11.90 -0.70 -59.21
N ALA B 44 -13.19 -0.46 -59.47
CA ALA B 44 -13.63 0.02 -60.77
C ALA B 44 -13.35 1.52 -60.91
N ASN B 45 -13.90 2.31 -59.99
CA ASN B 45 -13.71 3.75 -60.01
C ASN B 45 -12.67 4.19 -59.00
N LYS B 46 -12.32 5.47 -59.04
CA LYS B 46 -11.45 6.04 -58.02
C LYS B 46 -12.27 6.38 -56.78
N VAL B 47 -12.01 5.65 -55.71
CA VAL B 47 -12.77 5.76 -54.47
C VAL B 47 -12.19 6.81 -53.53
N ARG B 48 -12.99 7.84 -53.26
CA ARG B 48 -12.57 8.92 -52.37
C ARG B 48 -13.23 8.82 -51.00
N PHE B 49 -12.46 9.09 -49.96
CA PHE B 49 -12.94 9.02 -48.58
C PHE B 49 -12.69 10.30 -47.82
N VAL B 50 -13.55 10.59 -46.85
CA VAL B 50 -13.26 11.63 -45.87
C VAL B 50 -13.18 10.98 -44.50
N THR B 51 -12.00 11.01 -43.89
CA THR B 51 -11.81 10.41 -42.58
C THR B 51 -11.59 11.47 -41.52
N ALA B 52 -12.12 11.20 -40.33
CA ALA B 52 -12.02 12.14 -39.22
C ALA B 52 -12.37 11.49 -37.89
N ALA B 53 -11.95 12.11 -36.79
CA ALA B 53 -12.40 11.71 -35.47
C ALA B 53 -13.53 12.64 -35.06
N SER B 54 -14.49 12.13 -34.29
CA SER B 54 -15.66 12.89 -33.89
C SER B 54 -15.31 14.13 -33.07
N LEU B 55 -16.30 14.97 -32.81
CA LEU B 55 -16.08 16.22 -32.09
C LEU B 55 -15.55 15.98 -30.68
N PHE B 56 -14.58 16.80 -30.28
CA PHE B 56 -13.97 16.74 -28.95
C PHE B 56 -13.25 15.40 -28.70
N ASP B 57 -13.12 14.59 -29.74
CA ASP B 57 -12.43 13.31 -29.62
C ASP B 57 -10.97 13.48 -30.03
N GLY B 58 -10.09 13.54 -29.05
CA GLY B 58 -8.68 13.73 -29.32
C GLY B 58 -8.03 12.48 -29.86
N HIS B 59 -8.57 11.32 -29.49
CA HIS B 59 -7.97 10.06 -29.89
C HIS B 59 -8.13 9.82 -31.38
N ASP B 60 -7.06 10.09 -32.13
CA ASP B 60 -7.04 9.85 -33.56
C ASP B 60 -6.02 8.78 -33.91
N ALA B 61 -5.60 8.03 -32.90
CA ALA B 61 -4.57 7.01 -33.07
C ALA B 61 -5.04 5.91 -34.01
N SER B 62 -6.33 5.60 -33.94
CA SER B 62 -6.90 4.52 -34.73
C SER B 62 -7.29 4.96 -36.13
N ILE B 63 -7.82 6.18 -36.25
CA ILE B 63 -8.29 6.68 -37.53
C ILE B 63 -7.11 6.94 -38.47
N ASN B 64 -5.93 7.17 -37.89
CA ASN B 64 -4.73 7.37 -38.68
C ASN B 64 -4.16 6.06 -39.21
N ILE B 65 -4.68 4.95 -38.68
CA ILE B 65 -4.31 3.63 -39.18
C ILE B 65 -5.23 3.23 -40.33
N MET B 66 -6.50 3.61 -40.21
CA MET B 66 -7.50 3.28 -41.21
C MET B 66 -7.24 4.02 -42.52
N ARG B 67 -6.75 5.26 -42.41
CA ARG B 67 -6.50 6.07 -43.60
C ARG B 67 -5.24 5.63 -44.33
N ARG B 68 -4.45 4.78 -43.69
CA ARG B 68 -3.26 4.23 -44.33
C ARG B 68 -3.62 2.97 -45.11
N ILE B 69 -4.50 2.15 -44.55
CA ILE B 69 -4.95 0.96 -45.24
C ILE B 69 -5.81 1.33 -46.44
N LEU B 70 -6.66 2.36 -46.26
CA LEU B 70 -7.46 2.88 -47.36
C LEU B 70 -6.55 3.39 -48.47
N GLN B 71 -5.53 4.13 -48.08
CA GLN B 71 -4.58 4.70 -49.02
C GLN B 71 -3.84 3.61 -49.79
N SER B 72 -3.45 2.55 -49.08
CA SER B 72 -2.68 1.48 -49.69
C SER B 72 -3.52 0.62 -50.63
N GLN B 73 -4.83 0.66 -50.46
CA GLN B 73 -5.73 -0.14 -51.30
C GLN B 73 -6.22 0.65 -52.51
N GLY B 74 -5.70 1.86 -52.69
CA GLY B 74 -5.99 2.65 -53.87
C GLY B 74 -7.07 3.70 -53.70
N CYS B 75 -7.23 4.18 -52.48
CA CYS B 75 -8.25 5.20 -52.22
C CYS B 75 -7.63 6.57 -52.00
N GLU B 76 -8.26 7.58 -52.59
CA GLU B 76 -7.89 8.96 -52.32
C GLU B 76 -8.55 9.40 -51.02
N VAL B 77 -7.75 9.61 -49.98
CA VAL B 77 -8.28 9.96 -48.68
C VAL B 77 -8.09 11.42 -48.33
N ILE B 78 -9.19 12.14 -48.17
CA ILE B 78 -9.14 13.50 -47.65
C ILE B 78 -9.24 13.43 -46.12
N HIS B 79 -8.08 13.34 -45.47
CA HIS B 79 -8.03 13.20 -44.02
C HIS B 79 -8.28 14.54 -43.33
N LEU B 80 -9.18 14.55 -42.35
CA LEU B 80 -9.57 15.78 -41.67
C LEU B 80 -9.00 15.87 -40.26
N GLY B 81 -8.41 14.78 -39.79
CA GLY B 81 -7.81 14.75 -38.46
C GLY B 81 -8.82 14.55 -37.35
N HIS B 82 -8.54 15.12 -36.19
CA HIS B 82 -9.37 14.92 -35.00
C HIS B 82 -10.24 16.13 -34.71
N ASN B 83 -11.10 15.99 -33.70
CA ASN B 83 -11.96 17.07 -33.22
C ASN B 83 -12.78 17.72 -34.32
N ARG B 84 -13.48 16.90 -35.09
CA ARG B 84 -14.26 17.42 -36.21
C ARG B 84 -15.76 17.34 -35.94
N SER B 85 -16.44 18.47 -36.05
CA SER B 85 -17.88 18.52 -35.91
C SER B 85 -18.54 17.87 -37.13
N VAL B 86 -19.80 17.49 -36.98
CA VAL B 86 -20.54 16.91 -38.10
C VAL B 86 -20.62 17.92 -39.25
N GLN B 87 -20.92 19.16 -38.90
CA GLN B 87 -21.05 20.24 -39.88
C GLN B 87 -19.78 20.40 -40.70
N GLU B 88 -18.63 20.11 -40.09
CA GLU B 88 -17.36 20.16 -40.79
C GLU B 88 -17.20 18.98 -41.74
N VAL B 89 -17.28 17.77 -41.18
CA VAL B 89 -17.13 16.53 -41.94
C VAL B 89 -18.05 16.48 -43.15
N VAL B 90 -19.31 16.83 -42.95
CA VAL B 90 -20.30 16.80 -44.04
C VAL B 90 -19.95 17.81 -45.13
N THR B 91 -19.55 19.01 -44.73
CA THR B 91 -19.16 20.04 -45.69
C THR B 91 -17.97 19.58 -46.52
N ALA B 92 -17.03 18.91 -45.87
CA ALA B 92 -15.87 18.36 -46.56
C ALA B 92 -16.28 17.27 -47.54
N ALA B 93 -17.10 16.34 -47.08
CA ALA B 93 -17.57 15.23 -47.91
C ALA B 93 -18.32 15.73 -49.14
N LEU B 94 -19.15 16.75 -48.94
CA LEU B 94 -19.96 17.28 -50.03
C LEU B 94 -19.13 18.02 -51.07
N GLN B 95 -18.14 18.79 -50.61
CA GLN B 95 -17.30 19.55 -51.51
C GLN B 95 -16.33 18.65 -52.27
N GLU B 96 -15.76 17.68 -51.56
CA GLU B 96 -14.84 16.72 -52.17
C GLU B 96 -15.59 15.71 -53.04
N ASP B 97 -16.88 15.55 -52.77
CA ASP B 97 -17.73 14.57 -53.44
C ASP B 97 -17.14 13.17 -53.31
N VAL B 98 -17.18 12.64 -52.09
CA VAL B 98 -16.65 11.32 -51.80
C VAL B 98 -17.74 10.24 -51.86
N GLN B 99 -17.32 8.99 -51.84
CA GLN B 99 -18.25 7.87 -51.80
C GLN B 99 -18.49 7.41 -50.37
N GLY B 100 -17.55 7.72 -49.49
CA GLY B 100 -17.60 7.23 -48.12
C GLY B 100 -16.99 8.13 -47.06
N ILE B 101 -17.51 8.01 -45.85
CA ILE B 101 -17.01 8.74 -44.70
C ILE B 101 -16.70 7.78 -43.56
N ALA B 102 -15.49 7.88 -43.01
CA ALA B 102 -15.10 7.05 -41.88
C ALA B 102 -14.86 7.89 -40.63
N ILE B 103 -15.66 7.66 -39.60
CA ILE B 103 -15.59 8.44 -38.37
C ILE B 103 -15.28 7.56 -37.16
N SER B 104 -14.24 7.93 -36.41
CA SER B 104 -13.93 7.23 -35.18
C SER B 104 -14.45 8.01 -33.97
N SER B 105 -15.06 7.31 -33.02
CA SER B 105 -15.62 7.95 -31.83
C SER B 105 -15.30 7.15 -30.57
N TYR B 106 -14.42 7.69 -29.73
CA TYR B 106 -13.98 7.00 -28.52
C TYR B 106 -14.29 7.81 -27.26
N GLN B 107 -15.07 8.87 -27.41
CA GLN B 107 -15.42 9.72 -26.28
C GLN B 107 -16.89 9.58 -25.93
N GLY B 108 -17.59 8.71 -26.65
CA GLY B 108 -19.01 8.52 -26.45
C GLY B 108 -19.84 9.52 -27.23
N GLY B 109 -21.14 9.54 -26.99
CA GLY B 109 -22.03 10.45 -27.69
C GLY B 109 -22.09 10.18 -29.18
N HIS B 110 -21.77 8.94 -29.55
CA HIS B 110 -21.66 8.56 -30.95
C HIS B 110 -23.01 8.41 -31.64
N VAL B 111 -24.04 8.02 -30.88
CA VAL B 111 -25.36 7.81 -31.45
C VAL B 111 -25.95 9.11 -32.00
N GLU B 112 -25.97 10.14 -31.16
CA GLU B 112 -26.48 11.45 -31.56
C GLU B 112 -25.63 12.03 -32.68
N TYR B 113 -24.32 11.72 -32.66
CA TYR B 113 -23.38 12.23 -33.64
C TYR B 113 -23.70 11.71 -35.04
N PHE B 114 -23.78 10.39 -35.18
CA PHE B 114 -24.02 9.78 -36.48
C PHE B 114 -25.42 10.10 -36.99
N LYS B 115 -26.41 10.13 -36.09
CA LYS B 115 -27.76 10.51 -36.46
C LYS B 115 -27.76 11.90 -37.08
N TYR B 116 -27.01 12.82 -36.48
CA TYR B 116 -26.87 14.18 -36.99
C TYR B 116 -26.26 14.16 -38.39
N MET B 117 -25.20 13.38 -38.55
CA MET B 117 -24.50 13.33 -39.82
C MET B 117 -25.38 12.73 -40.92
N ILE B 118 -26.09 11.66 -40.59
CA ILE B 118 -26.99 11.03 -41.55
C ILE B 118 -28.08 12.00 -41.96
N ASP B 119 -28.61 12.74 -40.98
CA ASP B 119 -29.64 13.74 -41.24
C ASP B 119 -29.12 14.87 -42.11
N LEU B 120 -27.97 15.40 -41.74
CA LEU B 120 -27.40 16.55 -42.42
C LEU B 120 -26.97 16.20 -43.84
N LEU B 121 -26.62 14.94 -44.06
CA LEU B 121 -26.21 14.48 -45.38
C LEU B 121 -27.40 14.36 -46.32
N ARG B 122 -28.54 13.93 -45.78
CA ARG B 122 -29.75 13.80 -46.59
C ARG B 122 -30.30 15.16 -46.97
N GLU B 123 -30.18 16.11 -46.05
CA GLU B 123 -30.72 17.45 -46.27
C GLU B 123 -29.99 18.20 -47.38
N HIS B 124 -28.67 18.04 -47.45
CA HIS B 124 -27.86 18.80 -48.40
C HIS B 124 -27.30 17.93 -49.52
N GLY B 125 -28.10 16.98 -50.00
CA GLY B 125 -27.76 16.19 -51.16
C GLY B 125 -26.49 15.36 -51.05
N GLY B 126 -26.49 14.43 -50.10
CA GLY B 126 -25.34 13.56 -49.90
C GLY B 126 -25.75 12.25 -49.26
N GLU B 127 -26.96 11.82 -49.60
CA GLU B 127 -27.51 10.59 -49.02
C GLU B 127 -26.85 9.34 -49.61
N HIS B 128 -26.24 9.47 -50.79
CA HIS B 128 -25.58 8.33 -51.42
C HIS B 128 -24.15 8.18 -50.92
N ILE B 129 -23.72 9.12 -50.08
CA ILE B 129 -22.44 9.01 -49.37
C ILE B 129 -22.61 8.07 -48.18
N GLN B 130 -21.75 7.07 -48.09
CA GLN B 130 -21.89 6.06 -47.06
C GLN B 130 -21.06 6.34 -45.82
N VAL B 131 -21.71 6.37 -44.66
CA VAL B 131 -21.04 6.68 -43.40
C VAL B 131 -20.65 5.40 -42.66
N PHE B 132 -19.41 5.34 -42.19
CA PHE B 132 -18.92 4.15 -41.49
C PHE B 132 -18.44 4.48 -40.08
N GLY B 133 -18.62 3.53 -39.16
CA GLY B 133 -18.27 3.76 -37.77
C GLY B 133 -17.35 2.71 -37.20
N GLY B 134 -16.33 3.17 -36.48
CA GLY B 134 -15.36 2.28 -35.85
C GLY B 134 -14.76 2.92 -34.63
N GLY B 135 -15.56 3.06 -33.58
CA GLY B 135 -15.12 3.66 -32.34
C GLY B 135 -14.66 2.62 -31.32
N GLY B 136 -14.05 1.56 -31.82
CA GLY B 136 -13.55 0.50 -30.97
C GLY B 136 -14.67 -0.36 -30.43
N GLY B 137 -14.95 -0.25 -29.13
CA GLY B 137 -15.99 -1.03 -28.49
C GLY B 137 -16.90 -0.19 -27.62
N VAL B 138 -16.87 1.12 -27.81
CA VAL B 138 -17.73 2.03 -27.06
C VAL B 138 -19.17 1.86 -27.51
N ILE B 139 -19.35 1.32 -28.72
CA ILE B 139 -20.69 1.12 -29.28
C ILE B 139 -21.18 -0.31 -29.06
N VAL B 140 -22.23 -0.45 -28.27
CA VAL B 140 -22.82 -1.75 -27.96
C VAL B 140 -23.82 -2.16 -29.06
N PRO B 141 -24.01 -3.48 -29.26
CA PRO B 141 -24.82 -4.01 -30.36
C PRO B 141 -26.17 -3.33 -30.57
N ASP B 142 -26.87 -2.99 -29.49
CA ASP B 142 -28.17 -2.32 -29.60
C ASP B 142 -28.04 -0.94 -30.24
N GLU B 143 -26.85 -0.35 -30.14
CA GLU B 143 -26.60 0.96 -30.74
C GLU B 143 -26.11 0.80 -32.18
N ILE B 144 -25.38 -0.27 -32.44
CA ILE B 144 -24.95 -0.58 -33.81
C ILE B 144 -26.15 -0.85 -34.69
N ARG B 145 -27.06 -1.69 -34.18
CA ARG B 145 -28.27 -2.03 -34.93
C ARG B 145 -29.14 -0.80 -35.13
N GLU B 146 -29.17 0.08 -34.13
CA GLU B 146 -29.99 1.28 -34.20
C GLU B 146 -29.49 2.23 -35.28
N LEU B 147 -28.19 2.50 -35.26
CA LEU B 147 -27.60 3.46 -36.18
C LEU B 147 -27.61 2.94 -37.61
N GLN B 148 -27.34 1.65 -37.78
CA GLN B 148 -27.37 1.05 -39.11
C GLN B 148 -28.78 1.13 -39.70
N ALA B 149 -29.78 1.04 -38.82
CA ALA B 149 -31.17 1.17 -39.24
C ALA B 149 -31.51 2.61 -39.55
N TYR B 150 -30.78 3.54 -38.95
CA TYR B 150 -31.03 4.96 -39.14
C TYR B 150 -30.62 5.41 -40.54
N GLY B 151 -29.42 5.01 -40.95
CA GLY B 151 -28.89 5.40 -42.25
C GLY B 151 -27.40 5.14 -42.39
N VAL B 152 -26.74 4.87 -41.27
CA VAL B 152 -25.32 4.56 -41.27
C VAL B 152 -25.07 3.27 -42.05
N ALA B 153 -24.11 3.31 -42.97
CA ALA B 153 -23.78 2.15 -43.80
C ALA B 153 -23.41 0.95 -42.95
N ARG B 154 -22.30 1.06 -42.23
CA ARG B 154 -21.86 -0.01 -41.35
C ARG B 154 -21.20 0.55 -40.10
N ILE B 155 -21.39 -0.14 -38.98
CA ILE B 155 -20.60 0.15 -37.79
C ILE B 155 -19.94 -1.13 -37.34
N TYR B 156 -18.61 -1.16 -37.43
CA TYR B 156 -17.86 -2.39 -37.22
C TYR B 156 -17.64 -2.70 -35.75
N SER B 157 -18.27 -3.79 -35.30
CA SER B 157 -18.11 -4.28 -33.93
C SER B 157 -16.72 -4.87 -33.73
N PRO B 158 -16.20 -4.81 -32.50
CA PRO B 158 -14.93 -5.48 -32.19
C PRO B 158 -14.96 -6.97 -32.52
N GLU B 159 -16.16 -7.55 -32.57
CA GLU B 159 -16.34 -8.91 -33.04
C GLU B 159 -15.96 -9.01 -34.51
N ASP B 160 -16.32 -7.99 -35.29
CA ASP B 160 -15.98 -7.93 -36.71
C ASP B 160 -14.48 -7.71 -36.89
N GLY B 161 -13.86 -7.04 -35.93
CA GLY B 161 -12.45 -6.76 -35.98
C GLY B 161 -11.61 -8.03 -35.89
N GLN B 162 -11.97 -8.90 -34.93
CA GLN B 162 -11.26 -10.15 -34.74
C GLN B 162 -11.49 -11.14 -35.89
N ARG B 163 -12.70 -11.12 -36.44
CA ARG B 163 -13.07 -12.06 -37.48
C ARG B 163 -12.55 -11.66 -38.86
N MET B 164 -12.79 -10.41 -39.24
CA MET B 164 -12.39 -9.92 -40.56
C MET B 164 -10.92 -9.51 -40.60
N GLY B 165 -10.43 -8.98 -39.49
CA GLY B 165 -9.10 -8.39 -39.45
C GLY B 165 -9.20 -6.91 -39.75
N LEU B 166 -8.21 -6.14 -39.30
CA LEU B 166 -8.21 -4.70 -39.50
C LEU B 166 -8.20 -4.36 -40.98
N ALA B 167 -7.41 -5.11 -41.75
CA ALA B 167 -7.36 -4.92 -43.19
C ALA B 167 -8.64 -5.42 -43.83
N GLY B 168 -9.30 -6.37 -43.18
CA GLY B 168 -10.54 -6.92 -43.67
C GLY B 168 -11.69 -5.94 -43.63
N MET B 169 -11.77 -5.18 -42.55
CA MET B 169 -12.80 -4.17 -42.39
C MET B 169 -12.65 -3.07 -43.43
N ILE B 170 -11.41 -2.64 -43.64
CA ILE B 170 -11.12 -1.58 -44.61
C ILE B 170 -11.42 -2.04 -46.04
N THR B 171 -11.11 -3.29 -46.33
CA THR B 171 -11.37 -3.86 -47.65
C THR B 171 -12.88 -3.88 -47.92
N ASP B 172 -13.64 -4.28 -46.92
CA ASP B 172 -15.10 -4.31 -47.02
C ASP B 172 -15.65 -2.92 -47.26
N MET B 173 -15.17 -1.97 -46.48
CA MET B 173 -15.63 -0.59 -46.56
C MET B 173 -15.29 0.05 -47.89
N ALA B 174 -14.12 -0.29 -48.43
CA ALA B 174 -13.67 0.27 -49.69
C ALA B 174 -14.48 -0.27 -50.87
N GLN B 175 -14.86 -1.54 -50.79
CA GLN B 175 -15.62 -2.18 -51.86
C GLN B 175 -17.06 -1.68 -51.90
N ARG B 176 -17.61 -1.33 -50.73
CA ARG B 176 -18.95 -0.78 -50.65
C ARG B 176 -19.01 0.58 -51.32
N CYS B 177 -17.92 1.34 -51.22
CA CYS B 177 -17.87 2.69 -51.75
C CYS B 177 -17.31 2.71 -53.17
N ASP B 178 -17.17 1.54 -53.77
CA ASP B 178 -16.68 1.46 -55.14
C ASP B 178 -17.82 1.71 -56.12
N ILE B 179 -18.33 2.94 -56.12
CA ILE B 179 -19.42 3.31 -57.02
C ILE B 179 -19.06 4.54 -57.84
N ASP B 180 -19.62 4.64 -59.04
CA ASP B 180 -19.36 5.78 -59.91
C ASP B 180 -20.23 6.97 -59.56
N LEU B 181 -19.61 8.10 -59.23
CA LEU B 181 -20.35 9.28 -58.82
C LEU B 181 -20.55 10.25 -59.97
N THR B 182 -20.08 9.89 -61.15
CA THR B 182 -20.17 10.78 -62.30
C THR B 182 -21.60 10.81 -62.84
N ARG B 183 -22.39 9.80 -62.49
CA ARG B 183 -23.77 9.73 -62.92
C ARG B 183 -24.63 10.76 -62.19
N TYR B 184 -24.17 11.18 -61.01
CA TYR B 184 -24.88 12.18 -60.23
C TYR B 184 -24.52 13.59 -60.68
N ALA B 185 -23.53 13.69 -61.55
CA ALA B 185 -23.08 14.99 -62.05
C ALA B 185 -24.11 15.60 -62.99
N PRO B 186 -24.28 16.94 -62.91
CA PRO B 186 -25.19 17.66 -63.79
C PRO B 186 -24.79 17.60 -65.27
N THR B 187 -25.76 17.77 -66.15
CA THR B 187 -25.50 17.74 -67.59
C THR B 187 -25.63 19.13 -68.20
N THR B 188 -26.20 20.06 -67.43
CA THR B 188 -26.28 21.45 -67.84
C THR B 188 -25.60 22.35 -66.82
N LEU B 189 -24.99 23.43 -67.30
CA LEU B 189 -24.25 24.34 -66.44
C LEU B 189 -25.18 25.24 -65.62
N ASP B 190 -26.47 25.16 -65.90
CA ASP B 190 -27.48 26.02 -65.27
C ASP B 190 -27.40 25.99 -63.75
N THR B 191 -27.27 24.79 -63.19
CA THR B 191 -27.17 24.62 -61.74
C THR B 191 -25.90 25.25 -61.20
N VAL B 192 -24.76 24.90 -61.81
CA VAL B 192 -23.45 25.35 -61.33
C VAL B 192 -23.28 26.87 -61.40
N VAL B 193 -23.68 27.47 -62.51
CA VAL B 193 -23.58 28.91 -62.70
C VAL B 193 -24.48 29.64 -61.70
N ALA B 194 -25.64 29.05 -61.41
CA ALA B 194 -26.60 29.65 -60.49
C ALA B 194 -26.03 29.80 -59.08
N GLY B 195 -25.00 29.02 -58.77
CA GLY B 195 -24.34 29.11 -57.47
C GLY B 195 -24.37 27.82 -56.69
N ASP B 196 -24.98 26.79 -57.26
CA ASP B 196 -25.03 25.48 -56.62
C ASP B 196 -23.63 24.91 -56.47
N ARG B 197 -23.20 24.76 -55.23
CA ARG B 197 -21.84 24.30 -54.94
C ARG B 197 -21.74 22.78 -54.94
N ARG B 198 -22.83 22.11 -54.57
CA ARG B 198 -22.86 20.66 -54.59
C ARG B 198 -22.86 20.16 -56.02
N ALA B 199 -23.51 20.91 -56.91
CA ALA B 199 -23.53 20.58 -58.32
C ALA B 199 -22.13 20.78 -58.90
N LEU B 200 -21.46 21.84 -58.45
CA LEU B 200 -20.10 22.11 -58.86
C LEU B 200 -19.17 20.99 -58.42
N ALA B 201 -19.37 20.51 -57.20
CA ALA B 201 -18.54 19.45 -56.65
C ALA B 201 -18.70 18.15 -57.44
N GLN B 202 -19.92 17.87 -57.89
CA GLN B 202 -20.20 16.68 -58.67
C GLN B 202 -19.73 16.84 -60.11
N LEU B 203 -19.87 18.06 -60.64
CA LEU B 203 -19.42 18.37 -61.99
C LEU B 203 -17.93 18.13 -62.11
N ILE B 204 -17.19 18.49 -61.07
CA ILE B 204 -15.74 18.30 -61.04
C ILE B 204 -15.39 16.82 -61.02
N THR B 205 -16.15 16.03 -60.27
CA THR B 205 -15.95 14.58 -60.21
C THR B 205 -16.09 13.98 -61.62
N ALA B 206 -17.00 14.54 -62.41
CA ALA B 206 -17.17 14.13 -63.79
C ALA B 206 -15.99 14.57 -64.63
N LEU B 207 -15.61 15.83 -64.50
CA LEU B 207 -14.50 16.40 -65.26
C LEU B 207 -13.18 15.71 -64.95
N GLU B 208 -12.97 15.39 -63.68
CA GLU B 208 -11.73 14.73 -63.24
C GLU B 208 -11.63 13.32 -63.82
N ASN B 209 -12.78 12.68 -64.01
CA ASN B 209 -12.82 11.32 -64.53
C ASN B 209 -13.02 11.27 -66.04
N GLY B 210 -13.07 12.45 -66.66
CA GLY B 210 -13.20 12.56 -68.10
C GLY B 210 -14.50 11.98 -68.64
N LYS B 211 -15.52 11.94 -67.79
CA LYS B 211 -16.81 11.39 -68.19
C LYS B 211 -17.84 12.48 -68.47
N ALA B 212 -17.36 13.71 -68.61
CA ALA B 212 -18.24 14.83 -68.92
C ALA B 212 -18.41 14.97 -70.43
N ASP B 213 -19.56 15.45 -70.87
CA ASP B 213 -19.85 15.58 -72.29
C ASP B 213 -18.93 16.61 -72.94
N PRO B 214 -18.34 16.27 -74.09
CA PRO B 214 -17.41 17.14 -74.82
C PRO B 214 -18.00 18.50 -75.17
N GLU B 215 -19.29 18.53 -75.50
CA GLU B 215 -19.95 19.79 -75.82
C GLU B 215 -20.20 20.60 -74.55
N LEU B 216 -20.33 19.90 -73.42
CA LEU B 216 -20.53 20.56 -72.14
C LEU B 216 -19.24 21.23 -71.67
N VAL B 217 -18.12 20.59 -71.96
CA VAL B 217 -16.81 21.10 -71.57
C VAL B 217 -16.49 22.40 -72.32
N SER B 218 -16.69 22.40 -73.63
CA SER B 218 -16.43 23.58 -74.45
C SER B 218 -17.33 24.73 -74.04
N ALA B 219 -18.57 24.40 -73.67
CA ALA B 219 -19.52 25.41 -73.20
C ALA B 219 -19.11 25.92 -71.83
N LEU B 220 -18.37 25.10 -71.10
CA LEU B 220 -17.89 25.45 -69.77
C LEU B 220 -16.75 26.46 -69.84
N HIS B 221 -15.78 26.18 -70.71
CA HIS B 221 -14.65 27.08 -70.91
C HIS B 221 -15.11 28.40 -71.52
N ALA B 222 -16.15 28.33 -72.35
CA ALA B 222 -16.73 29.53 -72.95
C ALA B 222 -17.34 30.42 -71.88
N GLN B 223 -17.97 29.78 -70.89
CA GLN B 223 -18.55 30.48 -69.76
C GLN B 223 -17.44 31.09 -68.90
N ALA B 224 -16.33 30.36 -68.78
CA ALA B 224 -15.21 30.78 -67.94
C ALA B 224 -14.45 31.94 -68.55
N LYS B 225 -14.32 31.95 -69.88
CA LYS B 225 -13.60 33.01 -70.58
C LYS B 225 -14.33 34.35 -70.41
N ALA B 226 -15.66 34.30 -70.50
CA ALA B 226 -16.47 35.50 -70.37
C ALA B 226 -16.63 35.90 -68.92
N ALA B 227 -16.37 34.96 -68.01
CA ALA B 227 -16.48 35.22 -66.58
C ALA B 227 -15.36 36.14 -66.10
N ALA B 228 -14.17 35.91 -66.61
CA ALA B 228 -12.99 36.72 -66.30
C ALA B 228 -12.74 36.83 -64.80
N VAL B 229 -12.22 35.76 -64.20
CA VAL B 229 -11.84 35.78 -62.80
C VAL B 229 -10.36 35.40 -62.66
N PRO B 230 -9.66 36.03 -61.70
CA PRO B 230 -8.23 35.75 -61.49
C PRO B 230 -7.99 34.35 -60.94
N VAL B 231 -6.95 33.68 -61.43
CA VAL B 231 -6.58 32.36 -60.93
C VAL B 231 -5.16 32.35 -60.42
N LEU B 232 -5.01 32.30 -59.09
CA LEU B 232 -3.69 32.29 -58.47
C LEU B 232 -3.16 30.88 -58.29
N GLY B 233 -1.99 30.61 -58.86
CA GLY B 233 -1.36 29.31 -58.71
C GLY B 233 -0.27 29.35 -57.64
N ILE B 234 -0.28 28.37 -56.76
CA ILE B 234 0.75 28.27 -55.73
C ILE B 234 1.50 26.97 -55.88
N THR B 235 2.79 27.07 -56.18
CA THR B 235 3.61 25.88 -56.35
C THR B 235 4.84 25.98 -55.47
N GLY B 236 5.41 24.85 -55.08
CA GLY B 236 6.57 24.87 -54.22
C GLY B 236 7.11 23.50 -53.86
N THR B 237 8.30 23.49 -53.28
CA THR B 237 8.97 22.25 -52.91
C THR B 237 8.20 21.50 -51.82
N GLY B 238 8.45 20.20 -51.71
CA GLY B 238 7.76 19.38 -50.73
C GLY B 238 8.03 19.82 -49.31
N GLY B 239 6.97 19.84 -48.50
CA GLY B 239 7.08 20.21 -47.10
C GLY B 239 7.60 21.62 -46.88
N ALA B 240 7.11 22.56 -47.67
CA ALA B 240 7.55 23.94 -47.55
C ALA B 240 6.48 24.81 -46.92
N GLY B 241 5.35 24.19 -46.58
CA GLY B 241 4.24 24.92 -45.99
C GLY B 241 3.29 25.47 -47.04
N LYS B 242 3.09 24.69 -48.10
CA LYS B 242 2.18 25.06 -49.17
C LYS B 242 0.79 25.38 -48.65
N SER B 243 0.17 24.38 -48.02
CA SER B 243 -1.18 24.52 -47.49
C SER B 243 -1.26 25.49 -46.33
N SER B 244 -0.26 25.46 -45.46
CA SER B 244 -0.21 26.35 -44.30
C SER B 244 -0.26 27.81 -44.72
N LEU B 245 0.61 28.17 -45.66
CA LEU B 245 0.67 29.54 -46.17
C LEU B 245 -0.61 29.90 -46.92
N THR B 246 -1.15 28.94 -47.66
CA THR B 246 -2.38 29.17 -48.41
C THR B 246 -3.53 29.51 -47.47
N ASP B 247 -3.68 28.72 -46.42
CA ASP B 247 -4.72 28.93 -45.42
C ASP B 247 -4.59 30.33 -44.81
N GLU B 248 -3.37 30.70 -44.44
CA GLU B 248 -3.11 32.01 -43.85
C GLU B 248 -3.41 33.13 -44.84
N LEU B 249 -3.09 32.91 -46.10
CA LEU B 249 -3.38 33.90 -47.14
C LEU B 249 -4.88 34.09 -47.33
N ILE B 250 -5.64 32.99 -47.26
CA ILE B 250 -7.09 33.07 -47.36
C ILE B 250 -7.64 33.84 -46.16
N ARG B 251 -7.06 33.61 -44.99
CA ARG B 251 -7.47 34.31 -43.79
C ARG B 251 -7.27 35.81 -43.96
N ARG B 252 -6.16 36.18 -44.60
CA ARG B 252 -5.91 37.60 -44.87
C ARG B 252 -6.98 38.15 -45.80
N PHE B 253 -7.36 37.37 -46.81
CA PHE B 253 -8.43 37.77 -47.70
C PHE B 253 -9.72 38.02 -46.93
N ARG B 254 -10.04 37.10 -46.02
CA ARG B 254 -11.27 37.20 -45.25
C ARG B 254 -11.25 38.39 -44.30
N LEU B 255 -10.12 38.61 -43.63
CA LEU B 255 -10.00 39.72 -42.70
C LEU B 255 -9.97 41.06 -43.43
N ASP B 256 -9.30 41.09 -44.57
CA ASP B 256 -9.10 42.34 -45.29
C ASP B 256 -10.38 42.81 -45.98
N GLN B 257 -11.17 41.88 -46.48
CA GLN B 257 -12.35 42.22 -47.27
C GLN B 257 -13.64 41.91 -46.51
N ASP B 258 -13.50 41.58 -45.23
CA ASP B 258 -14.64 41.28 -44.37
C ASP B 258 -15.52 40.16 -44.94
N ASP B 259 -14.88 39.08 -45.34
CA ASP B 259 -15.55 37.89 -45.86
C ASP B 259 -16.51 38.19 -47.02
N ALA B 260 -16.15 39.16 -47.84
CA ALA B 260 -16.98 39.52 -48.99
C ALA B 260 -16.61 38.71 -50.22
N LEU B 261 -15.37 38.20 -50.23
CA LEU B 261 -14.85 37.48 -51.39
C LEU B 261 -15.24 36.01 -51.41
N SER B 262 -15.63 35.53 -52.59
CA SER B 262 -15.92 34.12 -52.78
C SER B 262 -14.71 33.42 -53.39
N ILE B 263 -13.99 32.67 -52.56
CA ILE B 263 -12.75 32.05 -53.00
C ILE B 263 -12.88 30.55 -53.16
N ALA B 264 -12.48 30.05 -54.32
CA ALA B 264 -12.46 28.61 -54.58
C ALA B 264 -11.03 28.10 -54.53
N VAL B 265 -10.82 27.00 -53.80
CA VAL B 265 -9.48 26.46 -53.63
C VAL B 265 -9.36 25.05 -54.22
N ILE B 266 -8.49 24.92 -55.21
CA ILE B 266 -8.26 23.62 -55.83
C ILE B 266 -6.91 23.07 -55.41
N SER B 267 -6.93 22.04 -54.56
CA SER B 267 -5.71 21.43 -54.08
C SER B 267 -5.33 20.19 -54.86
N ILE B 268 -4.03 20.03 -55.08
CA ILE B 268 -3.47 18.86 -55.75
C ILE B 268 -2.34 18.26 -54.93
N ASP B 269 -2.40 16.94 -54.70
CA ASP B 269 -1.34 16.23 -54.02
C ASP B 269 -0.93 15.01 -54.85
N PRO B 270 0.29 14.52 -54.69
CA PRO B 270 0.70 13.42 -55.57
C PRO B 270 0.04 12.11 -55.16
N SER B 271 -0.36 11.33 -56.14
CA SER B 271 -0.87 9.99 -55.89
C SER B 271 0.25 8.98 -56.10
N ARG B 272 0.40 8.05 -55.17
CA ARG B 272 1.49 7.08 -55.24
C ARG B 272 1.18 6.00 -56.27
N ARG B 273 2.11 5.79 -57.19
CA ARG B 273 1.87 4.94 -58.34
C ARG B 273 1.76 3.47 -57.96
N LYS B 274 2.44 3.08 -56.90
CA LYS B 274 2.42 1.69 -56.45
C LYS B 274 1.07 1.35 -55.83
N SER B 275 0.68 2.14 -54.82
CA SER B 275 -0.59 1.94 -54.12
C SER B 275 -1.78 2.20 -55.01
N GLY B 276 -1.67 3.26 -55.83
CA GLY B 276 -2.78 3.71 -56.64
C GLY B 276 -3.54 4.79 -55.90
N GLY B 277 -3.34 4.85 -54.59
CA GLY B 277 -4.04 5.79 -53.74
C GLY B 277 -3.38 7.15 -53.65
N ALA B 278 -3.78 7.93 -52.65
CA ALA B 278 -3.26 9.27 -52.44
C ALA B 278 -3.68 9.82 -51.09
N LEU B 279 -2.81 10.61 -50.47
CA LEU B 279 -3.16 11.31 -49.24
C LEU B 279 -3.40 12.79 -49.52
N LEU B 280 -4.62 13.14 -49.87
CA LEU B 280 -4.96 14.53 -50.08
C LEU B 280 -4.99 15.26 -48.74
N GLY B 281 -3.81 15.48 -48.17
CA GLY B 281 -3.70 16.04 -46.83
C GLY B 281 -3.48 17.53 -46.79
N ASP B 282 -4.16 18.27 -47.66
CA ASP B 282 -4.06 19.72 -47.63
C ASP B 282 -5.22 20.34 -46.86
N ARG B 283 -6.37 19.68 -46.89
CA ARG B 283 -7.56 20.21 -46.25
C ARG B 283 -7.45 20.18 -44.73
N ILE B 284 -6.67 19.24 -44.21
CA ILE B 284 -6.53 19.09 -42.76
C ILE B 284 -5.81 20.29 -42.14
N ARG B 285 -5.04 21.01 -42.96
CA ARG B 285 -4.28 22.17 -42.48
C ARG B 285 -5.10 23.45 -42.59
N MET B 286 -6.19 23.39 -43.34
CA MET B 286 -7.01 24.57 -43.62
C MET B 286 -7.95 24.89 -42.47
N ASN B 287 -7.73 26.05 -41.84
CA ASN B 287 -8.59 26.49 -40.75
C ASN B 287 -9.51 27.64 -41.17
N ALA B 288 -9.12 28.35 -42.23
CA ALA B 288 -9.83 29.54 -42.65
C ALA B 288 -10.78 29.29 -43.81
N ILE B 289 -11.13 28.02 -44.04
CA ILE B 289 -12.02 27.70 -45.15
C ILE B 289 -13.43 27.40 -44.68
N ASN B 290 -13.62 27.28 -43.36
CA ASN B 290 -14.93 26.98 -42.82
C ASN B 290 -15.86 28.19 -42.88
N HIS B 291 -16.40 28.42 -44.07
CA HIS B 291 -17.27 29.56 -44.35
C HIS B 291 -17.94 29.35 -45.69
N PRO B 292 -19.22 29.78 -45.81
CA PRO B 292 -19.99 29.63 -47.04
C PRO B 292 -19.32 30.22 -48.29
N ASN B 293 -18.57 31.29 -48.14
CA ASN B 293 -17.91 31.93 -49.28
C ASN B 293 -16.67 31.18 -49.76
N ILE B 294 -16.23 30.20 -48.98
CA ILE B 294 -15.03 29.44 -49.34
C ILE B 294 -15.40 28.03 -49.79
N PHE B 295 -14.78 27.59 -50.87
CA PHE B 295 -15.01 26.27 -51.42
C PHE B 295 -13.67 25.61 -51.75
N MET B 296 -13.51 24.35 -51.37
CA MET B 296 -12.26 23.64 -51.64
C MET B 296 -12.50 22.22 -52.15
N ARG B 297 -11.76 21.85 -53.18
CA ARG B 297 -11.84 20.51 -53.75
C ARG B 297 -10.43 19.94 -53.89
N SER B 298 -10.14 18.86 -53.16
CA SER B 298 -8.81 18.26 -53.18
C SER B 298 -8.68 17.23 -54.29
N LEU B 299 -7.57 17.27 -55.02
CA LEU B 299 -7.34 16.37 -56.14
C LEU B 299 -6.03 15.61 -56.03
N ALA B 300 -6.01 14.39 -56.56
CA ALA B 300 -4.77 13.65 -56.71
C ALA B 300 -4.23 13.90 -58.12
N THR B 301 -2.90 13.92 -58.26
CA THR B 301 -2.27 14.17 -59.55
C THR B 301 -2.74 13.15 -60.59
N ARG B 302 -2.85 11.89 -60.16
CA ARG B 302 -3.24 10.79 -61.03
C ARG B 302 -2.38 10.74 -62.28
N GLU B 303 -1.08 11.02 -62.10
CA GLU B 303 -0.11 10.95 -63.19
C GLU B 303 1.28 10.78 -62.59
N ALA B 304 2.15 10.09 -63.31
CA ALA B 304 3.46 9.72 -62.80
C ALA B 304 4.36 10.92 -62.55
N GLY B 305 4.73 11.62 -63.62
CA GLY B 305 5.72 12.67 -63.51
C GLY B 305 5.14 14.08 -63.54
N SER B 306 3.91 14.22 -63.06
CA SER B 306 3.25 15.51 -63.06
C SER B 306 2.95 15.99 -61.64
N GLU B 307 3.00 17.31 -61.45
CA GLU B 307 2.71 17.89 -60.15
C GLU B 307 1.27 18.39 -60.08
N ILE B 308 0.56 18.26 -61.20
CA ILE B 308 -0.85 18.66 -61.26
C ILE B 308 -1.72 17.58 -61.90
N SER B 309 -3.03 17.66 -61.68
CA SER B 309 -3.97 16.75 -62.33
C SER B 309 -4.16 17.12 -63.79
N GLN B 310 -4.25 16.11 -64.64
CA GLN B 310 -4.40 16.34 -66.08
C GLN B 310 -5.79 16.91 -66.42
N ALA B 311 -6.64 17.05 -65.41
CA ALA B 311 -7.98 17.58 -65.61
C ALA B 311 -8.14 18.96 -64.98
N LEU B 312 -7.02 19.55 -64.59
CA LEU B 312 -7.00 20.86 -63.93
C LEU B 312 -7.70 21.99 -64.72
N PRO B 313 -7.45 22.10 -66.04
CA PRO B 313 -8.09 23.22 -66.75
C PRO B 313 -9.62 23.20 -66.75
N ASP B 314 -10.24 22.02 -66.83
CA ASP B 314 -11.69 21.91 -66.77
C ASP B 314 -12.21 22.28 -65.38
N VAL B 315 -11.55 21.75 -64.36
CA VAL B 315 -11.93 22.00 -62.98
C VAL B 315 -11.87 23.49 -62.66
N ILE B 316 -10.80 24.15 -63.14
CA ILE B 316 -10.66 25.59 -62.98
C ILE B 316 -11.81 26.31 -63.68
N ALA B 317 -12.05 25.96 -64.94
CA ALA B 317 -13.11 26.57 -65.73
C ALA B 317 -14.46 26.47 -65.03
N ALA B 318 -14.68 25.36 -64.33
CA ALA B 318 -15.92 25.14 -63.60
C ALA B 318 -16.04 26.15 -62.47
N CYS B 319 -14.95 26.36 -61.74
CA CYS B 319 -14.93 27.32 -60.64
C CYS B 319 -15.10 28.74 -61.14
N LYS B 320 -14.45 29.04 -62.27
CA LYS B 320 -14.54 30.36 -62.88
C LYS B 320 -15.98 30.65 -63.29
N ALA B 321 -16.66 29.60 -63.77
CA ALA B 321 -18.04 29.74 -64.22
C ALA B 321 -19.01 29.84 -63.05
N ALA B 322 -18.58 29.35 -61.89
CA ALA B 322 -19.41 29.36 -60.69
C ALA B 322 -19.44 30.74 -60.03
N ARG B 323 -18.93 31.74 -60.76
CA ARG B 323 -18.96 33.14 -60.34
C ARG B 323 -18.21 33.38 -59.02
N PHE B 324 -17.08 32.71 -58.84
CA PHE B 324 -16.18 33.01 -57.74
C PHE B 324 -15.45 34.32 -58.01
N ASP B 325 -14.83 34.87 -56.99
CA ASP B 325 -14.08 36.11 -57.15
C ASP B 325 -12.61 35.80 -57.45
N LEU B 326 -12.16 34.65 -56.96
CA LEU B 326 -10.76 34.26 -57.06
C LEU B 326 -10.60 32.75 -56.92
N VAL B 327 -9.84 32.15 -57.83
CA VAL B 327 -9.57 30.72 -57.75
C VAL B 327 -8.11 30.49 -57.41
N ILE B 328 -7.87 29.77 -56.32
CA ILE B 328 -6.52 29.46 -55.90
C ILE B 328 -6.22 27.98 -56.15
N VAL B 329 -5.19 27.73 -56.95
CA VAL B 329 -4.78 26.38 -57.29
C VAL B 329 -3.41 26.11 -56.70
N GLU B 330 -3.23 24.97 -56.06
CA GLU B 330 -1.90 24.59 -55.59
C GLU B 330 -1.53 23.17 -56.02
N THR B 331 -0.25 22.98 -56.32
CA THR B 331 0.26 21.73 -56.85
C THR B 331 0.83 20.87 -55.75
N SER B 332 1.54 19.81 -56.13
CA SER B 332 2.25 18.98 -55.16
C SER B 332 3.68 19.50 -54.99
N GLY B 333 4.56 18.63 -54.51
CA GLY B 333 5.95 18.99 -54.29
C GLY B 333 6.74 19.11 -55.58
N ILE B 334 7.21 20.32 -55.87
CA ILE B 334 7.97 20.59 -57.08
C ILE B 334 9.39 20.06 -56.98
N GLY B 335 9.96 19.67 -58.11
CA GLY B 335 11.39 19.41 -58.20
C GLY B 335 12.16 20.69 -58.49
N GLN B 336 13.05 20.63 -59.47
CA GLN B 336 13.77 21.83 -59.89
C GLN B 336 13.27 22.27 -61.26
N GLY B 337 13.16 21.32 -62.18
CA GLY B 337 12.73 21.61 -63.53
C GLY B 337 11.23 21.72 -63.67
N ASP B 338 10.49 21.19 -62.70
CA ASP B 338 9.03 21.20 -62.74
C ASP B 338 8.48 22.63 -62.65
N ALA B 339 7.53 22.94 -63.53
CA ALA B 339 6.84 24.22 -63.54
C ALA B 339 5.58 24.14 -64.39
N ALA B 340 4.67 23.24 -64.03
CA ALA B 340 3.50 22.96 -64.86
C ALA B 340 2.32 23.85 -64.51
N ILE B 341 2.40 24.53 -63.37
CA ILE B 341 1.30 25.36 -62.90
C ILE B 341 1.22 26.66 -63.72
N VAL B 342 2.36 27.04 -64.29
CA VAL B 342 2.52 28.34 -64.94
C VAL B 342 1.51 28.69 -66.05
N PRO B 343 1.20 27.74 -66.95
CA PRO B 343 0.31 28.17 -68.03
C PRO B 343 -1.18 28.22 -67.66
N HIS B 344 -1.59 27.51 -66.61
CA HIS B 344 -3.01 27.38 -66.29
C HIS B 344 -3.52 28.48 -65.36
N VAL B 345 -2.59 29.28 -64.82
CA VAL B 345 -2.96 30.31 -63.88
C VAL B 345 -2.54 31.70 -64.36
N ASP B 346 -3.11 32.73 -63.75
CA ASP B 346 -2.80 34.11 -64.10
C ASP B 346 -1.59 34.60 -63.30
N LEU B 347 -1.53 34.21 -62.04
CA LEU B 347 -0.38 34.52 -61.20
C LEU B 347 0.19 33.26 -60.57
N SER B 348 1.52 33.21 -60.46
CA SER B 348 2.17 32.05 -59.88
C SER B 348 3.01 32.42 -58.66
N LEU B 349 2.93 31.59 -57.63
CA LEU B 349 3.65 31.85 -56.38
C LEU B 349 4.52 30.65 -56.01
N TYR B 350 5.83 30.82 -56.12
CA TYR B 350 6.76 29.76 -55.74
C TYR B 350 7.01 29.82 -54.24
N VAL B 351 6.80 28.71 -53.55
CA VAL B 351 7.02 28.65 -52.11
C VAL B 351 8.20 27.74 -51.79
N MET B 352 9.14 28.25 -50.99
CA MET B 352 10.33 27.50 -50.65
C MET B 352 10.75 27.71 -49.20
N THR B 353 11.72 26.92 -48.76
CA THR B 353 12.28 27.06 -47.42
C THR B 353 13.72 27.58 -47.55
N PRO B 354 14.26 28.16 -46.47
CA PRO B 354 15.65 28.63 -46.48
C PRO B 354 16.68 27.56 -46.85
N GLU B 355 16.33 26.29 -46.70
CA GLU B 355 17.21 25.22 -47.16
C GLU B 355 16.92 24.83 -48.61
N PHE B 356 17.74 25.35 -49.52
CA PHE B 356 17.61 25.04 -50.94
C PHE B 356 18.95 24.54 -51.49
N GLY B 357 19.95 24.51 -50.62
CA GLY B 357 21.28 24.09 -51.00
C GLY B 357 22.15 25.28 -51.34
N ALA B 358 23.23 25.03 -52.07
CA ALA B 358 24.13 26.09 -52.49
C ALA B 358 23.41 27.10 -53.36
N ALA B 359 23.89 28.35 -53.36
CA ALA B 359 23.24 29.42 -54.09
C ALA B 359 23.11 29.12 -55.58
N SER B 360 24.08 28.36 -56.10
CA SER B 360 24.08 27.97 -57.52
C SER B 360 22.87 27.12 -57.88
N GLN B 361 22.26 26.49 -56.88
CA GLN B 361 21.10 25.65 -57.11
C GLN B 361 19.94 26.49 -57.64
N LEU B 362 19.87 27.75 -57.21
CA LEU B 362 18.81 28.66 -57.65
C LEU B 362 18.87 28.91 -59.15
N GLU B 363 20.02 28.64 -59.76
CA GLU B 363 20.20 28.82 -61.18
C GLU B 363 19.67 27.61 -61.97
N LYS B 364 19.12 26.65 -61.23
CA LYS B 364 18.59 25.43 -61.86
C LYS B 364 17.07 25.39 -61.77
N ILE B 365 16.51 26.13 -60.81
CA ILE B 365 15.08 26.12 -60.55
C ILE B 365 14.29 26.90 -61.60
N ASP B 366 13.61 26.17 -62.46
CA ASP B 366 12.84 26.78 -63.54
C ASP B 366 11.75 27.70 -63.03
N MET B 367 11.24 27.41 -61.84
CA MET B 367 10.09 28.14 -61.33
C MET B 367 10.47 29.56 -60.91
N LEU B 368 11.73 29.77 -60.57
CA LEU B 368 12.21 31.12 -60.21
C LEU B 368 12.29 32.02 -61.44
N ASP B 369 11.98 31.45 -62.60
CA ASP B 369 12.06 32.18 -63.86
C ASP B 369 10.66 32.58 -64.34
N PHE B 370 9.63 32.00 -63.71
CA PHE B 370 8.25 32.25 -64.12
C PHE B 370 7.41 32.87 -63.01
N ALA B 371 7.74 32.53 -61.76
CA ALA B 371 6.96 32.97 -60.60
C ALA B 371 6.82 34.47 -60.52
N ASP B 372 5.57 34.94 -60.40
CA ASP B 372 5.29 36.36 -60.21
C ASP B 372 5.63 36.77 -58.78
N PHE B 373 5.52 35.81 -57.86
CA PHE B 373 5.87 36.02 -56.47
C PHE B 373 6.64 34.82 -55.92
N VAL B 374 7.58 35.08 -55.03
CA VAL B 374 8.32 34.02 -54.37
C VAL B 374 8.21 34.19 -52.86
N ALA B 375 7.76 33.14 -52.18
CA ALA B 375 7.62 33.19 -50.73
C ALA B 375 8.57 32.23 -50.05
N ILE B 376 9.57 32.77 -49.36
CA ILE B 376 10.47 31.93 -48.57
C ILE B 376 9.82 31.68 -47.22
N ASN B 377 9.02 30.63 -47.16
CA ASN B 377 8.29 30.28 -45.95
C ASN B 377 9.21 29.66 -44.90
N LYS B 378 8.70 29.51 -43.69
CA LYS B 378 9.48 29.02 -42.55
C LYS B 378 10.70 29.91 -42.37
N PHE B 379 10.48 31.22 -42.33
CA PHE B 379 11.56 32.19 -42.28
C PHE B 379 12.22 32.23 -40.90
N ASP B 380 11.72 31.41 -39.99
CA ASP B 380 12.27 31.35 -38.64
C ASP B 380 13.46 30.39 -38.57
N ARG B 381 13.64 29.60 -39.62
CA ARG B 381 14.74 28.62 -39.66
C ARG B 381 16.09 29.33 -39.81
N LYS B 382 17.16 28.56 -39.71
CA LYS B 382 18.50 29.13 -39.82
C LYS B 382 18.81 29.50 -41.27
N GLY B 383 19.54 30.59 -41.45
CA GLY B 383 20.00 31.01 -42.75
C GLY B 383 18.89 31.54 -43.65
N ALA B 384 17.80 31.97 -43.04
CA ALA B 384 16.67 32.51 -43.79
C ALA B 384 17.00 33.86 -44.39
N GLN B 385 17.73 34.68 -43.63
CA GLN B 385 18.09 36.01 -44.10
C GLN B 385 18.96 35.94 -45.34
N ASP B 386 19.96 35.07 -45.30
CA ASP B 386 20.85 34.89 -46.44
C ASP B 386 20.11 34.22 -47.59
N ALA B 387 19.13 33.39 -47.26
CA ALA B 387 18.30 32.75 -48.27
C ALA B 387 17.49 33.80 -49.03
N TRP B 388 17.09 34.85 -48.34
CA TRP B 388 16.33 35.92 -48.96
C TRP B 388 17.20 36.70 -49.94
N ARG B 389 18.41 37.03 -49.49
CA ARG B 389 19.37 37.74 -50.33
C ARG B 389 19.63 36.97 -51.61
N ASP B 390 19.89 35.69 -51.46
CA ASP B 390 20.26 34.83 -52.57
C ASP B 390 19.12 34.71 -53.59
N VAL B 391 17.91 34.48 -53.09
CA VAL B 391 16.74 34.34 -53.97
C VAL B 391 16.40 35.67 -54.64
N ALA B 392 16.35 36.74 -53.87
CA ALA B 392 16.03 38.05 -54.40
C ALA B 392 17.01 38.46 -55.50
N LYS B 393 18.29 38.14 -55.30
CA LYS B 393 19.29 38.41 -56.31
C LYS B 393 19.05 37.56 -57.56
N GLN B 394 18.65 36.31 -57.35
CA GLN B 394 18.43 35.40 -58.47
C GLN B 394 17.23 35.80 -59.30
N VAL B 395 16.17 36.28 -58.65
CA VAL B 395 14.98 36.70 -59.36
C VAL B 395 15.28 37.98 -60.14
N GLN B 396 16.07 38.87 -59.53
CA GLN B 396 16.51 40.09 -60.20
C GLN B 396 17.31 39.74 -61.45
N ARG B 397 18.14 38.70 -61.34
CA ARG B 397 18.98 38.25 -62.42
C ARG B 397 18.17 37.60 -63.54
N ASN B 398 17.16 36.82 -63.15
CA ASN B 398 16.29 36.17 -64.11
C ASN B 398 15.45 37.16 -64.90
N ARG B 399 15.10 38.27 -64.24
CA ARG B 399 14.25 39.29 -64.86
C ARG B 399 15.08 40.37 -65.53
N GLU B 400 16.39 40.29 -65.35
CA GLU B 400 17.32 41.25 -65.94
C GLU B 400 16.98 42.69 -65.52
N GLN B 401 16.49 42.84 -64.31
CA GLN B 401 16.16 44.16 -63.77
C GLN B 401 17.30 44.70 -62.92
N TRP B 402 18.40 45.08 -63.56
CA TRP B 402 19.55 45.58 -62.82
C TRP B 402 19.42 47.08 -62.58
N HIS B 403 18.32 47.65 -63.04
CA HIS B 403 17.98 49.04 -62.75
C HIS B 403 17.10 49.13 -61.50
N SER B 404 16.82 47.97 -60.91
CA SER B 404 15.99 47.90 -59.71
C SER B 404 16.79 47.45 -58.49
N ARG B 405 16.22 47.64 -57.31
CA ARG B 405 16.85 47.21 -56.07
C ARG B 405 16.47 45.77 -55.76
N ALA B 406 17.43 44.99 -55.27
CA ALA B 406 17.19 43.59 -54.94
C ALA B 406 16.12 43.45 -53.87
N GLU B 407 16.04 44.46 -53.00
CA GLU B 407 15.07 44.48 -51.91
C GLU B 407 13.65 44.78 -52.41
N ASP B 408 13.54 45.13 -53.69
CA ASP B 408 12.25 45.45 -54.28
C ASP B 408 11.62 44.26 -54.98
N MET B 409 12.41 43.21 -55.19
CA MET B 409 11.91 42.01 -55.86
C MET B 409 10.75 41.38 -55.09
N PRO B 410 9.79 40.77 -55.81
CA PRO B 410 8.63 40.13 -55.19
C PRO B 410 8.98 38.88 -54.38
N VAL B 411 10.11 38.91 -53.67
CA VAL B 411 10.50 37.81 -52.81
C VAL B 411 10.21 38.15 -51.36
N TYR B 412 9.30 37.40 -50.75
CA TYR B 412 8.86 37.66 -49.39
C TYR B 412 9.32 36.57 -48.43
N GLY B 413 9.72 36.97 -47.23
CA GLY B 413 10.07 36.04 -46.17
C GLY B 413 8.91 35.84 -45.23
N THR B 414 8.19 34.74 -45.39
CA THR B 414 6.98 34.49 -44.61
C THR B 414 7.15 33.41 -43.57
N GLN B 415 6.33 33.47 -42.53
CA GLN B 415 6.28 32.43 -41.51
C GLN B 415 4.83 32.14 -41.17
N ALA B 416 4.22 31.23 -41.92
CA ALA B 416 2.79 30.94 -41.79
C ALA B 416 2.47 30.26 -40.46
N SER B 417 3.45 29.57 -39.88
CA SER B 417 3.23 28.82 -38.65
C SER B 417 2.83 29.72 -37.49
N ARG B 418 3.20 30.99 -37.57
CA ARG B 418 2.90 31.92 -36.49
C ARG B 418 1.74 32.84 -36.84
N PHE B 419 0.81 32.98 -35.88
CA PHE B 419 -0.39 33.77 -36.08
C PHE B 419 -0.09 35.23 -36.35
N ASN B 420 -0.88 35.82 -37.24
CA ASN B 420 -0.78 37.23 -37.58
C ASN B 420 0.64 37.62 -38.00
N ASP B 421 1.30 36.74 -38.73
CA ASP B 421 2.64 37.03 -39.22
C ASP B 421 2.61 38.21 -40.17
N ASP B 422 3.42 39.22 -39.89
CA ASP B 422 3.50 40.39 -40.75
C ASP B 422 4.09 40.02 -42.11
N GLY B 423 4.93 39.00 -42.13
CA GLY B 423 5.53 38.53 -43.36
C GLY B 423 4.49 38.06 -44.35
N VAL B 424 3.59 37.21 -43.89
CA VAL B 424 2.48 36.72 -44.72
C VAL B 424 1.63 37.88 -45.21
N THR B 425 1.35 38.83 -44.32
CA THR B 425 0.58 40.01 -44.66
C THR B 425 1.27 40.83 -45.75
N MET B 426 2.60 40.92 -45.67
CA MET B 426 3.37 41.63 -46.68
C MET B 426 3.25 40.96 -48.04
N LEU B 427 3.29 39.63 -48.05
CA LEU B 427 3.07 38.87 -49.26
C LEU B 427 1.66 39.08 -49.78
N TYR B 428 0.70 39.11 -48.86
CA TYR B 428 -0.69 39.31 -49.20
C TYR B 428 -0.93 40.67 -49.84
N GLN B 429 -0.31 41.71 -49.26
CA GLN B 429 -0.44 43.06 -49.79
C GLN B 429 0.05 43.12 -51.24
N GLY B 430 1.11 42.37 -51.53
CA GLY B 430 1.64 42.29 -52.86
C GLY B 430 0.71 41.59 -53.83
N LEU B 431 0.18 40.44 -53.41
CA LEU B 431 -0.74 39.66 -54.22
C LEU B 431 -1.97 40.45 -54.60
N VAL B 432 -2.49 41.22 -53.65
CA VAL B 432 -3.69 42.02 -53.87
C VAL B 432 -3.47 43.08 -54.96
N GLY B 433 -2.37 43.79 -54.86
CA GLY B 433 -2.04 44.81 -55.84
C GLY B 433 -1.91 44.21 -57.23
N ALA B 434 -1.36 43.00 -57.30
CA ALA B 434 -1.17 42.30 -58.56
C ALA B 434 -2.51 41.83 -59.11
N LEU B 435 -3.31 41.19 -58.26
CA LEU B 435 -4.64 40.73 -58.63
C LEU B 435 -5.56 41.89 -58.96
N GLY B 436 -5.41 42.98 -58.23
CA GLY B 436 -6.23 44.16 -58.43
C GLY B 436 -6.03 44.79 -59.79
N ALA B 437 -4.77 44.95 -60.19
CA ALA B 437 -4.44 45.50 -61.49
C ALA B 437 -4.86 44.54 -62.60
N ARG B 438 -4.95 43.25 -62.26
CA ARG B 438 -5.35 42.23 -63.22
C ARG B 438 -6.85 41.98 -63.15
N GLY B 439 -7.62 43.07 -63.13
CA GLY B 439 -9.07 42.99 -63.15
C GLY B 439 -9.70 42.23 -61.99
N MET B 440 -9.77 42.89 -60.84
CA MET B 440 -10.42 42.30 -59.67
C MET B 440 -10.93 43.39 -58.75
N SER B 441 -12.23 43.36 -58.45
CA SER B 441 -12.84 44.35 -57.58
C SER B 441 -12.51 44.06 -56.12
N LEU B 442 -11.85 45.01 -55.48
CA LEU B 442 -11.52 44.88 -54.06
C LEU B 442 -11.78 46.18 -53.29
N LYS B 443 -12.45 46.05 -52.15
CA LYS B 443 -12.64 47.18 -51.25
C LYS B 443 -11.30 47.60 -50.69
N PRO B 444 -11.18 48.87 -50.27
CA PRO B 444 -9.97 49.31 -49.57
C PRO B 444 -9.70 48.47 -48.33
N GLY B 445 -8.46 48.01 -48.19
CA GLY B 445 -8.11 47.07 -47.15
C GLY B 445 -8.31 47.54 -45.72
N THR B 446 -8.69 46.61 -44.86
CA THR B 446 -8.82 46.89 -43.43
C THR B 446 -7.56 46.45 -42.70
N LEU B 447 -6.81 45.54 -43.31
CA LEU B 447 -5.55 45.08 -42.76
C LEU B 447 -4.53 46.19 -42.80
N PRO B 448 -3.72 46.31 -41.73
CA PRO B 448 -2.62 47.28 -41.67
C PRO B 448 -1.68 47.12 -42.85
N ASN B 449 -1.64 48.13 -43.73
CA ASN B 449 -0.80 48.07 -44.92
C ASN B 449 0.67 48.11 -44.56
N LEU B 450 1.23 46.94 -44.25
CA LEU B 450 2.63 46.84 -43.86
C LEU B 450 3.54 46.79 -45.08
N GLU B 451 4.62 47.56 -45.03
CA GLU B 451 5.60 47.53 -46.09
C GLU B 451 6.82 46.73 -45.64
N GLY B 452 7.55 46.18 -46.61
CA GLY B 452 8.67 45.33 -46.30
C GLY B 452 8.59 44.02 -47.06
N ARG B 453 9.56 43.15 -46.85
CA ARG B 453 9.61 41.89 -47.57
C ARG B 453 9.77 40.70 -46.63
N ILE B 454 10.43 40.92 -45.51
CA ILE B 454 10.65 39.82 -44.57
C ILE B 454 9.79 39.94 -43.31
N SER B 455 9.51 38.80 -42.70
CA SER B 455 8.81 38.75 -41.42
C SER B 455 9.70 39.34 -40.33
N THR B 456 9.12 40.14 -39.43
CA THR B 456 9.88 40.70 -38.34
C THR B 456 10.11 39.68 -37.22
N GLY B 457 9.64 38.45 -37.45
CA GLY B 457 9.76 37.39 -36.46
C GLY B 457 9.09 37.78 -35.17
N GLN B 458 7.99 38.51 -35.27
CA GLN B 458 7.26 38.97 -34.10
C GLN B 458 6.56 37.82 -33.41
N ASN B 459 6.17 38.01 -32.15
CA ASN B 459 5.38 37.04 -31.40
C ASN B 459 6.04 35.68 -31.21
N VAL B 460 7.36 35.62 -31.33
CA VAL B 460 8.09 34.44 -30.91
C VAL B 460 8.05 34.39 -29.39
N ILE B 461 7.78 33.22 -28.84
CA ILE B 461 7.58 33.13 -27.39
C ILE B 461 8.91 33.01 -26.66
N VAL B 462 9.70 32.02 -27.06
CA VAL B 462 11.04 31.82 -26.55
C VAL B 462 12.06 32.23 -27.62
N PRO B 463 12.78 33.33 -27.38
CA PRO B 463 13.76 33.84 -28.34
C PRO B 463 14.83 32.80 -28.68
N PRO B 464 15.23 32.73 -29.95
CA PRO B 464 16.20 31.75 -30.47
C PRO B 464 17.54 31.80 -29.74
N ALA B 465 17.86 32.93 -29.14
CA ALA B 465 19.07 33.05 -28.33
C ALA B 465 18.98 32.15 -27.11
N ARG B 466 17.76 31.96 -26.61
CA ARG B 466 17.52 31.12 -25.43
C ARG B 466 17.06 29.73 -25.83
N SER B 467 17.39 29.31 -27.04
CA SER B 467 16.95 28.02 -27.57
C SER B 467 17.40 26.84 -26.71
N ARG B 468 18.65 26.87 -26.28
CA ARG B 468 19.22 25.74 -25.54
C ARG B 468 19.07 25.90 -24.03
N TYR B 469 17.99 26.52 -23.60
CA TYR B 469 17.80 26.81 -22.18
C TYR B 469 17.78 25.54 -21.34
N LEU B 470 17.17 24.48 -21.86
CA LEU B 470 17.10 23.21 -21.15
C LEU B 470 18.48 22.59 -20.98
N ALA B 471 19.33 22.76 -22.00
CA ALA B 471 20.68 22.26 -21.94
C ALA B 471 21.50 23.04 -20.92
N GLU B 472 21.27 24.35 -20.88
CA GLU B 472 21.96 25.23 -19.95
C GLU B 472 21.65 24.83 -18.52
N LEU B 473 20.40 24.46 -18.28
CA LEU B 473 19.97 24.02 -16.96
C LEU B 473 20.64 22.71 -16.58
N ALA B 474 20.79 21.82 -17.56
CA ALA B 474 21.45 20.54 -17.34
C ALA B 474 22.89 20.76 -16.90
N ASP B 475 23.55 21.72 -17.54
CA ASP B 475 24.94 22.05 -17.20
C ASP B 475 25.01 22.73 -15.83
N THR B 476 23.97 23.49 -15.51
CA THR B 476 23.90 24.20 -14.23
C THR B 476 23.89 23.21 -13.06
N VAL B 477 23.04 22.20 -13.18
CA VAL B 477 22.92 21.16 -12.15
C VAL B 477 24.20 20.35 -12.04
N ARG B 478 24.71 19.88 -13.18
CA ARG B 478 25.91 19.06 -13.21
C ARG B 478 27.11 19.82 -12.62
N ALA B 479 27.16 21.12 -12.87
CA ALA B 479 28.23 21.95 -12.33
C ALA B 479 28.13 22.04 -10.82
N TYR B 480 26.91 22.10 -10.32
CA TYR B 480 26.66 22.12 -8.88
C TYR B 480 27.21 20.84 -8.23
N HIS B 481 26.99 19.71 -8.89
CA HIS B 481 27.44 18.43 -8.36
C HIS B 481 28.96 18.29 -8.38
N ARG B 482 29.59 18.78 -9.44
CA ARG B 482 31.04 18.73 -9.53
C ARG B 482 31.66 19.55 -8.41
N ARG B 483 30.95 20.59 -7.98
CA ARG B 483 31.40 21.41 -6.87
C ARG B 483 31.25 20.66 -5.56
N VAL B 484 30.13 19.93 -5.43
CA VAL B 484 29.88 19.11 -4.25
C VAL B 484 31.02 18.11 -4.05
N VAL B 485 31.45 17.48 -5.13
CA VAL B 485 32.54 16.53 -5.08
C VAL B 485 33.85 17.20 -4.66
N ALA B 486 34.14 18.34 -5.28
CA ALA B 486 35.37 19.07 -5.02
C ALA B 486 35.42 19.62 -3.60
N GLN B 487 34.36 20.32 -3.19
CA GLN B 487 34.28 20.90 -1.85
C GLN B 487 34.31 19.82 -0.77
N SER B 488 33.73 18.66 -1.08
CA SER B 488 33.72 17.54 -0.15
C SER B 488 35.13 17.04 0.12
N LYS B 489 35.91 16.88 -0.94
CA LYS B 489 37.29 16.43 -0.82
C LYS B 489 38.12 17.44 -0.04
N LEU B 490 37.85 18.73 -0.25
CA LEU B 490 38.54 19.78 0.48
C LEU B 490 38.20 19.74 1.96
N ALA B 491 36.92 19.55 2.27
CA ALA B 491 36.48 19.46 3.65
C ALA B 491 37.04 18.23 4.34
N ARG B 492 37.14 17.13 3.59
CA ARG B 492 37.67 15.88 4.11
C ARG B 492 39.15 16.02 4.47
N GLU B 493 39.93 16.55 3.53
CA GLU B 493 41.37 16.73 3.74
C GLU B 493 41.66 17.69 4.87
N ARG B 494 40.87 18.77 4.95
CA ARG B 494 41.04 19.77 6.00
C ARG B 494 40.88 19.14 7.38
N GLN B 495 39.91 18.23 7.50
CA GLN B 495 39.66 17.54 8.75
C GLN B 495 40.73 16.49 9.03
N GLN B 496 41.14 15.77 7.98
CA GLN B 496 42.16 14.74 8.12
C GLN B 496 43.49 15.30 8.61
N LEU B 497 43.85 16.47 8.09
CA LEU B 497 45.12 17.11 8.47
C LEU B 497 45.11 17.54 9.93
N ARG B 498 44.10 18.31 10.33
CA ARG B 498 44.01 18.80 11.69
C ARG B 498 43.79 17.67 12.69
N ALA B 499 43.27 16.55 12.20
CA ALA B 499 43.11 15.36 13.04
C ALA B 499 44.46 14.71 13.30
N ALA B 500 45.24 14.56 12.23
CA ALA B 500 46.57 13.98 12.33
C ALA B 500 47.52 14.91 13.08
N HIS B 501 47.25 16.21 13.00
CA HIS B 501 48.06 17.21 13.69
C HIS B 501 47.89 17.13 15.20
N ASP B 502 46.66 16.87 15.64
CA ASP B 502 46.38 16.75 17.07
C ASP B 502 46.94 15.45 17.63
N MET B 503 47.06 14.44 16.77
CA MET B 503 47.54 13.14 17.19
C MET B 503 49.06 13.14 17.36
N LEU B 504 49.73 14.08 16.69
CA LEU B 504 51.17 14.24 16.84
C LEU B 504 51.52 14.94 18.16
N GLN B 505 50.70 15.92 18.53
CA GLN B 505 50.93 16.67 19.76
C GLN B 505 50.70 15.80 20.99
N GLY B 506 49.88 14.76 20.84
CA GLY B 506 49.64 13.83 21.92
C GLY B 506 50.74 12.81 22.05
N ALA B 507 51.50 12.63 20.95
CA ALA B 507 52.58 11.66 20.92
C ALA B 507 53.93 12.31 21.21
N GLY B 508 53.94 13.64 21.26
CA GLY B 508 55.15 14.39 21.56
C GLY B 508 55.72 15.11 20.37
N HIS B 509 56.41 14.37 19.50
CA HIS B 509 57.02 14.93 18.30
C HIS B 509 55.98 15.58 17.39
N GLU B 510 56.26 16.81 16.95
CA GLU B 510 55.30 17.58 16.19
C GLU B 510 55.82 18.00 14.82
N SER B 511 54.89 18.39 13.95
CA SER B 511 55.21 18.91 12.62
C SER B 511 54.13 19.89 12.18
N ALA B 512 54.41 21.18 12.35
CA ALA B 512 53.43 22.22 12.04
C ALA B 512 53.25 22.43 10.54
N ALA B 513 53.97 21.64 9.75
CA ALA B 513 53.82 21.66 8.30
C ALA B 513 52.46 21.10 7.89
N LEU B 514 51.83 20.37 8.81
CA LEU B 514 50.49 19.85 8.60
C LEU B 514 49.46 20.98 8.62
N GLU B 515 49.63 21.88 9.58
CA GLU B 515 48.72 23.02 9.73
C GLU B 515 48.81 23.95 8.52
N THR B 516 50.00 24.06 7.94
CA THR B 516 50.21 24.88 6.76
C THR B 516 49.33 24.40 5.61
N LEU B 517 49.20 23.08 5.48
CA LEU B 517 48.37 22.50 4.45
C LEU B 517 46.88 22.67 4.76
N ALA B 518 46.53 22.59 6.04
CA ALA B 518 45.15 22.72 6.47
C ALA B 518 44.65 24.14 6.27
N SER B 519 45.54 25.11 6.49
CA SER B 519 45.21 26.52 6.34
C SER B 519 44.89 26.85 4.88
N GLU B 520 45.53 26.12 3.97
CA GLU B 520 45.26 26.29 2.54
C GLU B 520 43.87 25.80 2.17
N ARG B 521 43.40 24.79 2.90
CA ARG B 521 42.08 24.22 2.67
C ARG B 521 40.98 25.16 3.15
N ASP B 522 41.29 25.95 4.17
CA ASP B 522 40.32 26.90 4.73
C ASP B 522 39.89 27.94 3.70
N VAL B 523 40.83 28.37 2.87
CA VAL B 523 40.55 29.36 1.83
C VAL B 523 39.97 28.68 0.59
N SER B 524 40.38 27.44 0.36
CA SER B 524 39.90 26.66 -0.78
C SER B 524 38.40 26.35 -0.66
N LEU B 525 37.96 26.06 0.56
CA LEU B 525 36.54 25.84 0.83
C LEU B 525 35.77 27.15 0.61
N GLY B 526 34.64 27.06 -0.07
CA GLY B 526 33.84 28.22 -0.38
C GLY B 526 33.30 28.93 0.85
N ALA B 527 32.68 30.08 0.64
CA ALA B 527 32.13 30.89 1.73
C ALA B 527 30.90 30.22 2.33
N VAL B 528 30.01 29.74 1.46
CA VAL B 528 28.78 29.11 1.90
C VAL B 528 29.03 27.69 2.43
N GLU B 529 29.98 27.00 1.80
CA GLU B 529 30.37 25.66 2.22
C GLU B 529 30.94 25.67 3.63
N ARG B 530 31.74 26.70 3.93
CA ARG B 530 32.39 26.81 5.23
C ARG B 530 31.35 27.08 6.33
N LYS B 531 30.34 27.88 6.00
CA LYS B 531 29.31 28.22 6.96
C LYS B 531 28.41 27.02 7.23
N LEU B 532 28.28 26.15 6.24
CA LEU B 532 27.47 24.94 6.37
C LEU B 532 28.02 24.01 7.45
N LEU B 533 29.32 23.73 7.37
CA LEU B 533 29.97 22.85 8.34
C LEU B 533 30.05 23.52 9.71
N ALA B 534 30.09 24.85 9.70
CA ALA B 534 30.18 25.62 10.93
C ALA B 534 28.90 25.52 11.75
N MET B 535 27.77 25.50 11.05
CA MET B 535 26.47 25.47 11.72
C MET B 535 26.02 24.05 12.04
N TRP B 536 26.74 23.06 11.52
CA TRP B 536 26.34 21.65 11.68
C TRP B 536 26.26 21.17 13.13
N PRO B 537 27.26 21.49 13.98
CA PRO B 537 27.08 21.04 15.37
C PRO B 537 25.91 21.76 16.04
N GLN B 538 25.73 23.03 15.70
CA GLN B 538 24.61 23.81 16.22
C GLN B 538 23.30 23.30 15.66
N MET B 539 23.35 22.81 14.42
CA MET B 539 22.17 22.25 13.77
C MET B 539 21.74 20.96 14.45
N GLN B 540 22.73 20.18 14.89
CA GLN B 540 22.45 18.90 15.55
C GLN B 540 21.77 19.12 16.89
N GLN B 541 22.16 20.16 17.61
CA GLN B 541 21.59 20.45 18.92
C GLN B 541 20.13 20.88 18.79
N ALA B 542 19.82 21.56 17.68
CA ALA B 542 18.46 22.00 17.42
C ALA B 542 17.50 20.83 17.32
N TYR B 543 17.83 19.89 16.44
CA TYR B 543 17.01 18.72 16.20
C TYR B 543 17.18 17.63 17.25
N SER B 544 17.97 17.92 18.28
CA SER B 544 18.24 16.95 19.34
C SER B 544 17.14 16.96 20.41
N GLY B 545 16.66 18.16 20.74
CA GLY B 545 15.69 18.31 21.80
C GLY B 545 14.32 17.75 21.46
N ASP B 546 13.34 18.09 22.30
CA ASP B 546 11.96 17.69 22.06
C ASP B 546 11.17 18.86 21.47
N GLU B 547 11.82 20.01 21.39
CA GLU B 547 11.20 21.19 20.79
C GLU B 547 12.19 21.92 19.87
N TYR B 548 11.64 22.58 18.86
CA TYR B 548 12.43 23.33 17.90
C TYR B 548 12.41 24.82 18.26
N VAL B 549 13.32 25.21 19.15
CA VAL B 549 13.40 26.59 19.60
C VAL B 549 13.98 27.49 18.52
N VAL B 550 13.13 28.27 17.87
CA VAL B 550 13.55 29.18 16.81
C VAL B 550 12.54 30.31 16.62
N ASP B 554 12.25 39.59 19.19
CA ASP B 554 12.51 38.62 20.24
C ASP B 554 11.30 37.71 20.47
N LYS B 555 10.53 37.49 19.41
CA LYS B 555 9.37 36.59 19.48
C LYS B 555 9.77 35.17 19.11
N GLU B 556 9.35 34.21 19.92
CA GLU B 556 9.74 32.81 19.73
C GLU B 556 8.61 31.95 19.16
N ILE B 557 8.98 30.79 18.63
CA ILE B 557 8.02 29.84 18.08
C ILE B 557 8.51 28.41 18.30
N ARG B 558 7.94 27.74 19.30
CA ARG B 558 8.34 26.37 19.63
C ARG B 558 7.60 25.35 18.77
N THR B 559 8.31 24.28 18.38
CA THR B 559 7.72 23.23 17.55
C THR B 559 8.15 21.85 18.02
N GLY B 560 7.18 20.95 18.18
CA GLY B 560 7.44 19.60 18.64
C GLY B 560 8.27 18.80 17.66
N LEU B 561 9.30 18.13 18.18
CA LEU B 561 10.22 17.36 17.34
C LEU B 561 9.99 15.86 17.48
N ILE B 562 9.36 15.45 18.57
CA ILE B 562 9.27 14.04 18.91
C ILE B 562 7.84 13.56 19.12
N SER B 563 7.49 12.45 18.50
CA SER B 563 6.23 11.77 18.76
C SER B 563 6.51 10.43 19.46
N THR B 564 6.03 10.30 20.69
CA THR B 564 6.30 9.10 21.49
C THR B 564 5.34 7.97 21.15
N THR B 565 5.90 6.78 20.92
CA THR B 565 5.10 5.64 20.48
C THR B 565 4.31 5.01 21.62
N LEU B 566 3.61 3.93 21.30
CA LEU B 566 2.82 3.19 22.27
C LEU B 566 3.72 2.35 23.17
N SER B 567 4.94 2.09 22.68
CA SER B 567 5.89 1.27 23.41
C SER B 567 6.77 2.13 24.30
N GLY B 568 6.80 3.43 24.02
CA GLY B 568 7.60 4.37 24.79
C GLY B 568 8.81 4.87 24.01
N THR B 569 8.93 4.42 22.77
CA THR B 569 10.02 4.86 21.91
C THR B 569 9.78 6.27 21.40
N LYS B 570 10.84 7.07 21.34
CA LYS B 570 10.75 8.43 20.83
C LYS B 570 11.10 8.49 19.34
N ILE B 571 10.12 8.83 18.51
CA ILE B 571 10.34 8.95 17.08
C ILE B 571 10.58 10.40 16.68
N ARG B 572 11.81 10.70 16.26
CA ARG B 572 12.15 12.05 15.83
C ARG B 572 11.50 12.36 14.48
N LYS B 573 10.96 13.57 14.35
CA LYS B 573 10.36 14.00 13.08
C LYS B 573 11.41 14.03 11.98
N VAL B 574 12.53 14.66 12.27
CA VAL B 574 13.64 14.73 11.33
C VAL B 574 14.89 14.10 11.91
N VAL B 575 15.34 13.01 11.29
CA VAL B 575 16.51 12.28 11.78
C VAL B 575 17.78 12.70 11.05
N LEU B 576 18.73 13.24 11.79
CA LEU B 576 20.00 13.69 11.21
C LEU B 576 21.00 12.56 11.12
N PRO B 577 21.90 12.61 10.13
CA PRO B 577 22.95 11.60 9.99
C PRO B 577 23.95 11.61 11.14
N ARG B 578 24.63 10.50 11.34
CA ARG B 578 25.65 10.42 12.38
C ARG B 578 27.03 10.20 11.75
N PHE B 579 27.35 11.00 10.75
CA PHE B 579 28.63 10.93 10.07
C PHE B 579 29.73 11.61 10.87
N GLU B 580 30.86 10.94 11.00
CA GLU B 580 32.03 11.54 11.63
C GLU B 580 32.84 12.31 10.60
N ASP B 581 32.89 11.78 9.39
CA ASP B 581 33.59 12.42 8.29
C ASP B 581 32.92 13.75 7.91
N GLU B 582 33.70 14.83 7.94
CA GLU B 582 33.17 16.14 7.57
C GLU B 582 33.00 16.26 6.06
N GLY B 583 33.59 15.33 5.33
CA GLY B 583 33.40 15.25 3.89
C GLY B 583 32.00 14.76 3.58
N GLU B 584 31.55 13.77 4.34
CA GLU B 584 30.20 13.24 4.20
C GLU B 584 29.16 14.24 4.67
N ILE B 585 29.44 14.93 5.77
CA ILE B 585 28.54 15.93 6.32
C ILE B 585 28.27 17.04 5.31
N LEU B 586 29.33 17.57 4.71
CA LEU B 586 29.20 18.60 3.71
C LEU B 586 28.49 18.08 2.47
N LYS B 587 28.88 16.88 2.04
CA LYS B 587 28.27 16.24 0.88
C LYS B 587 26.76 16.09 1.08
N TRP B 588 26.38 15.72 2.29
CA TRP B 588 24.97 15.52 2.61
C TRP B 588 24.23 16.85 2.71
N LEU B 589 24.90 17.87 3.25
CA LEU B 589 24.28 19.18 3.42
C LEU B 589 24.06 19.89 2.09
N MET B 590 24.81 19.51 1.07
CA MET B 590 24.70 20.15 -0.23
C MET B 590 23.77 19.37 -1.17
N ARG B 591 23.72 18.06 -1.00
CA ARG B 591 22.93 17.22 -1.91
C ARG B 591 21.53 16.95 -1.37
N GLU B 592 21.42 16.68 -0.07
CA GLU B 592 20.14 16.42 0.57
C GLU B 592 20.07 17.00 1.96
N ASN B 593 19.89 18.32 2.07
CA ASN B 593 19.79 18.94 3.38
C ASN B 593 18.46 18.57 4.04
N VAL B 594 18.33 18.88 5.33
CA VAL B 594 17.10 18.64 6.06
C VAL B 594 15.92 19.35 5.39
N PRO B 595 14.69 18.88 5.62
CA PRO B 595 13.53 19.56 5.05
C PRO B 595 13.48 21.03 5.46
N GLY B 596 13.33 21.92 4.48
CA GLY B 596 13.24 23.34 4.74
C GLY B 596 14.53 24.09 4.53
N SER B 597 15.54 23.40 3.99
CA SER B 597 16.83 24.02 3.70
C SER B 597 17.33 23.61 2.31
N PHE B 598 18.04 24.53 1.65
CA PHE B 598 18.57 24.28 0.31
C PHE B 598 19.46 23.04 0.27
N PRO B 599 19.30 22.21 -0.77
CA PRO B 599 18.42 22.39 -1.93
C PRO B 599 17.01 21.83 -1.77
N TYR B 600 16.52 21.75 -0.53
CA TYR B 600 15.14 21.34 -0.26
C TYR B 600 14.79 19.97 -0.84
N THR B 601 15.76 19.07 -0.86
CA THR B 601 15.55 17.74 -1.45
C THR B 601 14.49 16.96 -0.67
N ALA B 602 14.54 17.06 0.65
CA ALA B 602 13.64 16.30 1.50
C ALA B 602 12.37 17.10 1.83
N GLY B 603 12.13 18.16 1.08
CA GLY B 603 10.96 18.99 1.28
C GLY B 603 11.27 20.47 1.31
N VAL B 604 10.27 21.28 1.00
CA VAL B 604 10.45 22.73 0.93
C VAL B 604 10.18 23.39 2.27
N PHE B 605 9.54 22.67 3.18
CA PHE B 605 9.19 23.21 4.49
C PHE B 605 9.92 22.46 5.60
N ALA B 606 10.11 23.14 6.74
CA ALA B 606 10.85 22.57 7.85
C ALA B 606 10.17 21.32 8.39
N PHE B 607 8.90 21.47 8.78
CA PHE B 607 8.13 20.36 9.30
C PHE B 607 6.75 20.33 8.66
N LYS B 608 6.15 19.14 8.62
CA LYS B 608 4.82 18.98 8.04
C LYS B 608 3.77 19.68 8.89
N ARG B 609 2.72 20.17 8.25
CA ARG B 609 1.64 20.85 8.94
C ARG B 609 0.88 19.90 9.86
N GLU B 610 0.84 20.23 11.15
CA GLU B 610 0.17 19.40 12.15
C GLU B 610 -1.35 19.39 11.96
N GLY B 611 -1.87 20.45 11.34
CA GLY B 611 -3.30 20.58 11.14
C GLY B 611 -3.89 19.53 10.22
N GLU B 612 -5.21 19.43 10.23
CA GLU B 612 -5.91 18.47 9.37
C GLU B 612 -5.69 18.81 7.90
N ASP B 613 -5.66 17.79 7.05
CA ASP B 613 -5.42 17.97 5.62
C ASP B 613 -6.51 18.82 4.98
N PRO B 614 -6.11 19.72 4.07
CA PRO B 614 -7.06 20.58 3.36
C PRO B 614 -8.02 19.78 2.48
N THR B 615 -9.21 19.49 3.00
CA THR B 615 -10.20 18.69 2.28
C THR B 615 -10.62 19.38 0.98
N ARG B 616 -10.05 18.91 -0.13
CA ARG B 616 -10.42 19.43 -1.44
C ARG B 616 -11.86 19.06 -1.76
N MET B 617 -12.72 20.06 -1.83
CA MET B 617 -14.13 19.84 -2.12
C MET B 617 -14.42 20.13 -3.58
N PHE B 618 -14.29 19.10 -4.42
CA PHE B 618 -14.46 19.26 -5.86
C PHE B 618 -15.89 18.95 -6.29
N ALA B 619 -16.49 19.89 -7.00
CA ALA B 619 -17.86 19.73 -7.49
C ALA B 619 -18.00 20.31 -8.90
N GLY B 620 -18.77 19.64 -9.74
CA GLY B 620 -18.95 20.09 -11.10
C GLY B 620 -19.76 19.12 -11.95
N GLU B 621 -21.05 19.44 -12.12
CA GLU B 621 -21.94 18.62 -12.93
C GLU B 621 -23.25 19.38 -13.15
N GLY B 622 -23.80 19.25 -14.36
CA GLY B 622 -25.01 19.97 -14.71
C GLY B 622 -24.74 21.44 -14.95
N ASP B 623 -25.70 22.28 -14.55
CA ASP B 623 -25.56 23.72 -14.75
C ASP B 623 -24.98 24.37 -13.49
N ALA B 624 -24.82 25.69 -13.55
CA ALA B 624 -24.19 26.44 -12.47
C ALA B 624 -24.96 26.33 -11.16
N PHE B 625 -26.28 26.21 -11.26
CA PHE B 625 -27.13 26.12 -10.08
C PHE B 625 -26.88 24.83 -9.29
N ARG B 626 -26.72 23.72 -10.00
CA ARG B 626 -26.54 22.43 -9.35
C ARG B 626 -25.16 22.31 -8.70
N THR B 627 -24.13 22.81 -9.38
CA THR B 627 -22.78 22.76 -8.86
C THR B 627 -22.65 23.67 -7.65
N ASN B 628 -23.32 24.82 -7.72
CA ASN B 628 -23.33 25.77 -6.61
C ASN B 628 -23.99 25.19 -5.37
N ARG B 629 -25.05 24.40 -5.58
CA ARG B 629 -25.69 23.69 -4.49
C ARG B 629 -24.73 22.65 -3.93
N ARG B 630 -24.15 21.86 -4.82
CA ARG B 630 -23.20 20.81 -4.45
C ARG B 630 -22.05 21.39 -3.62
N PHE B 631 -21.54 22.54 -4.07
CA PHE B 631 -20.48 23.24 -3.34
C PHE B 631 -20.93 23.59 -1.93
N LYS B 632 -22.12 24.14 -1.80
CA LYS B 632 -22.63 24.63 -0.52
C LYS B 632 -22.95 23.48 0.43
N LEU B 633 -23.33 22.34 -0.13
CA LEU B 633 -23.69 21.19 0.70
C LEU B 633 -22.46 20.52 1.29
N VAL B 634 -21.38 20.47 0.51
CA VAL B 634 -20.13 19.89 1.00
C VAL B 634 -19.45 20.84 1.97
N SER B 635 -19.46 22.13 1.63
CA SER B 635 -18.76 23.13 2.43
C SER B 635 -19.63 23.70 3.55
N GLU B 636 -20.49 22.86 4.12
CA GLU B 636 -21.36 23.28 5.20
C GLU B 636 -20.62 23.26 6.54
N GLY B 637 -20.59 24.40 7.21
CA GLY B 637 -20.04 24.49 8.55
C GLY B 637 -18.53 24.53 8.63
N MET B 638 -17.87 24.58 7.47
CA MET B 638 -16.42 24.65 7.44
C MET B 638 -15.94 26.08 7.19
N GLU B 639 -14.78 26.41 7.76
CA GLU B 639 -14.21 27.75 7.61
C GLU B 639 -13.28 27.82 6.40
N ALA B 640 -12.80 26.66 5.96
CA ALA B 640 -11.92 26.58 4.81
C ALA B 640 -12.71 26.31 3.54
N LYS B 641 -13.18 27.37 2.89
CA LYS B 641 -13.88 27.24 1.61
C LYS B 641 -12.88 27.03 0.48
N ARG B 642 -12.54 25.77 0.24
CA ARG B 642 -11.57 25.42 -0.79
C ARG B 642 -12.25 24.65 -1.92
N LEU B 643 -12.74 25.38 -2.92
CA LEU B 643 -13.52 24.80 -4.01
C LEU B 643 -12.65 24.39 -5.19
N SER B 644 -13.03 23.29 -5.84
CA SER B 644 -12.36 22.84 -7.05
C SER B 644 -13.40 22.56 -8.15
N THR B 645 -13.40 23.36 -9.19
CA THR B 645 -14.44 23.31 -10.22
C THR B 645 -14.03 22.48 -11.43
N ALA B 646 -14.98 21.70 -11.95
CA ALA B 646 -14.76 20.94 -13.18
C ALA B 646 -15.78 21.33 -14.24
N PHE B 647 -15.30 21.65 -15.44
CA PHE B 647 -16.19 22.09 -16.51
C PHE B 647 -16.52 20.98 -17.50
N ASP B 648 -17.67 21.09 -18.16
CA ASP B 648 -18.07 20.09 -19.15
C ASP B 648 -17.27 20.27 -20.43
N SER B 649 -17.27 19.24 -21.27
CA SER B 649 -16.46 19.22 -22.49
C SER B 649 -16.77 20.38 -23.42
N VAL B 650 -18.01 20.86 -23.39
CA VAL B 650 -18.41 22.00 -24.21
C VAL B 650 -17.65 23.26 -23.79
N THR B 651 -17.58 23.49 -22.48
CA THR B 651 -16.88 24.65 -21.95
C THR B 651 -15.37 24.49 -22.06
N LEU B 652 -14.90 23.26 -21.90
CA LEU B 652 -13.47 22.97 -21.96
C LEU B 652 -12.89 23.27 -23.35
N TYR B 653 -13.75 23.30 -24.36
CA TYR B 653 -13.33 23.60 -25.71
C TYR B 653 -13.75 25.01 -26.14
N GLY B 654 -14.21 25.79 -25.17
CA GLY B 654 -14.53 27.20 -25.40
C GLY B 654 -15.79 27.45 -26.19
N GLU B 655 -16.68 26.47 -26.25
CA GLU B 655 -17.89 26.58 -27.05
C GLU B 655 -19.12 26.90 -26.20
N ASP B 656 -20.12 27.49 -26.83
CA ASP B 656 -21.41 27.71 -26.19
C ASP B 656 -22.28 26.47 -26.34
N PRO B 657 -23.20 26.24 -25.39
CA PRO B 657 -24.17 25.14 -25.55
C PRO B 657 -25.09 25.40 -26.74
N HIS B 658 -25.46 24.36 -27.46
CA HIS B 658 -26.26 24.54 -28.67
C HIS B 658 -27.20 23.37 -28.94
N GLU B 659 -28.20 23.61 -29.76
CA GLU B 659 -29.14 22.57 -30.16
C GLU B 659 -28.47 21.48 -30.99
N ARG B 660 -27.37 21.84 -31.66
CA ARG B 660 -26.62 20.89 -32.50
C ARG B 660 -26.31 19.59 -31.75
N PRO B 661 -26.76 18.46 -32.31
CA PRO B 661 -26.61 17.12 -31.72
C PRO B 661 -25.19 16.78 -31.31
N ASP B 662 -24.18 17.30 -32.00
CA ASP B 662 -22.80 17.01 -31.65
C ASP B 662 -22.34 17.80 -30.42
N ILE B 663 -23.17 18.75 -30.00
CA ILE B 663 -22.85 19.60 -28.85
C ILE B 663 -23.84 19.42 -27.71
N TYR B 664 -25.13 19.37 -28.05
CA TYR B 664 -26.19 19.31 -27.05
C TYR B 664 -26.01 18.17 -26.06
N GLY B 665 -25.65 16.99 -26.56
CA GLY B 665 -25.45 15.84 -25.70
C GLY B 665 -24.34 16.04 -24.69
N LYS B 666 -23.35 16.85 -25.05
CA LYS B 666 -22.17 17.05 -24.23
C LYS B 666 -22.41 18.05 -23.09
N VAL B 667 -23.43 18.89 -23.25
CA VAL B 667 -23.68 19.97 -22.31
C VAL B 667 -24.08 19.46 -20.93
N GLY B 668 -23.38 19.91 -19.90
CA GLY B 668 -23.71 19.55 -18.53
C GLY B 668 -23.10 18.23 -18.08
N ASN B 669 -22.88 17.33 -19.04
CA ASN B 669 -22.31 16.04 -18.75
C ASN B 669 -20.82 16.13 -18.45
N SER B 670 -20.39 15.56 -17.33
CA SER B 670 -18.99 15.53 -16.91
C SER B 670 -18.41 16.93 -16.73
N GLY B 671 -19.02 17.71 -15.86
CA GLY B 671 -18.55 19.06 -15.57
C GLY B 671 -19.63 20.11 -15.68
N VAL B 672 -19.46 21.22 -14.97
CA VAL B 672 -20.46 22.29 -14.98
C VAL B 672 -20.45 23.03 -16.31
N SER B 673 -21.62 23.44 -16.78
CA SER B 673 -21.73 24.19 -18.02
C SER B 673 -21.72 25.69 -17.76
N ILE B 674 -20.60 26.33 -18.10
CA ILE B 674 -20.44 27.77 -17.92
C ILE B 674 -20.23 28.47 -19.25
N ALA B 675 -21.20 29.26 -19.68
CA ALA B 675 -21.17 29.86 -21.01
C ALA B 675 -21.04 31.38 -20.98
N THR B 676 -21.66 32.00 -19.98
CA THR B 676 -21.60 33.46 -19.85
C THR B 676 -21.12 33.87 -18.46
N LEU B 677 -20.82 35.15 -18.30
CA LEU B 677 -20.42 35.70 -17.01
C LEU B 677 -21.52 35.49 -15.97
N GLU B 678 -22.78 35.51 -16.42
CA GLU B 678 -23.91 35.30 -15.54
C GLU B 678 -23.88 33.89 -14.95
N ASP B 679 -23.57 32.91 -15.78
CA ASP B 679 -23.42 31.52 -15.34
C ASP B 679 -22.31 31.41 -14.30
N MET B 680 -21.25 32.18 -14.48
CA MET B 680 -20.12 32.16 -13.55
C MET B 680 -20.50 32.71 -12.19
N LYS B 681 -21.31 33.77 -12.19
CA LYS B 681 -21.75 34.40 -10.96
C LYS B 681 -22.65 33.46 -10.16
N VAL B 682 -23.52 32.76 -10.86
CA VAL B 682 -24.41 31.77 -10.23
C VAL B 682 -23.58 30.65 -9.61
N LEU B 683 -22.51 30.25 -10.31
CA LEU B 683 -21.65 29.16 -9.85
C LEU B 683 -21.04 29.42 -8.49
N TYR B 684 -20.62 30.66 -8.25
CA TYR B 684 -19.98 31.00 -6.98
C TYR B 684 -20.82 31.95 -6.14
N ASP B 685 -22.14 31.85 -6.26
CA ASP B 685 -23.04 32.65 -5.46
C ASP B 685 -22.93 32.26 -3.99
N GLY B 686 -23.02 33.24 -3.10
CA GLY B 686 -22.92 32.96 -1.68
C GLY B 686 -21.49 32.94 -1.18
N PHE B 687 -20.61 32.32 -1.96
CA PHE B 687 -19.20 32.26 -1.63
C PHE B 687 -18.54 33.63 -1.80
N ASP B 688 -17.81 34.07 -0.78
CA ASP B 688 -17.07 35.32 -0.85
C ASP B 688 -15.69 35.05 -1.45
N LEU B 689 -15.51 35.41 -2.72
CA LEU B 689 -14.28 35.11 -3.45
C LEU B 689 -13.10 35.94 -2.95
N THR B 690 -13.39 37.11 -2.38
CA THR B 690 -12.36 38.00 -1.88
C THR B 690 -12.04 37.72 -0.41
N ASN B 691 -12.82 36.85 0.20
CA ASN B 691 -12.58 36.44 1.58
C ASN B 691 -11.26 35.70 1.70
N PRO B 692 -10.44 36.07 2.69
CA PRO B 692 -9.09 35.50 2.87
C PRO B 692 -9.08 33.99 3.09
N SER B 693 -10.20 33.44 3.54
CA SER B 693 -10.29 32.01 3.80
C SER B 693 -11.08 31.28 2.74
N THR B 694 -11.03 31.81 1.51
CA THR B 694 -11.75 31.20 0.40
C THR B 694 -10.92 31.23 -0.89
N SER B 695 -10.50 30.05 -1.33
CA SER B 695 -9.75 29.91 -2.57
C SER B 695 -10.52 29.02 -3.55
N VAL B 696 -10.50 29.39 -4.82
CA VAL B 696 -11.23 28.63 -5.83
C VAL B 696 -10.33 28.07 -6.91
N SER B 697 -10.21 26.74 -6.95
CA SER B 697 -9.50 26.06 -8.02
C SER B 697 -10.46 25.71 -9.15
N MET B 698 -9.96 25.73 -10.39
CA MET B 698 -10.78 25.33 -11.53
C MET B 698 -9.90 24.91 -12.70
N THR B 699 -10.09 23.68 -13.14
CA THR B 699 -9.26 23.11 -14.20
C THR B 699 -9.80 23.43 -15.59
N ILE B 700 -9.12 24.35 -16.26
CA ILE B 700 -9.46 24.76 -17.63
C ILE B 700 -8.18 25.15 -18.34
N ASN B 701 -8.03 24.76 -19.60
CA ASN B 701 -6.77 24.94 -20.30
C ASN B 701 -6.87 25.89 -21.50
N GLY B 702 -7.46 25.42 -22.58
CA GLY B 702 -7.63 26.22 -23.78
C GLY B 702 -8.29 27.57 -23.54
N PRO B 703 -9.54 27.57 -23.07
CA PRO B 703 -10.30 28.81 -22.83
C PRO B 703 -9.95 29.47 -21.49
N ALA B 704 -8.83 29.08 -20.89
CA ALA B 704 -8.45 29.57 -19.56
C ALA B 704 -8.44 31.10 -19.41
N PRO B 705 -7.88 31.84 -20.39
CA PRO B 705 -7.90 33.30 -20.19
C PRO B 705 -9.30 33.89 -20.13
N THR B 706 -10.23 33.32 -20.90
CA THR B 706 -11.59 33.82 -20.92
C THR B 706 -12.33 33.47 -19.63
N ILE B 707 -12.16 32.23 -19.18
CA ILE B 707 -12.79 31.77 -17.94
C ILE B 707 -12.26 32.57 -16.74
N LEU B 708 -10.95 32.83 -16.75
CA LEU B 708 -10.32 33.63 -15.72
C LEU B 708 -10.90 35.04 -15.68
N ALA B 709 -11.13 35.61 -16.85
CA ALA B 709 -11.72 36.94 -16.97
C ALA B 709 -13.11 36.97 -16.36
N MET B 710 -13.86 35.89 -16.55
CA MET B 710 -15.19 35.76 -15.97
C MET B 710 -15.10 35.69 -14.45
N PHE B 711 -14.19 34.85 -13.95
CA PHE B 711 -14.01 34.69 -12.51
C PHE B 711 -13.59 35.99 -11.84
N MET B 712 -12.73 36.75 -12.50
CA MET B 712 -12.28 38.03 -11.97
C MET B 712 -13.43 39.01 -11.90
N ASN B 713 -14.22 39.09 -12.97
CA ASN B 713 -15.39 39.97 -13.00
C ASN B 713 -16.43 39.57 -11.97
N THR B 714 -16.49 38.28 -11.66
CA THR B 714 -17.41 37.78 -10.64
C THR B 714 -16.99 38.26 -9.26
N ALA B 715 -15.70 38.10 -8.96
CA ALA B 715 -15.15 38.51 -7.67
C ALA B 715 -15.28 40.02 -7.47
N ILE B 716 -15.14 40.77 -8.55
CA ILE B 716 -15.27 42.22 -8.50
C ILE B 716 -16.72 42.63 -8.26
N ASP B 717 -17.65 42.02 -9.00
CA ASP B 717 -19.06 42.36 -8.88
C ASP B 717 -19.63 41.96 -7.53
N GLN B 718 -18.99 41.00 -6.87
CA GLN B 718 -19.43 40.57 -5.54
C GLN B 718 -19.22 41.68 -4.50
N GLN B 719 -18.17 42.46 -4.69
CA GLN B 719 -17.86 43.55 -3.76
C GLN B 719 -18.60 44.82 -4.14
N ILE B 720 -18.91 44.98 -5.42
CA ILE B 720 -19.73 46.09 -5.88
C ILE B 720 -21.16 45.89 -5.37
N ASP B 721 -21.58 44.64 -5.28
CA ASP B 721 -22.88 44.29 -4.73
C ASP B 721 -22.89 44.49 -3.22
N ARG B 722 -21.80 44.10 -2.57
CA ARG B 722 -21.69 44.22 -1.12
C ARG B 722 -21.60 45.68 -0.68
N PHE B 723 -21.21 46.55 -1.60
CA PHE B 723 -21.12 47.98 -1.31
C PHE B 723 -22.49 48.64 -1.48
N ARG B 724 -23.21 48.25 -2.51
CA ARG B 724 -24.54 48.78 -2.78
C ARG B 724 -25.55 48.27 -1.76
N ALA B 725 -25.14 47.27 -0.99
CA ALA B 725 -25.99 46.69 0.04
C ALA B 725 -25.70 47.29 1.41
N ASP B 726 -24.42 47.56 1.68
CA ASP B 726 -24.00 48.12 2.97
C ASP B 726 -24.29 49.61 3.06
N ASN B 727 -24.19 50.31 1.93
CA ASN B 727 -24.37 51.75 1.91
C ASN B 727 -25.74 52.16 1.37
N GLY B 728 -26.37 51.26 0.61
CA GLY B 728 -27.66 51.53 0.03
C GLY B 728 -27.57 52.36 -1.23
N ARG B 729 -26.37 52.88 -1.50
CA ARG B 729 -26.11 53.66 -2.70
C ARG B 729 -25.02 53.02 -3.55
N ASP B 730 -25.12 53.18 -4.86
CA ASP B 730 -24.09 52.67 -5.76
C ASP B 730 -22.80 53.47 -5.58
N PRO B 731 -21.65 52.77 -5.65
CA PRO B 731 -20.36 53.44 -5.52
C PRO B 731 -20.09 54.42 -6.66
N THR B 732 -19.45 55.54 -6.35
CA THR B 732 -19.10 56.52 -7.37
C THR B 732 -17.97 55.97 -8.26
N ALA B 733 -17.58 56.77 -9.25
CA ALA B 733 -16.52 56.37 -10.17
C ALA B 733 -15.21 56.12 -9.43
N ASP B 734 -14.94 56.95 -8.44
CA ASP B 734 -13.70 56.84 -7.67
C ASP B 734 -13.79 55.70 -6.66
N GLU B 735 -14.98 55.50 -6.10
CA GLU B 735 -15.21 54.44 -5.13
C GLU B 735 -15.15 53.06 -5.78
N GLU B 736 -15.73 52.94 -6.96
CA GLU B 736 -15.77 51.68 -7.69
C GLU B 736 -14.37 51.23 -8.10
N ALA B 737 -13.59 52.17 -8.63
CA ALA B 737 -12.23 51.89 -9.07
C ALA B 737 -11.34 51.49 -7.89
N LYS B 738 -11.63 52.05 -6.73
CA LYS B 738 -10.90 51.71 -5.51
C LYS B 738 -11.22 50.29 -5.08
N ILE B 739 -12.49 49.92 -5.21
CA ILE B 739 -12.94 48.58 -4.87
C ILE B 739 -12.37 47.56 -5.85
N ARG B 740 -12.51 47.84 -7.14
CA ARG B 740 -12.09 46.95 -8.20
C ARG B 740 -10.60 46.60 -8.09
N ALA B 741 -9.78 47.61 -7.76
CA ALA B 741 -8.34 47.41 -7.63
C ALA B 741 -8.01 46.56 -6.41
N TRP B 742 -8.81 46.69 -5.35
CA TRP B 742 -8.60 45.92 -4.14
C TRP B 742 -8.93 44.45 -4.35
N VAL B 743 -9.97 44.20 -5.13
CA VAL B 743 -10.40 42.84 -5.42
C VAL B 743 -9.31 42.05 -6.14
N LEU B 744 -8.73 42.67 -7.16
CA LEU B 744 -7.69 42.05 -7.97
C LEU B 744 -6.48 41.61 -7.13
N GLN B 745 -6.16 42.39 -6.11
CA GLN B 745 -5.02 42.08 -5.26
C GLN B 745 -5.30 40.90 -4.32
N ASN B 746 -6.43 40.96 -3.61
CA ASN B 746 -6.70 40.03 -2.53
C ASN B 746 -7.42 38.75 -2.92
N VAL B 747 -7.88 38.67 -4.16
CA VAL B 747 -8.60 37.48 -4.61
C VAL B 747 -7.69 36.25 -4.65
N ARG B 748 -8.14 35.16 -4.03
CA ARG B 748 -7.36 33.94 -4.02
C ARG B 748 -7.97 32.92 -4.97
N GLY B 749 -7.13 32.03 -5.51
CA GLY B 749 -7.61 30.99 -6.38
C GLY B 749 -6.56 30.53 -7.37
N THR B 750 -6.90 29.55 -8.19
CA THR B 750 -5.95 28.99 -9.15
C THR B 750 -6.65 28.48 -10.41
N VAL B 751 -6.12 28.85 -11.56
CA VAL B 751 -6.54 28.24 -12.81
C VAL B 751 -5.55 27.13 -13.14
N GLN B 752 -6.04 25.88 -13.15
CA GLN B 752 -5.17 24.73 -13.43
C GLN B 752 -4.86 24.64 -14.92
N ALA B 753 -4.26 25.70 -15.46
CA ALA B 753 -3.99 25.79 -16.89
C ALA B 753 -2.57 25.37 -17.23
N ASP B 754 -2.44 24.52 -18.23
CA ASP B 754 -1.16 24.08 -18.75
C ASP B 754 -1.32 23.84 -20.23
N ILE B 755 -0.82 24.76 -21.04
CA ILE B 755 -0.94 24.62 -22.50
C ILE B 755 0.03 23.56 -23.01
N LEU B 756 1.23 23.55 -22.47
CA LEU B 756 2.27 22.64 -22.95
C LEU B 756 1.91 21.17 -22.72
N LYS B 757 1.00 20.88 -21.79
CA LYS B 757 0.59 19.50 -21.59
C LYS B 757 -0.42 19.12 -22.67
N GLU B 758 -1.15 20.10 -23.18
CA GLU B 758 -2.27 19.86 -24.09
C GLU B 758 -1.86 19.16 -25.36
N ASP B 759 -0.84 19.69 -26.03
CA ASP B 759 -0.39 19.14 -27.29
C ASP B 759 0.45 17.89 -27.06
N GLN B 760 1.23 17.88 -25.98
CA GLN B 760 2.18 16.80 -25.73
C GLN B 760 1.51 15.46 -25.41
N GLY B 761 0.67 15.43 -24.38
CA GLY B 761 0.02 14.20 -24.01
C GLY B 761 -1.41 14.11 -24.49
N GLN B 762 -2.18 15.16 -24.23
CA GLN B 762 -3.63 15.12 -24.36
C GLN B 762 -4.18 15.15 -25.78
N ASN B 763 -3.64 16.05 -26.61
CA ASN B 763 -4.23 16.37 -27.92
C ASN B 763 -5.63 16.95 -27.75
N THR B 764 -5.70 18.13 -27.15
CA THR B 764 -6.96 18.75 -26.75
C THR B 764 -6.93 20.25 -27.02
N CYS B 765 -5.99 20.68 -27.85
CA CYS B 765 -5.78 22.10 -28.11
C CYS B 765 -6.90 22.71 -28.94
N ILE B 766 -7.31 23.93 -28.57
CA ILE B 766 -8.29 24.67 -29.35
C ILE B 766 -7.66 25.93 -29.93
N PHE B 767 -6.57 26.37 -29.30
CA PHE B 767 -5.76 27.47 -29.85
C PHE B 767 -4.37 26.95 -30.19
N SER B 768 -3.71 27.60 -31.13
CA SER B 768 -2.33 27.27 -31.47
C SER B 768 -1.43 27.53 -30.26
N THR B 769 -0.49 26.61 -30.02
CA THR B 769 0.36 26.66 -28.83
C THR B 769 1.05 28.01 -28.67
N GLU B 770 1.49 28.58 -29.79
CA GLU B 770 2.16 29.87 -29.77
C GLU B 770 1.21 31.00 -29.34
N PHE B 771 -0.05 30.91 -29.76
CA PHE B 771 -1.01 31.95 -29.42
C PHE B 771 -1.36 31.91 -27.94
N SER B 772 -1.59 30.70 -27.43
CA SER B 772 -1.95 30.52 -26.03
C SER B 772 -0.87 31.08 -25.12
N LEU B 773 0.39 30.81 -25.48
CA LEU B 773 1.53 31.28 -24.69
C LEU B 773 1.60 32.80 -24.67
N LYS B 774 1.20 33.42 -25.78
CA LYS B 774 1.22 34.87 -25.86
C LYS B 774 0.18 35.45 -24.90
N VAL B 775 -1.02 34.89 -24.93
CA VAL B 775 -2.10 35.33 -24.06
C VAL B 775 -1.77 34.96 -22.61
N MET B 776 -1.12 33.81 -22.44
CA MET B 776 -0.66 33.36 -21.12
C MET B 776 0.25 34.42 -20.51
N GLY B 777 1.16 34.94 -21.33
CA GLY B 777 2.03 36.02 -20.90
C GLY B 777 1.27 37.30 -20.65
N ASP B 778 0.24 37.54 -21.46
CA ASP B 778 -0.61 38.72 -21.30
C ASP B 778 -1.29 38.71 -19.93
N ILE B 779 -1.69 37.52 -19.49
CA ILE B 779 -2.31 37.38 -18.17
C ILE B 779 -1.29 37.68 -17.08
N GLN B 780 -0.11 37.07 -17.21
CA GLN B 780 0.93 37.22 -16.20
C GLN B 780 1.42 38.66 -16.10
N GLU B 781 1.34 39.38 -17.23
CA GLU B 781 1.69 40.79 -17.27
C GLU B 781 0.61 41.61 -16.56
N TYR B 782 -0.65 41.21 -16.75
CA TYR B 782 -1.78 41.88 -16.13
C TYR B 782 -1.73 41.73 -14.61
N PHE B 783 -1.36 40.53 -14.14
CA PHE B 783 -1.22 40.26 -12.72
C PHE B 783 -0.19 41.18 -12.06
N VAL B 784 0.91 41.39 -12.77
CA VAL B 784 1.98 42.26 -12.28
C VAL B 784 1.50 43.69 -12.14
N HIS B 785 0.81 44.17 -13.17
CA HIS B 785 0.37 45.57 -13.22
C HIS B 785 -0.60 45.91 -12.08
N HIS B 786 -1.45 44.96 -11.71
CA HIS B 786 -2.48 45.21 -10.70
C HIS B 786 -2.18 44.54 -9.36
N GLN B 787 -0.95 44.08 -9.19
CA GLN B 787 -0.49 43.46 -7.95
C GLN B 787 -1.34 42.26 -7.52
N VAL B 788 -1.77 41.47 -8.49
CA VAL B 788 -2.50 40.25 -8.23
C VAL B 788 -1.56 39.18 -7.67
N ARG B 789 -1.36 39.20 -6.36
CA ARG B 789 -0.36 38.34 -5.74
C ARG B 789 -0.95 37.11 -5.03
N ASN B 790 -2.26 37.00 -5.03
CA ASN B 790 -2.91 35.88 -4.34
C ASN B 790 -3.58 34.90 -5.28
N PHE B 791 -3.52 35.15 -6.58
CA PHE B 791 -4.08 34.23 -7.56
C PHE B 791 -2.98 33.56 -8.39
N TYR B 792 -3.17 32.28 -8.68
CA TYR B 792 -2.21 31.50 -9.44
C TYR B 792 -2.74 31.21 -10.84
N SER B 793 -1.95 31.53 -11.86
CA SER B 793 -2.41 31.44 -13.24
C SER B 793 -1.86 30.22 -13.99
N VAL B 794 -0.93 29.50 -13.36
CA VAL B 794 -0.30 28.35 -14.02
C VAL B 794 -0.12 27.17 -13.09
N SER B 795 -0.65 26.02 -13.49
CA SER B 795 -0.39 24.77 -12.80
C SER B 795 0.22 23.78 -13.78
N ILE B 796 1.52 23.53 -13.64
CA ILE B 796 2.25 22.72 -14.60
C ILE B 796 2.04 21.24 -14.34
N SER B 797 1.23 20.60 -15.19
CA SER B 797 0.86 19.20 -14.99
C SER B 797 1.69 18.25 -15.84
N GLY B 798 1.78 17.01 -15.37
CA GLY B 798 2.42 15.95 -16.11
C GLY B 798 1.60 14.68 -15.96
N TYR B 799 0.44 14.83 -15.33
CA TYR B 799 -0.43 13.69 -15.05
C TYR B 799 -0.99 13.08 -16.33
N HIS B 800 -1.51 13.94 -17.20
CA HIS B 800 -2.09 13.47 -18.45
C HIS B 800 -1.02 12.84 -19.33
N ILE B 801 0.20 13.36 -19.23
CA ILE B 801 1.33 12.80 -19.95
C ILE B 801 1.60 11.38 -19.48
N ALA B 802 1.49 11.16 -18.18
CA ALA B 802 1.74 9.84 -17.61
C ALA B 802 0.64 8.87 -17.96
N GLU B 803 -0.60 9.34 -17.95
CA GLU B 803 -1.75 8.52 -18.29
C GLU B 803 -1.68 8.07 -19.75
N ALA B 804 -1.00 8.86 -20.57
CA ALA B 804 -0.86 8.54 -21.99
C ALA B 804 0.16 7.42 -22.22
N GLY B 805 0.90 7.08 -21.17
CA GLY B 805 1.82 5.96 -21.23
C GLY B 805 3.26 6.29 -20.90
N ALA B 806 3.54 7.57 -20.71
CA ALA B 806 4.90 8.03 -20.43
C ALA B 806 5.44 7.46 -19.12
N ASN B 807 6.65 6.90 -19.18
CA ASN B 807 7.29 6.38 -17.97
C ASN B 807 7.70 7.53 -17.05
N PRO B 808 7.95 7.25 -15.76
CA PRO B 808 8.24 8.30 -14.78
C PRO B 808 9.31 9.31 -15.21
N ILE B 809 10.38 8.82 -15.83
CA ILE B 809 11.48 9.70 -16.22
C ILE B 809 11.03 10.69 -17.29
N SER B 810 10.30 10.19 -18.29
CA SER B 810 9.77 11.04 -19.35
C SER B 810 8.78 12.06 -18.80
N GLN B 811 7.87 11.59 -17.94
CA GLN B 811 6.87 12.46 -17.33
C GLN B 811 7.52 13.59 -16.55
N LEU B 812 8.47 13.24 -15.68
CA LEU B 812 9.16 14.21 -14.86
C LEU B 812 9.94 15.21 -15.71
N ALA B 813 10.68 14.67 -16.68
CA ALA B 813 11.54 15.50 -17.53
C ALA B 813 10.73 16.46 -18.38
N PHE B 814 9.67 15.96 -19.03
CA PHE B 814 8.83 16.80 -19.87
C PHE B 814 8.16 17.90 -19.05
N THR B 815 7.66 17.53 -17.88
CA THR B 815 6.93 18.47 -17.04
C THR B 815 7.82 19.59 -16.53
N LEU B 816 9.01 19.24 -16.05
CA LEU B 816 9.99 20.23 -15.62
C LEU B 816 10.41 21.10 -16.80
N ALA B 817 10.61 20.46 -17.95
CA ALA B 817 10.97 21.17 -19.17
C ALA B 817 9.90 22.19 -19.53
N ASN B 818 8.65 21.76 -19.45
CA ASN B 818 7.53 22.65 -19.69
C ASN B 818 7.51 23.80 -18.69
N GLY B 819 7.76 23.46 -17.42
CA GLY B 819 7.81 24.46 -16.37
C GLY B 819 8.88 25.49 -16.65
N PHE B 820 10.05 25.02 -17.08
CA PHE B 820 11.15 25.90 -17.41
C PHE B 820 10.85 26.76 -18.63
N THR B 821 10.01 26.23 -19.52
CA THR B 821 9.59 26.99 -20.69
C THR B 821 8.75 28.18 -20.27
N TYR B 822 7.80 27.94 -19.37
CA TYR B 822 6.97 29.01 -18.83
C TYR B 822 7.84 30.08 -18.18
N VAL B 823 8.90 29.63 -17.51
CA VAL B 823 9.84 30.54 -16.87
C VAL B 823 10.54 31.39 -17.93
N GLU B 824 11.09 30.72 -18.93
CA GLU B 824 11.80 31.41 -20.01
C GLU B 824 10.89 32.39 -20.75
N ALA B 825 9.63 31.99 -20.93
CA ALA B 825 8.65 32.81 -21.64
C ALA B 825 8.39 34.11 -20.89
N TYR B 826 8.17 34.00 -19.59
CA TYR B 826 7.88 35.16 -18.75
C TYR B 826 9.09 36.08 -18.65
N LEU B 827 10.28 35.51 -18.73
CA LEU B 827 11.51 36.27 -18.68
C LEU B 827 11.71 37.09 -19.94
N ALA B 828 11.45 36.46 -21.09
CA ALA B 828 11.59 37.11 -22.38
C ALA B 828 10.65 38.30 -22.51
N ARG B 829 9.51 38.21 -21.83
CA ARG B 829 8.55 39.31 -21.79
C ARG B 829 9.07 40.44 -20.92
N GLY B 830 10.20 40.19 -20.25
CA GLY B 830 10.86 41.21 -19.45
C GLY B 830 10.32 41.28 -18.04
N MET B 831 10.09 40.12 -17.44
CA MET B 831 9.57 40.06 -16.07
C MET B 831 10.61 39.48 -15.12
N HIS B 832 10.54 39.88 -13.85
CA HIS B 832 11.49 39.40 -12.86
C HIS B 832 11.13 38.02 -12.35
N ILE B 833 12.16 37.22 -12.06
CA ILE B 833 11.96 35.83 -11.71
C ILE B 833 11.25 35.64 -10.37
N ASP B 834 11.49 36.54 -9.43
CA ASP B 834 10.91 36.41 -8.10
C ASP B 834 9.43 36.81 -8.06
N ASP B 835 8.87 37.13 -9.23
CA ASP B 835 7.49 37.56 -9.30
C ASP B 835 6.55 36.44 -9.74
N PHE B 836 7.03 35.56 -10.61
CA PHE B 836 6.17 34.50 -11.14
C PHE B 836 6.58 33.10 -10.69
N ALA B 837 7.83 32.94 -10.27
CA ALA B 837 8.31 31.64 -9.79
C ALA B 837 7.60 31.12 -8.53
N PRO B 838 7.34 31.99 -7.54
CA PRO B 838 6.63 31.45 -6.37
C PRO B 838 5.16 31.08 -6.63
N ASN B 839 4.66 31.39 -7.81
CA ASN B 839 3.26 31.09 -8.12
C ASN B 839 3.14 29.95 -9.12
N LEU B 840 4.14 29.07 -9.12
CA LEU B 840 4.15 27.94 -10.05
C LEU B 840 3.90 26.63 -9.32
N SER B 841 2.68 26.11 -9.49
CA SER B 841 2.32 24.81 -8.95
C SER B 841 2.71 23.70 -9.92
N PHE B 842 2.98 22.51 -9.39
CA PHE B 842 3.26 21.36 -10.24
C PHE B 842 2.28 20.23 -9.97
N PHE B 843 2.32 19.20 -10.81
CA PHE B 843 1.34 18.14 -10.74
C PHE B 843 1.87 16.86 -11.39
N PHE B 844 2.11 15.84 -10.58
CA PHE B 844 2.70 14.60 -11.07
C PHE B 844 1.81 13.39 -10.80
N SER B 845 2.07 12.30 -11.54
CA SER B 845 1.38 11.04 -11.32
C SER B 845 2.32 10.05 -10.64
N ASN B 846 1.81 9.35 -9.63
CA ASN B 846 2.60 8.33 -8.94
C ASN B 846 2.19 6.92 -9.35
N GLY B 847 3.11 6.18 -9.93
CA GLY B 847 2.82 4.81 -10.35
C GLY B 847 3.53 3.78 -9.47
N MET B 848 3.80 2.62 -10.05
CA MET B 848 4.44 1.54 -9.32
C MET B 848 5.95 1.48 -9.58
N ASP B 849 6.38 2.11 -10.67
CA ASP B 849 7.78 2.10 -11.06
C ASP B 849 8.67 2.68 -9.96
N PRO B 850 9.88 2.11 -9.81
CA PRO B 850 10.84 2.54 -8.77
C PRO B 850 11.11 4.03 -8.78
N GLU B 851 11.20 4.62 -9.96
CA GLU B 851 11.56 6.02 -10.11
C GLU B 851 10.53 6.95 -9.44
N TYR B 852 9.32 6.47 -9.23
CA TYR B 852 8.27 7.30 -8.66
C TYR B 852 8.56 7.64 -7.20
N SER B 853 9.31 6.76 -6.53
CA SER B 853 9.60 6.95 -5.11
C SER B 853 10.48 8.17 -4.89
N VAL B 854 11.29 8.50 -5.90
CA VAL B 854 12.24 9.60 -5.78
C VAL B 854 11.92 10.72 -6.77
N LEU B 855 10.69 10.75 -7.27
CA LEU B 855 10.30 11.73 -8.27
C LEU B 855 10.24 13.14 -7.68
N GLY B 856 9.51 13.27 -6.58
CA GLY B 856 9.31 14.56 -5.94
C GLY B 856 10.60 15.22 -5.48
N ARG B 857 11.48 14.42 -4.87
CA ARG B 857 12.73 14.94 -4.36
C ARG B 857 13.65 15.40 -5.48
N VAL B 858 13.65 14.66 -6.59
CA VAL B 858 14.45 15.05 -7.75
C VAL B 858 13.93 16.35 -8.35
N ALA B 859 12.60 16.46 -8.45
CA ALA B 859 11.97 17.66 -8.97
C ALA B 859 12.33 18.88 -8.13
N ARG B 860 12.43 18.68 -6.81
CA ARG B 860 12.74 19.77 -5.91
C ARG B 860 14.18 20.25 -6.04
N ARG B 861 15.11 19.31 -6.21
CA ARG B 861 16.52 19.68 -6.26
C ARG B 861 16.88 20.30 -7.60
N ILE B 862 16.38 19.73 -8.68
CA ILE B 862 16.62 20.26 -10.02
C ILE B 862 16.11 21.69 -10.10
N TRP B 863 14.95 21.93 -9.48
CA TRP B 863 14.36 23.26 -9.46
C TRP B 863 15.18 24.19 -8.58
N ALA B 864 15.42 23.77 -7.34
CA ALA B 864 16.09 24.62 -6.35
C ALA B 864 17.48 25.07 -6.83
N VAL B 865 18.24 24.14 -7.40
CA VAL B 865 19.58 24.44 -7.87
C VAL B 865 19.58 25.42 -9.03
N THR B 866 18.79 25.12 -10.05
CA THR B 866 18.73 25.99 -11.24
C THR B 866 18.16 27.38 -10.91
N MET B 867 17.15 27.42 -10.06
CA MET B 867 16.52 28.69 -9.71
C MET B 867 17.49 29.61 -8.96
N ARG B 868 18.45 29.01 -8.26
CA ARG B 868 19.41 29.79 -7.48
C ARG B 868 20.65 30.12 -8.30
N ASP B 869 21.09 29.17 -9.12
CA ASP B 869 22.33 29.32 -9.87
C ASP B 869 22.10 29.94 -11.25
N LYS B 870 21.15 29.40 -11.99
CA LYS B 870 20.89 29.87 -13.36
C LYS B 870 20.10 31.18 -13.37
N TYR B 871 19.04 31.25 -12.58
CA TYR B 871 18.16 32.41 -12.60
C TYR B 871 18.35 33.33 -11.41
N GLY B 872 19.11 32.87 -10.42
CA GLY B 872 19.44 33.67 -9.26
C GLY B 872 18.23 34.23 -8.52
N ALA B 873 17.29 33.35 -8.20
CA ALA B 873 16.05 33.76 -7.54
C ALA B 873 16.14 33.55 -6.03
N ASN B 874 15.18 34.10 -5.31
CA ASN B 874 15.18 34.03 -3.84
C ASN B 874 14.72 32.66 -3.34
N ASP B 875 14.71 32.50 -2.02
CA ASP B 875 14.36 31.23 -1.38
C ASP B 875 12.93 30.81 -1.73
N ARG B 876 12.03 31.77 -1.81
CA ARG B 876 10.62 31.49 -2.06
C ARG B 876 10.40 30.98 -3.47
N SER B 877 11.38 31.19 -4.34
CA SER B 877 11.27 30.77 -5.73
C SER B 877 11.96 29.44 -6.00
N GLN B 878 12.93 29.09 -5.14
CA GLN B 878 13.68 27.85 -5.29
C GLN B 878 12.88 26.64 -4.79
N LYS B 879 11.76 26.92 -4.11
CA LYS B 879 10.95 25.87 -3.52
C LYS B 879 9.87 25.39 -4.49
N LEU B 880 10.10 24.22 -5.09
CA LEU B 880 9.12 23.63 -5.99
C LEU B 880 8.02 22.94 -5.19
N LYS B 881 6.79 23.39 -5.37
CA LYS B 881 5.65 22.77 -4.70
C LYS B 881 4.80 22.00 -5.70
N TYR B 882 4.47 20.75 -5.36
CA TYR B 882 3.76 19.89 -6.30
C TYR B 882 2.62 19.12 -5.67
N HIS B 883 1.68 18.69 -6.51
CA HIS B 883 0.58 17.83 -6.12
C HIS B 883 0.77 16.47 -6.78
N ILE B 884 0.68 15.40 -5.99
CA ILE B 884 0.78 14.05 -6.52
C ILE B 884 -0.58 13.36 -6.53
N GLN B 885 -0.99 12.85 -7.68
CA GLN B 885 -2.20 12.05 -7.77
C GLN B 885 -1.85 10.63 -8.22
N THR B 886 -2.35 9.65 -7.48
CA THR B 886 -2.04 8.24 -7.77
C THR B 886 -2.44 7.87 -9.19
N SER B 887 -1.75 6.89 -9.75
CA SER B 887 -1.90 6.55 -11.16
C SER B 887 -3.20 5.83 -11.44
N GLY B 888 -3.95 6.32 -12.44
CA GLY B 888 -5.15 5.66 -12.90
C GLY B 888 -4.81 4.64 -13.98
N ARG B 889 -3.62 4.75 -14.53
CA ARG B 889 -3.11 3.82 -15.52
C ARG B 889 -2.86 2.45 -14.89
N SER B 890 -2.57 2.47 -13.58
CA SER B 890 -2.28 1.25 -12.84
C SER B 890 -3.54 0.67 -12.21
N LEU B 891 -4.66 1.37 -12.36
CA LEU B 891 -5.94 0.88 -11.85
C LEU B 891 -6.70 0.16 -12.95
N HIS B 892 -7.08 -1.08 -12.70
CA HIS B 892 -7.69 -1.92 -13.71
C HIS B 892 -9.13 -2.27 -13.39
N ALA B 893 -9.90 -2.64 -14.41
CA ALA B 893 -11.28 -3.06 -14.23
C ALA B 893 -11.32 -4.53 -13.81
N GLN B 894 -10.29 -5.28 -14.19
CA GLN B 894 -10.16 -6.67 -13.78
C GLN B 894 -9.65 -6.71 -12.33
N GLU B 895 -10.47 -7.27 -11.43
CA GLU B 895 -10.18 -7.30 -10.01
C GLU B 895 -9.96 -5.89 -9.45
N ILE B 896 -11.05 -5.17 -9.21
CA ILE B 896 -10.97 -3.78 -8.77
C ILE B 896 -10.64 -3.67 -7.28
N ASP B 897 -10.81 -4.76 -6.54
CA ASP B 897 -10.49 -4.75 -5.12
C ASP B 897 -8.99 -4.69 -4.89
N PHE B 898 -8.22 -5.04 -5.92
CA PHE B 898 -6.76 -5.02 -5.84
C PHE B 898 -6.23 -3.60 -5.94
N ASN B 899 -7.03 -2.71 -6.54
CA ASN B 899 -6.60 -1.34 -6.80
C ASN B 899 -6.27 -0.54 -5.55
N ASP B 900 -6.92 -0.86 -4.45
CA ASP B 900 -6.65 -0.17 -3.19
C ASP B 900 -5.25 -0.49 -2.68
N ILE B 901 -4.79 -1.71 -2.97
CA ILE B 901 -3.43 -2.11 -2.62
C ILE B 901 -2.42 -1.24 -3.35
N ARG B 902 -2.61 -1.08 -4.66
CA ARG B 902 -1.73 -0.26 -5.48
C ARG B 902 -1.81 1.21 -5.09
N THR B 903 -3.02 1.68 -4.80
CA THR B 903 -3.22 3.08 -4.46
C THR B 903 -2.61 3.41 -3.10
N THR B 904 -2.51 2.39 -2.24
CA THR B 904 -1.90 2.58 -0.93
C THR B 904 -0.40 2.78 -1.07
N LEU B 905 0.24 1.86 -1.78
CA LEU B 905 1.69 1.91 -1.98
C LEU B 905 2.12 3.21 -2.65
N GLN B 906 1.31 3.70 -3.57
CA GLN B 906 1.61 4.95 -4.26
C GLN B 906 1.41 6.14 -3.35
N ALA B 907 0.37 6.09 -2.53
CA ALA B 907 0.11 7.16 -1.57
C ALA B 907 1.23 7.23 -0.54
N LEU B 908 1.76 6.07 -0.17
CA LEU B 908 2.79 6.00 0.87
C LEU B 908 4.07 6.71 0.47
N ILE B 909 4.61 6.38 -0.69
CA ILE B 909 5.85 6.98 -1.15
C ILE B 909 5.66 8.47 -1.42
N ALA B 910 4.44 8.87 -1.76
CA ALA B 910 4.12 10.27 -1.97
C ALA B 910 4.22 11.02 -0.65
N ILE B 911 3.66 10.43 0.40
CA ILE B 911 3.70 11.02 1.73
C ILE B 911 5.09 10.92 2.34
N TYR B 912 5.75 9.78 2.13
CA TYR B 912 7.14 9.60 2.56
C TYR B 912 8.01 10.72 2.03
N ASP B 913 7.90 10.97 0.73
CA ASP B 913 8.76 11.94 0.05
C ASP B 913 8.23 13.37 0.20
N ASN B 914 7.48 13.61 1.27
CA ASN B 914 7.04 14.94 1.68
C ASN B 914 6.37 15.75 0.56
N CYS B 915 5.33 15.18 -0.03
CA CYS B 915 4.57 15.87 -1.07
C CYS B 915 3.76 17.01 -0.47
N ASN B 916 3.37 17.97 -1.31
CA ASN B 916 2.64 19.14 -0.85
C ASN B 916 1.12 18.94 -0.91
N SER B 917 0.68 18.01 -1.74
CA SER B 917 -0.73 17.73 -1.89
C SER B 917 -0.93 16.36 -2.52
N LEU B 918 -1.88 15.59 -1.99
CA LEU B 918 -2.10 14.23 -2.45
C LEU B 918 -3.55 13.95 -2.79
N HIS B 919 -3.79 13.40 -3.97
CA HIS B 919 -5.12 12.89 -4.31
C HIS B 919 -5.10 11.38 -4.46
N THR B 920 -6.04 10.72 -3.80
CA THR B 920 -6.11 9.27 -3.86
C THR B 920 -7.31 8.81 -4.68
N ASN B 921 -7.08 7.89 -5.60
CA ASN B 921 -8.14 7.40 -6.47
C ASN B 921 -8.96 6.29 -5.84
N ALA B 922 -10.24 6.24 -6.20
CA ALA B 922 -11.14 5.19 -5.75
C ALA B 922 -10.78 3.89 -6.45
N TYR B 923 -11.27 2.77 -5.92
CA TYR B 923 -10.94 1.46 -6.48
C TYR B 923 -11.80 1.14 -7.70
N ASP B 924 -12.89 1.87 -7.89
CA ASP B 924 -13.79 1.62 -9.01
C ASP B 924 -13.81 2.79 -10.01
N GLU B 925 -12.74 3.56 -10.07
CA GLU B 925 -12.61 4.63 -11.04
C GLU B 925 -12.36 4.04 -12.43
N ALA B 926 -12.00 2.76 -12.47
CA ALA B 926 -11.72 2.07 -13.73
C ALA B 926 -12.98 1.47 -14.33
N ILE B 927 -14.11 1.63 -13.63
CA ILE B 927 -15.37 1.09 -14.10
C ILE B 927 -16.50 2.11 -14.08
N THR B 928 -16.88 2.58 -12.89
CA THR B 928 -18.03 3.46 -12.74
C THR B 928 -17.68 4.81 -12.09
N THR B 929 -18.71 5.59 -11.79
CA THR B 929 -18.55 6.87 -11.13
C THR B 929 -18.29 6.67 -9.64
N PRO B 930 -17.24 7.35 -9.11
CA PRO B 930 -16.84 7.23 -7.70
C PRO B 930 -18.01 7.40 -6.74
N THR B 931 -18.40 6.31 -6.10
CA THR B 931 -19.50 6.33 -5.14
C THR B 931 -19.06 7.02 -3.85
N ALA B 932 -20.03 7.37 -3.01
CA ALA B 932 -19.74 8.03 -1.74
C ALA B 932 -18.98 7.08 -0.80
N GLU B 933 -19.19 5.78 -1.01
CA GLU B 933 -18.49 4.75 -0.23
C GLU B 933 -17.09 4.53 -0.78
N SER B 934 -16.98 4.55 -2.10
CA SER B 934 -15.70 4.32 -2.77
C SER B 934 -14.73 5.46 -2.54
N VAL B 935 -15.27 6.67 -2.35
CA VAL B 935 -14.44 7.84 -2.12
C VAL B 935 -13.96 7.89 -0.66
N ARG B 936 -14.61 7.11 0.20
CA ARG B 936 -14.18 7.01 1.59
C ARG B 936 -12.99 6.07 1.72
N ARG B 937 -13.04 4.96 0.97
CA ARG B 937 -11.92 4.02 0.96
C ARG B 937 -10.68 4.71 0.40
N ALA B 938 -10.88 5.58 -0.58
CA ALA B 938 -9.79 6.37 -1.14
C ALA B 938 -9.25 7.35 -0.10
N LEU B 939 -10.16 8.01 0.61
CA LEU B 939 -9.77 9.00 1.61
C LEU B 939 -9.17 8.34 2.85
N ALA B 940 -9.53 7.09 3.10
CA ALA B 940 -9.05 6.37 4.27
C ALA B 940 -7.58 5.99 4.13
N ILE B 941 -7.14 5.76 2.90
CA ILE B 941 -5.75 5.44 2.63
C ILE B 941 -4.84 6.54 3.17
N GLN B 942 -5.23 7.80 2.92
CA GLN B 942 -4.45 8.93 3.40
C GLN B 942 -4.57 9.07 4.91
N LEU B 943 -5.76 8.86 5.44
CA LEU B 943 -5.99 8.99 6.87
C LEU B 943 -5.25 7.93 7.67
N ILE B 944 -5.22 6.71 7.14
CA ILE B 944 -4.54 5.62 7.82
C ILE B 944 -3.02 5.85 7.87
N ILE B 945 -2.44 6.24 6.73
CA ILE B 945 -1.01 6.48 6.67
C ILE B 945 -0.60 7.65 7.56
N ASN B 946 -1.36 8.73 7.50
CA ASN B 946 -1.02 9.94 8.25
C ASN B 946 -1.23 9.81 9.75
N ARG B 947 -2.17 8.96 10.16
CA ARG B 947 -2.55 8.85 11.56
C ARG B 947 -2.07 7.55 12.21
N GLU B 948 -2.34 6.42 11.57
CA GLU B 948 -2.03 5.12 12.15
C GLU B 948 -0.62 4.63 11.87
N TRP B 949 -0.13 4.90 10.66
CA TRP B 949 1.14 4.33 10.21
C TRP B 949 2.33 4.92 10.97
N GLY B 950 3.12 4.03 11.55
CA GLY B 950 4.20 4.40 12.46
C GLY B 950 5.38 5.08 11.82
N VAL B 951 5.86 4.53 10.71
CA VAL B 951 7.03 5.09 10.02
C VAL B 951 6.75 6.51 9.54
N ALA B 952 5.50 6.80 9.25
CA ALA B 952 5.09 8.11 8.76
C ALA B 952 5.20 9.18 9.86
N LYS B 953 5.34 8.75 11.11
CA LYS B 953 5.55 9.68 12.22
C LYS B 953 6.85 10.45 12.03
N CYS B 954 7.79 9.82 11.33
CA CYS B 954 9.03 10.46 10.92
C CYS B 954 8.83 11.15 9.57
N GLU B 955 9.30 12.38 9.47
CA GLU B 955 9.00 13.21 8.31
C GLU B 955 10.05 13.13 7.21
N ASN B 956 11.21 12.55 7.52
CA ASN B 956 12.23 12.31 6.49
C ASN B 956 12.74 10.87 6.48
N PRO B 957 11.82 9.89 6.33
CA PRO B 957 12.25 8.49 6.41
C PRO B 957 13.05 8.05 5.19
N ASN B 958 12.89 8.77 4.07
CA ASN B 958 13.62 8.44 2.86
C ASN B 958 15.12 8.72 2.98
N GLN B 959 15.45 9.79 3.69
CA GLN B 959 16.83 10.27 3.77
C GLN B 959 17.77 9.26 4.41
N GLY B 960 18.94 9.10 3.81
CA GLY B 960 19.93 8.16 4.31
C GLY B 960 19.99 6.89 3.49
N SER B 961 18.83 6.42 3.04
CA SER B 961 18.75 5.18 2.29
C SER B 961 19.68 5.15 1.08
N PHE B 962 20.46 4.08 0.98
CA PHE B 962 21.40 3.92 -0.12
C PHE B 962 20.64 3.81 -1.43
N LEU B 963 19.48 3.19 -1.39
CA LEU B 963 18.63 3.05 -2.57
C LEU B 963 18.06 4.40 -2.99
N ILE B 964 17.62 5.20 -2.02
CA ILE B 964 17.01 6.48 -2.31
C ILE B 964 18.01 7.45 -2.94
N GLU B 965 19.18 7.55 -2.33
CA GLU B 965 20.20 8.49 -2.81
C GLU B 965 20.71 8.10 -4.20
N GLU B 966 20.86 6.80 -4.44
CA GLU B 966 21.30 6.33 -5.74
C GLU B 966 20.24 6.57 -6.80
N LEU B 967 18.99 6.24 -6.47
CA LEU B 967 17.87 6.45 -7.38
C LEU B 967 17.65 7.93 -7.66
N THR B 968 17.84 8.75 -6.63
CA THR B 968 17.73 10.18 -6.77
C THR B 968 18.76 10.69 -7.77
N ASP B 969 19.99 10.18 -7.67
CA ASP B 969 21.06 10.56 -8.58
C ASP B 969 20.77 10.08 -10.00
N LEU B 970 20.34 8.83 -10.13
CA LEU B 970 20.07 8.24 -11.44
C LEU B 970 18.94 8.98 -12.17
N VAL B 971 17.80 9.13 -11.50
CA VAL B 971 16.65 9.78 -12.08
C VAL B 971 16.98 11.22 -12.48
N GLU B 972 17.68 11.92 -11.61
CA GLU B 972 18.08 13.30 -11.87
C GLU B 972 18.90 13.40 -13.15
N GLU B 973 19.87 12.51 -13.29
CA GLU B 973 20.73 12.51 -14.47
C GLU B 973 19.95 12.18 -15.73
N ALA B 974 19.06 11.20 -15.64
CA ALA B 974 18.24 10.81 -16.79
C ALA B 974 17.37 11.97 -17.26
N VAL B 975 16.87 12.76 -16.32
CA VAL B 975 16.08 13.93 -16.64
C VAL B 975 16.93 14.96 -17.36
N LEU B 976 18.14 15.18 -16.85
CA LEU B 976 19.08 16.12 -17.44
C LEU B 976 19.41 15.77 -18.89
N GLN B 977 19.63 14.49 -19.14
CA GLN B 977 19.91 14.03 -20.49
C GLN B 977 18.71 14.27 -21.39
N GLU B 978 17.51 14.09 -20.85
CA GLU B 978 16.30 14.36 -21.60
C GLU B 978 16.18 15.85 -21.88
N PHE B 979 16.58 16.67 -20.91
CA PHE B 979 16.63 18.12 -21.10
C PHE B 979 17.47 18.46 -22.31
N GLU B 980 18.58 17.76 -22.44
CA GLU B 980 19.52 18.01 -23.52
C GLU B 980 18.94 17.63 -24.89
N ARG B 981 18.25 16.49 -24.94
CA ARG B 981 17.65 16.04 -26.19
C ARG B 981 16.59 17.02 -26.68
N ILE B 982 15.84 17.61 -25.75
CA ILE B 982 14.81 18.57 -26.10
C ILE B 982 15.46 19.89 -26.51
N ALA B 983 16.55 20.24 -25.85
CA ALA B 983 17.26 21.48 -26.15
C ALA B 983 17.82 21.47 -27.56
N GLU B 984 18.33 20.32 -28.00
CA GLU B 984 18.89 20.20 -29.34
C GLU B 984 17.80 19.92 -30.37
N ARG B 985 16.57 20.26 -30.03
CA ARG B 985 15.46 20.19 -30.97
C ARG B 985 14.75 21.54 -31.03
N GLY B 986 15.35 22.54 -30.39
CA GLY B 986 14.83 23.90 -30.41
C GLY B 986 14.07 24.26 -29.16
N GLY B 987 14.38 23.57 -28.06
CA GLY B 987 13.65 23.75 -26.82
C GLY B 987 12.34 22.97 -26.85
N VAL B 988 11.48 23.19 -25.87
CA VAL B 988 10.22 22.47 -25.79
C VAL B 988 9.35 22.76 -27.00
N LEU B 989 9.21 24.05 -27.33
CA LEU B 989 8.38 24.46 -28.45
C LEU B 989 8.89 23.87 -29.76
N GLY B 990 10.20 23.91 -29.95
CA GLY B 990 10.82 23.38 -31.15
C GLY B 990 10.61 21.89 -31.28
N ALA B 991 10.63 21.19 -30.14
CA ALA B 991 10.41 19.75 -30.12
C ALA B 991 8.96 19.41 -30.43
N MET B 992 8.06 20.32 -30.06
CA MET B 992 6.64 20.12 -30.29
C MET B 992 6.29 20.28 -31.76
N GLU B 993 7.15 20.96 -32.50
CA GLU B 993 6.98 21.10 -33.94
C GLU B 993 7.20 19.75 -34.63
N THR B 994 8.11 18.97 -34.07
CA THR B 994 8.43 17.64 -34.61
C THR B 994 7.49 16.58 -34.04
N GLY B 995 6.76 16.96 -32.99
CA GLY B 995 5.93 16.02 -32.27
C GLY B 995 6.80 15.05 -31.50
N TYR B 996 7.94 15.55 -30.99
CA TYR B 996 8.90 14.72 -30.29
C TYR B 996 8.33 14.16 -28.99
N GLN B 997 7.66 15.00 -28.23
CA GLN B 997 7.05 14.56 -26.97
C GLN B 997 5.96 13.53 -27.25
N ARG B 998 4.99 13.91 -28.08
CA ARG B 998 3.88 13.02 -28.41
C ARG B 998 4.39 11.71 -28.98
N GLY B 999 5.48 11.79 -29.73
CA GLY B 999 6.09 10.61 -30.32
C GLY B 999 6.67 9.69 -29.27
N LYS B 1000 7.49 10.25 -28.38
CA LYS B 1000 8.16 9.46 -27.35
C LYS B 1000 7.14 8.82 -26.42
N ILE B 1001 6.11 9.59 -26.08
CA ILE B 1001 5.03 9.10 -25.21
C ILE B 1001 4.34 7.88 -25.83
N GLN B 1002 3.93 8.02 -27.08
CA GLN B 1002 3.27 6.93 -27.80
C GLN B 1002 4.16 5.69 -27.88
N GLU B 1003 5.48 5.92 -27.99
CA GLU B 1003 6.43 4.81 -28.01
C GLU B 1003 6.43 4.06 -26.68
N GLU B 1004 6.65 4.80 -25.60
CA GLU B 1004 6.72 4.22 -24.26
C GLU B 1004 5.40 3.58 -23.85
N SER B 1005 4.31 4.10 -24.40
CA SER B 1005 3.00 3.53 -24.16
C SER B 1005 2.90 2.13 -24.75
N LEU B 1006 3.36 1.98 -25.97
CA LEU B 1006 3.31 0.70 -26.66
C LEU B 1006 4.27 -0.30 -26.04
N TYR B 1007 5.40 0.19 -25.53
CA TYR B 1007 6.36 -0.68 -24.87
C TYR B 1007 5.77 -1.24 -23.59
N TYR B 1008 4.95 -0.45 -22.92
CA TYR B 1008 4.23 -0.90 -21.73
C TYR B 1008 3.21 -1.96 -22.12
N GLU B 1009 2.43 -1.66 -23.16
CA GLU B 1009 1.37 -2.56 -23.61
C GLU B 1009 1.96 -3.88 -24.11
N GLN B 1010 3.09 -3.78 -24.80
CA GLN B 1010 3.76 -4.97 -25.33
C GLN B 1010 4.12 -5.92 -24.20
N LEU B 1011 4.78 -5.39 -23.18
CA LEU B 1011 5.23 -6.21 -22.05
C LEU B 1011 4.06 -6.69 -21.20
N LYS B 1012 3.03 -5.86 -21.08
CA LYS B 1012 1.83 -6.21 -20.32
C LYS B 1012 1.12 -7.40 -20.95
N HIS B 1013 0.95 -7.34 -22.27
CA HIS B 1013 0.31 -8.41 -23.03
C HIS B 1013 1.21 -9.64 -23.12
N ASP B 1014 2.51 -9.40 -23.25
CA ASP B 1014 3.49 -10.47 -23.36
C ASP B 1014 3.55 -11.30 -22.08
N GLY B 1015 3.17 -10.70 -20.96
CA GLY B 1015 3.27 -11.35 -19.67
C GLY B 1015 4.58 -10.98 -18.99
N THR B 1016 5.45 -10.33 -19.74
CA THR B 1016 6.74 -9.88 -19.23
C THR B 1016 6.57 -9.01 -18.00
N LEU B 1017 5.83 -7.92 -18.17
CA LEU B 1017 5.49 -7.03 -17.06
C LEU B 1017 4.24 -7.53 -16.36
N PRO B 1018 4.40 -8.14 -15.18
CA PRO B 1018 3.29 -8.78 -14.48
C PRO B 1018 2.33 -7.79 -13.86
N ILE B 1019 1.04 -7.99 -14.10
CA ILE B 1019 -0.01 -7.20 -13.45
C ILE B 1019 -0.98 -8.15 -12.74
N ILE B 1020 -0.97 -8.13 -11.42
CA ILE B 1020 -1.76 -9.08 -10.63
C ILE B 1020 -3.26 -8.91 -10.87
N GLY B 1021 -3.91 -10.00 -11.27
CA GLY B 1021 -5.32 -9.99 -11.55
C GLY B 1021 -5.61 -9.79 -13.02
N VAL B 1022 -4.62 -9.27 -13.75
CA VAL B 1022 -4.80 -9.00 -15.17
C VAL B 1022 -4.11 -10.05 -16.04
N ASN B 1023 -2.78 -10.03 -16.09
CA ASN B 1023 -2.05 -10.99 -16.92
C ASN B 1023 -1.48 -12.15 -16.10
N THR B 1024 -1.81 -12.17 -14.81
CA THR B 1024 -1.42 -13.28 -13.94
C THR B 1024 -2.33 -13.28 -12.70
N PHE B 1025 -2.42 -14.43 -12.06
CA PHE B 1025 -3.29 -14.61 -10.88
C PHE B 1025 -4.72 -14.19 -11.24
N ARG B 1026 -5.12 -14.51 -12.46
CA ARG B 1026 -6.44 -14.15 -12.95
C ARG B 1026 -7.55 -14.91 -12.21
N ASN B 1027 -8.71 -14.26 -12.07
CA ASN B 1027 -9.84 -14.83 -11.36
C ASN B 1027 -10.38 -16.09 -12.03
N PRO B 1028 -10.37 -17.22 -11.30
CA PRO B 1028 -10.90 -18.49 -11.81
C PRO B 1028 -12.40 -18.45 -12.11
N ASN B 1029 -13.16 -17.88 -11.18
CA ASN B 1029 -14.63 -17.90 -11.25
C ASN B 1029 -15.19 -17.33 -12.55
N GLY B 1030 -14.51 -16.33 -13.11
CA GLY B 1030 -14.96 -15.74 -14.36
C GLY B 1030 -14.05 -14.62 -14.84
N ASP B 1031 -14.12 -14.34 -16.13
CA ASP B 1031 -13.33 -13.26 -16.73
C ASP B 1031 -13.70 -11.87 -16.19
N PRO B 1032 -15.01 -11.55 -16.10
CA PRO B 1032 -15.32 -10.26 -15.49
C PRO B 1032 -15.64 -10.38 -14.00
N LEU B 1039 -24.75 6.61 -17.74
CA LEU B 1039 -25.80 7.42 -17.14
C LEU B 1039 -26.00 8.73 -17.91
N ALA B 1040 -26.87 9.59 -17.40
CA ALA B 1040 -27.16 10.87 -18.04
C ALA B 1040 -26.25 11.98 -17.54
N ARG B 1041 -26.23 12.18 -16.22
CA ARG B 1041 -25.36 13.15 -15.54
C ARG B 1041 -25.71 14.61 -15.87
N SER B 1042 -26.81 14.82 -16.58
CA SER B 1042 -27.30 16.17 -16.87
C SER B 1042 -28.76 16.14 -17.27
N SER B 1043 -29.58 16.86 -16.52
CA SER B 1043 -31.01 16.90 -16.76
C SER B 1043 -31.35 17.61 -18.07
N GLU B 1044 -32.40 17.15 -18.73
CA GLU B 1044 -32.89 17.77 -19.95
C GLU B 1044 -33.27 19.23 -19.68
N ASP B 1045 -33.89 19.47 -18.54
CA ASP B 1045 -34.27 20.81 -18.12
C ASP B 1045 -33.05 21.70 -17.93
N GLU B 1046 -31.96 21.11 -17.44
CA GLU B 1046 -30.72 21.83 -17.23
C GLU B 1046 -30.11 22.26 -18.56
N LYS B 1047 -30.19 21.40 -19.56
CA LYS B 1047 -29.68 21.73 -20.89
C LYS B 1047 -30.48 22.87 -21.50
N GLN B 1048 -31.81 22.78 -21.37
CA GLN B 1048 -32.69 23.83 -21.86
C GLN B 1048 -32.47 25.13 -21.09
N SER B 1049 -32.12 24.99 -19.81
CA SER B 1049 -31.81 26.16 -18.99
C SER B 1049 -30.62 26.92 -19.55
N GLN B 1050 -29.54 26.19 -19.83
CA GLN B 1050 -28.32 26.79 -20.36
C GLN B 1050 -28.57 27.44 -21.71
N LEU B 1051 -29.42 26.83 -22.52
CA LEU B 1051 -29.74 27.37 -23.84
C LEU B 1051 -30.52 28.67 -23.70
N HIS B 1052 -31.45 28.68 -22.76
CA HIS B 1052 -32.30 29.85 -22.53
C HIS B 1052 -31.50 31.00 -21.94
N ARG B 1053 -30.65 30.68 -20.96
CA ARG B 1053 -29.81 31.68 -20.31
C ARG B 1053 -28.82 32.28 -21.30
N LEU B 1054 -28.44 31.49 -22.30
CA LEU B 1054 -27.50 31.95 -23.32
C LEU B 1054 -28.14 32.96 -24.26
N THR B 1055 -29.25 32.56 -24.89
CA THR B 1055 -29.93 33.43 -25.84
C THR B 1055 -30.50 34.67 -25.14
N GLU B 1056 -30.74 34.55 -23.84
CA GLU B 1056 -31.17 35.68 -23.04
C GLU B 1056 -30.01 36.66 -22.86
N PHE B 1057 -28.84 36.10 -22.59
CA PHE B 1057 -27.63 36.89 -22.45
C PHE B 1057 -27.28 37.58 -23.77
N HIS B 1058 -27.43 36.86 -24.87
CA HIS B 1058 -27.09 37.36 -26.19
C HIS B 1058 -27.96 38.53 -26.60
N GLY B 1059 -29.25 38.43 -26.30
CA GLY B 1059 -30.18 39.50 -26.62
C GLY B 1059 -29.94 40.73 -25.77
N ALA B 1060 -29.47 40.51 -24.55
CA ALA B 1060 -29.26 41.60 -23.59
C ALA B 1060 -28.04 42.43 -23.92
N HIS B 1061 -27.18 41.92 -24.80
CA HIS B 1061 -25.96 42.62 -25.19
C HIS B 1061 -25.79 42.66 -26.70
N GLN B 1062 -26.91 42.64 -27.43
CA GLN B 1062 -26.87 42.60 -28.88
C GLN B 1062 -26.16 43.80 -29.49
N ALA B 1063 -26.29 44.96 -28.84
CA ALA B 1063 -25.71 46.19 -29.35
C ALA B 1063 -24.19 46.22 -29.17
N ASP B 1064 -23.73 45.86 -27.98
CA ASP B 1064 -22.32 45.94 -27.65
C ASP B 1064 -21.55 44.69 -28.04
N ALA B 1065 -22.26 43.72 -28.61
CA ALA B 1065 -21.67 42.42 -28.94
C ALA B 1065 -20.57 42.53 -30.00
N GLU B 1066 -20.97 42.92 -31.21
CA GLU B 1066 -20.04 42.97 -32.34
C GLU B 1066 -18.92 43.99 -32.14
N ALA B 1067 -19.25 45.08 -31.48
CA ALA B 1067 -18.29 46.14 -31.20
C ALA B 1067 -17.15 45.62 -30.33
N MET B 1068 -17.51 44.87 -29.28
CA MET B 1068 -16.54 44.32 -28.35
C MET B 1068 -15.70 43.23 -29.01
N LEU B 1069 -16.35 42.39 -29.81
CA LEU B 1069 -15.66 41.29 -30.49
C LEU B 1069 -14.63 41.81 -31.49
N ALA B 1070 -14.98 42.90 -32.18
CA ALA B 1070 -14.05 43.51 -33.13
C ALA B 1070 -12.85 44.10 -32.40
N ARG B 1071 -13.12 44.72 -31.26
CA ARG B 1071 -12.06 45.29 -30.42
C ARG B 1071 -11.09 44.22 -29.97
N LEU B 1072 -11.63 43.04 -29.68
CA LEU B 1072 -10.82 41.91 -29.22
C LEU B 1072 -9.86 41.44 -30.31
N ARG B 1073 -10.36 41.37 -31.55
CA ARG B 1073 -9.55 40.95 -32.68
C ARG B 1073 -8.43 41.95 -32.96
N GLN B 1074 -8.78 43.23 -32.93
CA GLN B 1074 -7.82 44.29 -33.20
C GLN B 1074 -6.69 44.30 -32.16
N ALA B 1075 -7.00 43.84 -30.95
CA ALA B 1075 -6.00 43.78 -29.90
C ALA B 1075 -4.99 42.68 -30.18
N VAL B 1076 -5.37 41.70 -30.99
CA VAL B 1076 -4.47 40.63 -31.37
C VAL B 1076 -3.63 41.07 -32.56
N ILE B 1077 -4.28 41.75 -33.51
CA ILE B 1077 -3.60 42.28 -34.68
C ILE B 1077 -2.56 43.34 -34.28
N ASP B 1078 -2.95 44.23 -33.36
CA ASP B 1078 -2.05 45.28 -32.90
C ASP B 1078 -1.12 44.80 -31.79
N ASN B 1079 -1.12 43.48 -31.57
CA ASN B 1079 -0.24 42.84 -30.59
C ASN B 1079 -0.33 43.47 -29.19
N ARG B 1080 -1.54 43.86 -28.82
CA ARG B 1080 -1.78 44.43 -27.49
C ARG B 1080 -1.98 43.32 -26.47
N ASN B 1081 -2.48 43.68 -25.29
CA ASN B 1081 -2.75 42.69 -24.25
C ASN B 1081 -4.15 42.10 -24.43
N VAL B 1082 -4.20 40.79 -24.68
CA VAL B 1082 -5.47 40.12 -24.97
C VAL B 1082 -6.34 39.99 -23.72
N PHE B 1083 -5.74 39.62 -22.60
CA PHE B 1083 -6.49 39.43 -21.36
C PHE B 1083 -7.14 40.73 -20.90
N ALA B 1084 -6.46 41.84 -21.16
CA ALA B 1084 -6.95 43.15 -20.77
C ALA B 1084 -8.29 43.44 -21.43
N VAL B 1085 -8.45 42.99 -22.67
CA VAL B 1085 -9.70 43.18 -23.40
C VAL B 1085 -10.75 42.19 -22.90
N LEU B 1086 -10.31 40.98 -22.58
CA LEU B 1086 -11.21 39.95 -22.08
C LEU B 1086 -11.90 40.36 -20.78
N MET B 1087 -11.20 41.16 -19.98
CA MET B 1087 -11.76 41.68 -18.73
C MET B 1087 -12.99 42.54 -18.97
N ASP B 1088 -13.09 43.09 -20.17
CA ASP B 1088 -14.26 43.87 -20.57
C ASP B 1088 -15.17 43.04 -21.46
N ALA B 1089 -14.59 42.08 -22.18
CA ALA B 1089 -15.31 41.33 -23.19
C ALA B 1089 -16.35 40.38 -22.61
N VAL B 1090 -16.02 39.76 -21.47
CA VAL B 1090 -16.87 38.73 -20.89
C VAL B 1090 -18.19 39.26 -20.34
N ARG B 1091 -18.32 40.59 -20.29
CA ARG B 1091 -19.51 41.22 -19.73
C ARG B 1091 -20.58 41.45 -20.79
N VAL B 1092 -20.21 41.30 -22.05
CA VAL B 1092 -21.14 41.50 -23.15
C VAL B 1092 -21.04 40.39 -24.20
N CYS B 1093 -20.13 39.45 -23.97
CA CYS B 1093 -19.92 38.35 -24.92
C CYS B 1093 -19.93 37.00 -24.22
N SER B 1094 -20.34 35.96 -24.94
CA SER B 1094 -20.34 34.61 -24.41
C SER B 1094 -19.00 33.94 -24.67
N LEU B 1095 -18.80 32.79 -24.05
CA LEU B 1095 -17.57 32.01 -24.21
C LEU B 1095 -17.35 31.66 -25.68
N GLY B 1096 -18.39 31.11 -26.31
CA GLY B 1096 -18.32 30.72 -27.71
C GLY B 1096 -17.99 31.88 -28.63
N GLN B 1097 -18.63 33.02 -28.39
CA GLN B 1097 -18.41 34.22 -29.19
C GLN B 1097 -16.96 34.67 -29.13
N ILE B 1098 -16.41 34.69 -27.92
CA ILE B 1098 -15.03 35.10 -27.70
C ILE B 1098 -14.06 34.13 -28.35
N THR B 1099 -14.29 32.84 -28.16
CA THR B 1099 -13.44 31.80 -28.72
C THR B 1099 -13.39 31.88 -30.24
N HIS B 1100 -14.56 31.99 -30.86
CA HIS B 1100 -14.63 32.03 -32.32
C HIS B 1100 -14.09 33.34 -32.89
N ALA B 1101 -14.11 34.39 -32.08
CA ALA B 1101 -13.50 35.65 -32.48
C ALA B 1101 -11.99 35.46 -32.59
N LEU B 1102 -11.41 34.81 -31.60
CA LEU B 1102 -9.97 34.55 -31.59
C LEU B 1102 -9.61 33.56 -32.68
N PHE B 1103 -10.59 32.78 -33.11
CA PHE B 1103 -10.41 31.87 -34.24
C PHE B 1103 -10.26 32.64 -35.55
N GLU B 1104 -11.09 33.67 -35.70
CA GLU B 1104 -11.12 34.48 -36.92
C GLU B 1104 -9.83 35.28 -37.10
N VAL B 1105 -9.29 35.78 -36.00
CA VAL B 1105 -8.07 36.58 -36.06
C VAL B 1105 -6.85 35.68 -36.28
N GLY B 1106 -7.04 34.37 -36.08
CA GLY B 1106 -6.03 33.39 -36.44
C GLY B 1106 -5.43 32.56 -35.32
N GLY B 1107 -5.88 32.77 -34.10
CA GLY B 1107 -5.32 32.07 -32.95
C GLY B 1107 -5.76 30.62 -32.83
N GLN B 1108 -6.51 30.12 -33.80
CA GLN B 1108 -7.01 28.75 -33.73
C GLN B 1108 -5.90 27.73 -33.95
N TYR B 1109 -5.94 26.64 -33.19
CA TYR B 1109 -5.02 25.53 -33.35
C TYR B 1109 -5.15 24.89 -34.73
N ARG B 1110 -4.04 24.80 -35.44
CA ARG B 1110 -4.01 24.11 -36.73
C ARG B 1110 -3.59 22.66 -36.55
N ARG B 1111 -4.43 21.75 -37.01
CA ARG B 1111 -4.12 20.32 -36.94
C ARG B 1111 -2.88 20.01 -37.77
N ASN B 1112 -2.26 18.88 -37.48
CA ASN B 1112 -1.11 18.44 -38.25
C ASN B 1112 -0.98 16.93 -38.23
N MET B 1113 -0.12 16.40 -39.10
CA MET B 1113 0.05 14.96 -39.24
C MET B 1113 1.41 14.65 -39.86
O9 BCO C . 21.34 -23.90 3.66
P1 BCO C . 20.10 -23.71 4.51
O5 BCO C . 20.22 -24.57 5.76
O6 BCO C . 19.98 -22.27 4.93
O2 BCO C . 18.82 -24.14 3.73
C1 BCO C . 18.14 -23.27 2.86
C2 BCO C . 18.95 -22.97 1.73
O3 BCO C . 19.82 -24.07 1.44
C4 BCO C . 18.02 -22.80 0.65
N1 BCO C . 17.54 -21.46 0.41
C7 BCO C . 16.26 -21.06 0.48
N2 BCO C . 16.19 -19.74 0.20
C8 BCO C . 17.44 -19.31 -0.05
C6 BCO C . 18.31 -20.39 0.09
N3 BCO C . 19.63 -20.20 -0.12
C15 BCO C . 20.11 -18.99 -0.45
N4 BCO C . 19.29 -17.94 -0.57
C12 BCO C . 17.96 -18.06 -0.39
N5 BCO C . 17.08 -16.88 -0.54
O1 BCO C . 16.91 -23.60 0.95
C3 BCO C . 16.98 -23.96 2.28
C5 BCO C . 15.72 -23.54 2.96
O4 BCO C . 15.82 -22.54 3.95
P2 BCO C . 14.50 -22.08 4.73
O12 BCO C . 14.07 -23.19 5.70
O10 BCO C . 14.81 -20.79 5.51
O7 BCO C . 13.30 -21.77 3.66
P3 BCO C . 11.80 -21.92 4.06
O14 BCO C . 11.30 -23.27 3.65
O13 BCO C . 10.99 -20.85 3.37
O8 BCO C . 11.65 -21.77 5.63
C11 BCO C . 10.99 -20.64 6.18
C9 BCO C . 10.90 -20.55 7.71
C13 BCO C . 10.19 -19.29 8.12
C14 BCO C . 12.35 -20.52 8.30
C10 BCO C . 10.20 -21.76 8.25
O11 BCO C . 10.62 -21.91 9.59
C16 BCO C . 8.68 -21.71 8.19
O15 BCO C . 8.09 -21.80 7.10
N6 BCO C . 7.91 -21.59 9.42
C17 BCO C . 6.46 -21.57 9.37
C18 BCO C . 5.74 -20.30 8.96
C19 BCO C . 4.29 -20.20 9.32
O16 BCO C . 3.53 -19.52 8.64
N7 BCO C . 3.77 -20.91 10.50
C20 BCO C . 2.38 -20.82 10.85
C21 BCO C . 1.99 -19.98 12.08
S1 BCO C . 0.42 -19.09 12.02
C22 BCO C . -0.42 -19.17 13.64
O17 BCO C . 0.00 -19.97 14.52
C23 BCO C . -1.54 -18.17 13.99
C24 BCO C . -2.64 -18.64 14.89
C25 BCO C . -3.61 -17.60 15.42
O1 TLA D . -0.71 -23.88 44.24
O11 TLA D . -2.20 -22.89 45.50
C1 TLA D . -1.09 -22.90 44.91
C2 TLA D . -0.20 -21.70 45.01
O2 TLA D . -0.92 -20.64 45.68
C3 TLA D . 0.23 -21.22 43.63
O3 TLA D . 0.23 -19.79 43.62
C4 TLA D . 1.61 -21.71 43.30
O4 TLA D . 2.49 -20.87 43.01
O41 TLA D . 1.83 -22.94 43.32
O9 BCO E . 4.42 31.17 0.48
P1 BCO E . 3.68 32.10 1.39
O5 BCO E . 4.59 33.26 1.77
O6 BCO E . 2.44 32.64 0.67
O2 BCO E . 3.24 31.36 2.68
C1 BCO E . 2.64 30.09 2.58
C2 BCO E . 3.56 29.08 3.00
O3 BCO E . 4.88 29.64 3.09
C4 BCO E . 3.13 28.64 4.29
N1 BCO E . 3.22 27.22 4.53
C7 BCO E . 2.49 26.27 3.92
N2 BCO E . 2.85 25.07 4.40
C8 BCO E . 3.83 25.25 5.31
C6 BCO E . 4.07 26.62 5.41
N3 BCO E . 5.01 27.06 6.26
C15 BCO E . 5.72 26.20 7.02
N4 BCO E . 5.49 24.88 6.94
C12 BCO E . 4.56 24.37 6.10
N5 BCO E . 4.34 22.91 6.03
O1 BCO E . 1.78 29.00 4.42
C3 BCO E . 1.50 30.00 3.49
C5 BCO E . 0.28 29.63 2.74
O4 BCO E . -0.45 28.50 3.17
P2 BCO E . -1.61 27.90 2.26
O12 BCO E . -2.55 29.04 1.82
O10 BCO E . -0.94 27.16 0.97
O7 BCO E . -2.42 26.87 3.07
O1 TLA F . 1.71 22.90 -46.01
O11 TLA F . 1.19 22.37 -43.94
C1 TLA F . 1.97 22.36 -44.92
C2 TLA F . 3.30 21.67 -44.77
O2 TLA F . 3.11 20.27 -44.53
C3 TLA F . 4.04 22.26 -43.58
O3 TLA F . 3.16 22.31 -42.44
C4 TLA F . 5.20 21.38 -43.29
O4 TLA F . 6.23 21.53 -43.98
O41 TLA F . 5.10 20.51 -42.40
#